data_1AWJ
# 
_entry.id   1AWJ 
# 
_audit_conform.dict_name       mmcif_pdbx.dic 
_audit_conform.dict_version    5.392 
_audit_conform.dict_location   http://mmcif.pdb.org/dictionaries/ascii/mmcif_pdbx.dic 
# 
loop_
_database_2.database_id 
_database_2.database_code 
_database_2.pdbx_database_accession 
_database_2.pdbx_DOI 
PDB   1AWJ         pdb_00001awj 10.2210/pdb1awj/pdb 
WWPDB D_1000171342 ?            ?                   
# 
loop_
_pdbx_audit_revision_history.ordinal 
_pdbx_audit_revision_history.data_content_type 
_pdbx_audit_revision_history.major_revision 
_pdbx_audit_revision_history.minor_revision 
_pdbx_audit_revision_history.revision_date 
1 'Structure model' 1 0 1998-01-14 
2 'Structure model' 1 1 2008-03-24 
3 'Structure model' 1 2 2011-07-13 
4 'Structure model' 1 3 2022-02-16 
5 'Structure model' 1 4 2024-05-22 
# 
_pdbx_audit_revision_details.ordinal             1 
_pdbx_audit_revision_details.revision_ordinal    1 
_pdbx_audit_revision_details.data_content_type   'Structure model' 
_pdbx_audit_revision_details.provider            repository 
_pdbx_audit_revision_details.type                'Initial release' 
_pdbx_audit_revision_details.description         ? 
_pdbx_audit_revision_details.details             ? 
# 
loop_
_pdbx_audit_revision_group.ordinal 
_pdbx_audit_revision_group.revision_ordinal 
_pdbx_audit_revision_group.data_content_type 
_pdbx_audit_revision_group.group 
1 2 'Structure model' 'Version format compliance' 
2 3 'Structure model' 'Version format compliance' 
3 4 'Structure model' 'Data collection'           
4 4 'Structure model' 'Database references'       
5 4 'Structure model' 'Derived calculations'      
6 4 'Structure model' Other                       
7 5 'Structure model' 'Data collection'           
# 
loop_
_pdbx_audit_revision_category.ordinal 
_pdbx_audit_revision_category.revision_ordinal 
_pdbx_audit_revision_category.data_content_type 
_pdbx_audit_revision_category.category 
1 4 'Structure model' database_2            
2 4 'Structure model' pdbx_database_status  
3 4 'Structure model' pdbx_nmr_software     
4 4 'Structure model' pdbx_struct_assembly  
5 4 'Structure model' pdbx_struct_oper_list 
6 5 'Structure model' chem_comp_atom        
7 5 'Structure model' chem_comp_bond        
# 
loop_
_pdbx_audit_revision_item.ordinal 
_pdbx_audit_revision_item.revision_ordinal 
_pdbx_audit_revision_item.data_content_type 
_pdbx_audit_revision_item.item 
1 4 'Structure model' '_database_2.pdbx_DOI'                
2 4 'Structure model' '_database_2.pdbx_database_accession' 
3 4 'Structure model' '_pdbx_database_status.process_site'  
4 4 'Structure model' '_pdbx_nmr_software.name'             
# 
_pdbx_database_status.status_code                     REL 
_pdbx_database_status.entry_id                        1AWJ 
_pdbx_database_status.recvd_initial_deposition_date   1997-10-02 
_pdbx_database_status.deposit_site                    ? 
_pdbx_database_status.process_site                    BNL 
_pdbx_database_status.SG_entry                        . 
_pdbx_database_status.pdb_format_compatible           Y 
_pdbx_database_status.status_code_mr                  ? 
_pdbx_database_status.status_code_sf                  ? 
_pdbx_database_status.status_code_cs                  ? 
_pdbx_database_status.status_code_nmr_data            ? 
_pdbx_database_status.methods_development_category    ? 
# 
loop_
_audit_author.name 
_audit_author.pdbx_ordinal 
'Andreotti, A.H.' 1 
'Bunnell, S.C.'   2 
'Feng, S.'        3 
'Berg, L.J.'      4 
'Schreiber, S.L.' 5 
# 
_citation.id                        primary 
_citation.title                     'Regulatory intramolecular association in a tyrosine kinase of the Tec family.' 
_citation.journal_abbrev            Nature 
_citation.journal_volume            385 
_citation.page_first                93 
_citation.page_last                 97 
_citation.year                      1997 
_citation.journal_id_ASTM           NATUAS 
_citation.country                   UK 
_citation.journal_id_ISSN           0028-0836 
_citation.journal_id_CSD            0006 
_citation.book_publisher            ? 
_citation.pdbx_database_id_PubMed   8985255 
_citation.pdbx_database_id_DOI      10.1038/385093a0 
# 
loop_
_citation_author.citation_id 
_citation_author.name 
_citation_author.ordinal 
_citation_author.identifier_ORCID 
primary 'Andreotti, A.H.' 1 ? 
primary 'Bunnell, S.C.'   2 ? 
primary 'Feng, S.'        3 ? 
primary 'Berg, L.J.'      4 ? 
primary 'Schreiber, S.L.' 5 ? 
# 
_entity.id                         1 
_entity.type                       polymer 
_entity.src_method                 man 
_entity.pdbx_description           ITK 
_entity.formula_weight             9139.959 
_entity.pdbx_number_of_molecules   1 
_entity.pdbx_ec                    2.7.1.112 
_entity.pdbx_mutation              ? 
_entity.pdbx_fragment              'SH3-PROLINE DOMAINS' 
_entity.details                    ? 
# 
_entity_name_com.entity_id   1 
_entity_name_com.name        'IL-2-INDUCIBLE T-CELL KINASE' 
# 
_entity_poly.entity_id                      1 
_entity_poly.type                           'polypeptide(L)' 
_entity_poly.nstd_linkage                   no 
_entity_poly.nstd_monomer                   no 
_entity_poly.pdbx_seq_one_letter_code       KKPLPPTPEDNRRSFQEPEETLVIALYDYQTNDPQELALRCDEEYYLLDSSEIHWWRVQDKNGHEGYAPSSYLVEKS 
_entity_poly.pdbx_seq_one_letter_code_can   KKPLPPTPEDNRRSFQEPEETLVIALYDYQTNDPQELALRCDEEYYLLDSSEIHWWRVQDKNGHEGYAPSSYLVEKS 
_entity_poly.pdbx_strand_id                 A 
_entity_poly.pdbx_target_identifier         ? 
# 
loop_
_entity_poly_seq.entity_id 
_entity_poly_seq.num 
_entity_poly_seq.mon_id 
_entity_poly_seq.hetero 
1 1  LYS n 
1 2  LYS n 
1 3  PRO n 
1 4  LEU n 
1 5  PRO n 
1 6  PRO n 
1 7  THR n 
1 8  PRO n 
1 9  GLU n 
1 10 ASP n 
1 11 ASN n 
1 12 ARG n 
1 13 ARG n 
1 14 SER n 
1 15 PHE n 
1 16 GLN n 
1 17 GLU n 
1 18 PRO n 
1 19 GLU n 
1 20 GLU n 
1 21 THR n 
1 22 LEU n 
1 23 VAL n 
1 24 ILE n 
1 25 ALA n 
1 26 LEU n 
1 27 TYR n 
1 28 ASP n 
1 29 TYR n 
1 30 GLN n 
1 31 THR n 
1 32 ASN n 
1 33 ASP n 
1 34 PRO n 
1 35 GLN n 
1 36 GLU n 
1 37 LEU n 
1 38 ALA n 
1 39 LEU n 
1 40 ARG n 
1 41 CYS n 
1 42 ASP n 
1 43 GLU n 
1 44 GLU n 
1 45 TYR n 
1 46 TYR n 
1 47 LEU n 
1 48 LEU n 
1 49 ASP n 
1 50 SER n 
1 51 SER n 
1 52 GLU n 
1 53 ILE n 
1 54 HIS n 
1 55 TRP n 
1 56 TRP n 
1 57 ARG n 
1 58 VAL n 
1 59 GLN n 
1 60 ASP n 
1 61 LYS n 
1 62 ASN n 
1 63 GLY n 
1 64 HIS n 
1 65 GLU n 
1 66 GLY n 
1 67 TYR n 
1 68 ALA n 
1 69 PRO n 
1 70 SER n 
1 71 SER n 
1 72 TYR n 
1 73 LEU n 
1 74 VAL n 
1 75 GLU n 
1 76 LYS n 
1 77 SER n 
# 
_entity_src_gen.entity_id                          1 
_entity_src_gen.pdbx_src_id                        1 
_entity_src_gen.pdbx_alt_source_flag               sample 
_entity_src_gen.pdbx_seq_type                      ? 
_entity_src_gen.pdbx_beg_seq_num                   ? 
_entity_src_gen.pdbx_end_seq_num                   ? 
_entity_src_gen.gene_src_common_name               'house mouse' 
_entity_src_gen.gene_src_genus                     Mus 
_entity_src_gen.pdbx_gene_src_gene                 ? 
_entity_src_gen.gene_src_species                   ? 
_entity_src_gen.gene_src_strain                    ? 
_entity_src_gen.gene_src_tissue                    ? 
_entity_src_gen.gene_src_tissue_fraction           ? 
_entity_src_gen.gene_src_details                   ? 
_entity_src_gen.pdbx_gene_src_fragment             ? 
_entity_src_gen.pdbx_gene_src_scientific_name      'Mus musculus' 
_entity_src_gen.pdbx_gene_src_ncbi_taxonomy_id     10090 
_entity_src_gen.pdbx_gene_src_variant              ? 
_entity_src_gen.pdbx_gene_src_cell_line            ? 
_entity_src_gen.pdbx_gene_src_atcc                 ? 
_entity_src_gen.pdbx_gene_src_organ                THYMUS 
_entity_src_gen.pdbx_gene_src_organelle            ? 
_entity_src_gen.pdbx_gene_src_cell                 T-CELL 
_entity_src_gen.pdbx_gene_src_cellular_location    ? 
_entity_src_gen.host_org_common_name               ? 
_entity_src_gen.pdbx_host_org_scientific_name      'Escherichia coli BL21' 
_entity_src_gen.pdbx_host_org_ncbi_taxonomy_id     511693 
_entity_src_gen.host_org_genus                     Escherichia 
_entity_src_gen.pdbx_host_org_gene                 ? 
_entity_src_gen.pdbx_host_org_organ                ? 
_entity_src_gen.host_org_species                   'Escherichia coli' 
_entity_src_gen.pdbx_host_org_tissue               ? 
_entity_src_gen.pdbx_host_org_tissue_fraction      ? 
_entity_src_gen.pdbx_host_org_strain               BL21 
_entity_src_gen.pdbx_host_org_variant              ? 
_entity_src_gen.pdbx_host_org_cell_line            ? 
_entity_src_gen.pdbx_host_org_atcc                 ? 
_entity_src_gen.pdbx_host_org_culture_collection   ? 
_entity_src_gen.pdbx_host_org_cell                 ? 
_entity_src_gen.pdbx_host_org_organelle            ? 
_entity_src_gen.pdbx_host_org_cellular_location    ? 
_entity_src_gen.pdbx_host_org_vector_type          ? 
_entity_src_gen.pdbx_host_org_vector               PGEX-2T 
_entity_src_gen.host_org_details                   ? 
_entity_src_gen.expression_system_id               ? 
_entity_src_gen.plasmid_name                       ? 
_entity_src_gen.plasmid_details                    ? 
_entity_src_gen.pdbx_description                   ? 
# 
loop_
_chem_comp.id 
_chem_comp.type 
_chem_comp.mon_nstd_flag 
_chem_comp.name 
_chem_comp.pdbx_synonyms 
_chem_comp.formula 
_chem_comp.formula_weight 
ALA 'L-peptide linking' y ALANINE         ? 'C3 H7 N O2'     89.093  
ARG 'L-peptide linking' y ARGININE        ? 'C6 H15 N4 O2 1' 175.209 
ASN 'L-peptide linking' y ASPARAGINE      ? 'C4 H8 N2 O3'    132.118 
ASP 'L-peptide linking' y 'ASPARTIC ACID' ? 'C4 H7 N O4'     133.103 
CYS 'L-peptide linking' y CYSTEINE        ? 'C3 H7 N O2 S'   121.158 
GLN 'L-peptide linking' y GLUTAMINE       ? 'C5 H10 N2 O3'   146.144 
GLU 'L-peptide linking' y 'GLUTAMIC ACID' ? 'C5 H9 N O4'     147.129 
GLY 'peptide linking'   y GLYCINE         ? 'C2 H5 N O2'     75.067  
HIS 'L-peptide linking' y HISTIDINE       ? 'C6 H10 N3 O2 1' 156.162 
ILE 'L-peptide linking' y ISOLEUCINE      ? 'C6 H13 N O2'    131.173 
LEU 'L-peptide linking' y LEUCINE         ? 'C6 H13 N O2'    131.173 
LYS 'L-peptide linking' y LYSINE          ? 'C6 H15 N2 O2 1' 147.195 
PHE 'L-peptide linking' y PHENYLALANINE   ? 'C9 H11 N O2'    165.189 
PRO 'L-peptide linking' y PROLINE         ? 'C5 H9 N O2'     115.130 
SER 'L-peptide linking' y SERINE          ? 'C3 H7 N O3'     105.093 
THR 'L-peptide linking' y THREONINE       ? 'C4 H9 N O3'     119.119 
TRP 'L-peptide linking' y TRYPTOPHAN      ? 'C11 H12 N2 O2'  204.225 
TYR 'L-peptide linking' y TYROSINE        ? 'C9 H11 N O3'    181.189 
VAL 'L-peptide linking' y VALINE          ? 'C5 H11 N O2'    117.146 
# 
loop_
_pdbx_poly_seq_scheme.asym_id 
_pdbx_poly_seq_scheme.entity_id 
_pdbx_poly_seq_scheme.seq_id 
_pdbx_poly_seq_scheme.mon_id 
_pdbx_poly_seq_scheme.ndb_seq_num 
_pdbx_poly_seq_scheme.pdb_seq_num 
_pdbx_poly_seq_scheme.auth_seq_num 
_pdbx_poly_seq_scheme.pdb_mon_id 
_pdbx_poly_seq_scheme.auth_mon_id 
_pdbx_poly_seq_scheme.pdb_strand_id 
_pdbx_poly_seq_scheme.pdb_ins_code 
_pdbx_poly_seq_scheme.hetero 
A 1 1  LYS 1  3  3  LYS LYS A . n 
A 1 2  LYS 2  4  4  LYS LYS A . n 
A 1 3  PRO 3  5  5  PRO PRO A . n 
A 1 4  LEU 4  6  6  LEU LEU A . n 
A 1 5  PRO 5  7  7  PRO PRO A . n 
A 1 6  PRO 6  8  8  PRO PRO A . n 
A 1 7  THR 7  9  9  THR THR A . n 
A 1 8  PRO 8  10 10 PRO PRO A . n 
A 1 9  GLU 9  11 11 GLU GLU A . n 
A 1 10 ASP 10 12 12 ASP ASP A . n 
A 1 11 ASN 11 13 13 ASN ASN A . n 
A 1 12 ARG 12 14 14 ARG ARG A . n 
A 1 13 ARG 13 15 15 ARG ARG A . n 
A 1 14 SER 14 16 16 SER SER A . n 
A 1 15 PHE 15 17 17 PHE PHE A . n 
A 1 16 GLN 16 18 18 GLN GLN A . n 
A 1 17 GLU 17 19 19 GLU GLU A . n 
A 1 18 PRO 18 20 20 PRO PRO A . n 
A 1 19 GLU 19 21 21 GLU GLU A . n 
A 1 20 GLU 20 22 22 GLU GLU A . n 
A 1 21 THR 21 23 23 THR THR A . n 
A 1 22 LEU 22 24 24 LEU LEU A . n 
A 1 23 VAL 23 25 25 VAL VAL A . n 
A 1 24 ILE 24 26 26 ILE ILE A . n 
A 1 25 ALA 25 27 27 ALA ALA A . n 
A 1 26 LEU 26 28 28 LEU LEU A . n 
A 1 27 TYR 27 29 29 TYR TYR A . n 
A 1 28 ASP 28 30 30 ASP ASP A . n 
A 1 29 TYR 29 31 31 TYR TYR A . n 
A 1 30 GLN 30 32 32 GLN GLN A . n 
A 1 31 THR 31 33 33 THR THR A . n 
A 1 32 ASN 32 34 34 ASN ASN A . n 
A 1 33 ASP 33 35 35 ASP ASP A . n 
A 1 34 PRO 34 36 36 PRO PRO A . n 
A 1 35 GLN 35 37 37 GLN GLN A . n 
A 1 36 GLU 36 38 38 GLU GLU A . n 
A 1 37 LEU 37 39 39 LEU LEU A . n 
A 1 38 ALA 38 40 40 ALA ALA A . n 
A 1 39 LEU 39 41 41 LEU LEU A . n 
A 1 40 ARG 40 42 42 ARG ARG A . n 
A 1 41 CYS 41 43 43 CYS CYS A . n 
A 1 42 ASP 42 44 44 ASP ASP A . n 
A 1 43 GLU 43 45 45 GLU GLU A . n 
A 1 44 GLU 44 46 46 GLU GLU A . n 
A 1 45 TYR 45 47 47 TYR TYR A . n 
A 1 46 TYR 46 48 48 TYR TYR A . n 
A 1 47 LEU 47 49 49 LEU LEU A . n 
A 1 48 LEU 48 50 50 LEU LEU A . n 
A 1 49 ASP 49 51 51 ASP ASP A . n 
A 1 50 SER 50 52 52 SER SER A . n 
A 1 51 SER 51 53 53 SER SER A . n 
A 1 52 GLU 52 54 54 GLU GLU A . n 
A 1 53 ILE 53 55 55 ILE ILE A . n 
A 1 54 HIS 54 56 56 HIS HIS A . n 
A 1 55 TRP 55 57 57 TRP TRP A . n 
A 1 56 TRP 56 58 58 TRP TRP A . n 
A 1 57 ARG 57 59 59 ARG ARG A . n 
A 1 58 VAL 58 60 60 VAL VAL A . n 
A 1 59 GLN 59 61 61 GLN GLN A . n 
A 1 60 ASP 60 62 62 ASP ASP A . n 
A 1 61 LYS 61 63 63 LYS LYS A . n 
A 1 62 ASN 62 64 64 ASN ASN A . n 
A 1 63 GLY 63 65 65 GLY GLY A . n 
A 1 64 HIS 64 66 66 HIS HIS A . n 
A 1 65 GLU 65 67 67 GLU GLU A . n 
A 1 66 GLY 66 68 68 GLY GLY A . n 
A 1 67 TYR 67 69 69 TYR TYR A . n 
A 1 68 ALA 68 70 70 ALA ALA A . n 
A 1 69 PRO 69 71 71 PRO PRO A . n 
A 1 70 SER 70 72 72 SER SER A . n 
A 1 71 SER 71 73 73 SER SER A . n 
A 1 72 TYR 72 74 74 TYR TYR A . n 
A 1 73 LEU 73 75 75 LEU LEU A . n 
A 1 74 VAL 74 76 76 VAL VAL A . n 
A 1 75 GLU 75 77 77 GLU GLU A . n 
A 1 76 LYS 76 78 78 LYS LYS A . n 
A 1 77 SER 77 79 79 SER SER A . n 
# 
loop_
_software.name 
_software.classification 
_software.version 
_software.citation_id 
_software.pdbx_ordinal 
X-PLOR 'model building' 3.1 ? 1 
X-PLOR refinement       3.1 ? 2 
X-PLOR phasing          3.1 ? 3 
# 
_cell.entry_id           1AWJ 
_cell.length_a           1.000 
_cell.length_b           1.000 
_cell.length_c           1.000 
_cell.angle_alpha        90.00 
_cell.angle_beta         90.00 
_cell.angle_gamma        90.00 
_cell.Z_PDB              1 
_cell.pdbx_unique_axis   ? 
# 
_symmetry.entry_id                         1AWJ 
_symmetry.space_group_name_H-M             'P 1' 
_symmetry.pdbx_full_space_group_name_H-M   ? 
_symmetry.cell_setting                     ? 
_symmetry.Int_Tables_number                1 
# 
_exptl.entry_id          1AWJ 
_exptl.method            'SOLUTION NMR' 
_exptl.crystals_number   ? 
# 
_struct.entry_id                  1AWJ 
_struct.title                     'INTRAMOLECULAR ITK-PROLINE COMPLEX, NMR, MINIMIZED AVERAGE STRUCTURE' 
_struct.pdbx_model_details        ? 
_struct.pdbx_CASP_flag            ? 
_struct.pdbx_model_type_details   ? 
# 
_struct_keywords.entry_id        1AWJ 
_struct_keywords.pdbx_keywords   TRANSFERASE 
_struct_keywords.text            'TRANSFERASE, REGULATORY INTRAMOLECULAR COMPLEX, KINASE' 
# 
_struct_asym.id                            A 
_struct_asym.pdbx_blank_PDB_chainid_flag   Y 
_struct_asym.pdbx_modified                 N 
_struct_asym.entity_id                     1 
_struct_asym.details                       ? 
# 
_struct_ref.id                         1 
_struct_ref.db_name                    UNP 
_struct_ref.db_code                    ITK_MOUSE 
_struct_ref.entity_id                  1 
_struct_ref.pdbx_db_accession          Q03526 
_struct_ref.pdbx_align_begin           1 
_struct_ref.pdbx_seq_one_letter_code   
;MNNFILLEEQLIKKSQQKRRTSPSNFKVRFFVLTKASLAYFEDRHGKKRTLKGSIELSRIKCVEIVKSDISIPCHYKYPF
QTLVYLQVVHDNYLLYVFAPDCESRQRWVLTLKEETRNNNSLVSKYHPNFWMDGRWRCCSQLEKPAVGCAPYDPSKNASK
KPLPPTPEDNRRSFQEPEETLVIALYDYQTNDPQELALRCDEEYYLLDSSEIHWWRVQDKNGHEGYAPSSYLVEKSPNNL
ETYEWYNKSISRDKAEKLLLDTGKEGAFMVRDSRTPGTYTVSVFTKAIISENPCIKHYHIKETNDSPKRYYVAEKYVFDS
IPLLIQYHQYNGGGLVTRLRYPVCSWRQKAPVTAGLRYGKWVIQPSELTFVQEIGSGQFGLVHLGYWLNKDKVAIKTIQE
GAMSEEDFIEEAEVMMKLSHPKLVQLYGVCLEQAPICLVFEFMEHGCLSDYLRSQRGLFAAETLLGMCLDVCEGMAYLEK
ACVIHRDLAARNCLVGENQVIKVSDFGMTRFVLDDQYTSSTGTKFPVKWASPEVFSFSRYSSKSDVWSFGVLMWEVFSEG
KIPYENRSNSEVVEDISTGFRLYKPRLASCHVYQIMNHCWKEKPEDRPPFSQLLSQLAEIAEAGL
;
_struct_ref.pdbx_db_isoform            ? 
# 
_struct_ref_seq.align_id                      1 
_struct_ref_seq.ref_id                        1 
_struct_ref_seq.pdbx_PDB_id_code              1AWJ 
_struct_ref_seq.pdbx_strand_id                A 
_struct_ref_seq.seq_align_beg                 1 
_struct_ref_seq.pdbx_seq_align_beg_ins_code   ? 
_struct_ref_seq.seq_align_end                 77 
_struct_ref_seq.pdbx_seq_align_end_ins_code   ? 
_struct_ref_seq.pdbx_db_accession             Q03526 
_struct_ref_seq.db_align_beg                  160 
_struct_ref_seq.pdbx_db_align_beg_ins_code    ? 
_struct_ref_seq.db_align_end                  236 
_struct_ref_seq.pdbx_db_align_end_ins_code    ? 
_struct_ref_seq.pdbx_auth_seq_align_beg       3 
_struct_ref_seq.pdbx_auth_seq_align_end       79 
# 
_pdbx_struct_assembly.id                   1 
_pdbx_struct_assembly.details              author_defined_assembly 
_pdbx_struct_assembly.method_details       ? 
_pdbx_struct_assembly.oligomeric_details   monomeric 
_pdbx_struct_assembly.oligomeric_count     1 
# 
_pdbx_struct_assembly_gen.assembly_id       1 
_pdbx_struct_assembly_gen.oper_expression   1 
_pdbx_struct_assembly_gen.asym_id_list      A 
# 
_pdbx_struct_oper_list.id                   1 
_pdbx_struct_oper_list.type                 'identity operation' 
_pdbx_struct_oper_list.name                 1_555 
_pdbx_struct_oper_list.symmetry_operation   x,y,z 
_pdbx_struct_oper_list.matrix[1][1]         1.0000000000 
_pdbx_struct_oper_list.matrix[1][2]         0.0000000000 
_pdbx_struct_oper_list.matrix[1][3]         0.0000000000 
_pdbx_struct_oper_list.vector[1]            0.0000000000 
_pdbx_struct_oper_list.matrix[2][1]         0.0000000000 
_pdbx_struct_oper_list.matrix[2][2]         1.0000000000 
_pdbx_struct_oper_list.matrix[2][3]         0.0000000000 
_pdbx_struct_oper_list.vector[2]            0.0000000000 
_pdbx_struct_oper_list.matrix[3][1]         0.0000000000 
_pdbx_struct_oper_list.matrix[3][2]         0.0000000000 
_pdbx_struct_oper_list.matrix[3][3]         1.0000000000 
_pdbx_struct_oper_list.vector[3]            0.0000000000 
# 
_struct_biol.id   1 
# 
loop_
_struct_conf.conf_type_id 
_struct_conf.id 
_struct_conf.pdbx_PDB_helix_id 
_struct_conf.beg_label_comp_id 
_struct_conf.beg_label_asym_id 
_struct_conf.beg_label_seq_id 
_struct_conf.pdbx_beg_PDB_ins_code 
_struct_conf.end_label_comp_id 
_struct_conf.end_label_asym_id 
_struct_conf.end_label_seq_id 
_struct_conf.pdbx_end_PDB_ins_code 
_struct_conf.beg_auth_comp_id 
_struct_conf.beg_auth_asym_id 
_struct_conf.beg_auth_seq_id 
_struct_conf.end_auth_comp_id 
_struct_conf.end_auth_asym_id 
_struct_conf.end_auth_seq_id 
_struct_conf.pdbx_PDB_helix_class 
_struct_conf.details 
_struct_conf.pdbx_PDB_helix_length 
HELX_P HELX_P1 H1 LYS A 2  ? PRO A 8  ? LYS A 4  PRO A 10 10 ? 7 
HELX_P HELX_P2 H2 SER A 70 ? VAL A 74 ? SER A 72 VAL A 76 5  ? 5 
# 
_struct_conf_type.id          HELX_P 
_struct_conf_type.criteria    ? 
_struct_conf_type.reference   ? 
# 
_struct_sheet.id               S1 
_struct_sheet.type             ? 
_struct_sheet.number_strands   5 
_struct_sheet.details          ? 
# 
loop_
_struct_sheet_order.sheet_id 
_struct_sheet_order.range_id_1 
_struct_sheet_order.range_id_2 
_struct_sheet_order.offset 
_struct_sheet_order.sense 
S1 1 2 ? anti-parallel 
S1 2 3 ? parallel      
S1 3 4 ? anti-parallel 
S1 4 5 ? anti-parallel 
# 
loop_
_struct_sheet_range.sheet_id 
_struct_sheet_range.id 
_struct_sheet_range.beg_label_comp_id 
_struct_sheet_range.beg_label_asym_id 
_struct_sheet_range.beg_label_seq_id 
_struct_sheet_range.pdbx_beg_PDB_ins_code 
_struct_sheet_range.end_label_comp_id 
_struct_sheet_range.end_label_asym_id 
_struct_sheet_range.end_label_seq_id 
_struct_sheet_range.pdbx_end_PDB_ins_code 
_struct_sheet_range.beg_auth_comp_id 
_struct_sheet_range.beg_auth_asym_id 
_struct_sheet_range.beg_auth_seq_id 
_struct_sheet_range.end_auth_comp_id 
_struct_sheet_range.end_auth_asym_id 
_struct_sheet_range.end_auth_seq_id 
S1 1 LEU A 26 ? ASN A 32 ? LEU A 28 ASN A 34 
S1 2 LEU A 37 ? CYS A 41 ? LEU A 39 CYS A 43 
S1 3 GLU A 65 ? ALA A 68 ? GLU A 67 ALA A 70 
S1 4 TRP A 55 ? GLN A 59 ? TRP A 57 GLN A 61 
S1 5 TYR A 46 ? SER A 50 ? TYR A 48 SER A 52 
# 
loop_
_pdbx_validate_torsion.id 
_pdbx_validate_torsion.PDB_model_num 
_pdbx_validate_torsion.auth_comp_id 
_pdbx_validate_torsion.auth_asym_id 
_pdbx_validate_torsion.auth_seq_id 
_pdbx_validate_torsion.PDB_ins_code 
_pdbx_validate_torsion.label_alt_id 
_pdbx_validate_torsion.phi 
_pdbx_validate_torsion.psi 
1  1 LYS A 4  ? ? -163.21 92.77   
2  1 PRO A 5  ? ? -77.71  -158.69 
3  1 ARG A 14 ? ? -150.00 -71.99  
4  1 ARG A 15 ? ? -127.92 -163.25 
5  1 SER A 16 ? ? -100.91 -143.70 
6  1 PHE A 17 ? ? -159.01 -78.40  
7  1 GLN A 18 ? ? -130.78 -101.65 
8  1 GLU A 19 ? ? 100.65  7.23    
9  1 GLU A 21 ? ? -57.66  173.65  
10 1 GLU A 22 ? ? -84.36  -92.27  
11 1 VAL A 25 ? ? -139.25 -116.07 
12 1 ILE A 26 ? ? -160.26 -74.78  
13 1 ALA A 27 ? ? 63.80   61.09   
14 1 LEU A 28 ? ? -66.91  92.53   
15 1 ALA A 40 ? ? -52.88  -172.81 
16 1 ARG A 42 ? ? -89.23  -75.69  
17 1 CYS A 43 ? ? 156.99  47.65   
18 1 GLU A 45 ? ? -65.01  88.16   
19 1 TYR A 48 ? ? -129.32 -71.86  
20 1 LEU A 49 ? ? -79.19  -70.03  
21 1 LEU A 50 ? ? 67.01   80.07   
22 1 ILE A 55 ? ? -83.85  36.38   
23 1 HIS A 56 ? ? -177.05 -29.39  
24 1 ASP A 62 ? ? -50.42  -177.22 
25 1 ASN A 64 ? ? -94.43  46.83   
26 1 ALA A 70 ? ? -35.02  126.79  
27 1 VAL A 76 ? ? 166.90  37.11   
# 
_pdbx_nmr_ensemble.entry_id                             1AWJ 
_pdbx_nmr_ensemble.conformers_calculated_total_number   100 
_pdbx_nmr_ensemble.conformers_submitted_total_number    1 
_pdbx_nmr_ensemble.conformer_selection_criteria         'LEAST RESTRAINT VIOLATION' 
# 
_pdbx_nmr_exptl_sample_conditions.conditions_id       1 
_pdbx_nmr_exptl_sample_conditions.temperature         298 
_pdbx_nmr_exptl_sample_conditions.pressure            ? 
_pdbx_nmr_exptl_sample_conditions.pH                  6.0 
_pdbx_nmr_exptl_sample_conditions.ionic_strength      ? 
_pdbx_nmr_exptl_sample_conditions.pressure_units      . 
_pdbx_nmr_exptl_sample_conditions.temperature_units   K 
# 
loop_
_pdbx_nmr_exptl.experiment_id 
_pdbx_nmr_exptl.conditions_id 
_pdbx_nmr_exptl.type 
_pdbx_nmr_exptl.solution_id 
1  1 DQF-COSY                        1 
2  1 NOESY                           1 
3  1 TOSCY                           1 
4  1 '15N-DISPERSED NOESY AND TOCSY' 1 
5  1 '13C-DISPERSED NOESY'           1 
6  1 HSQC                            1 
7  1 DQ                              1 
8  1 RELAY                           1 
9  1 HNCOCA                          1 
10 1 HNCA                            1 
# 
_pdbx_nmr_refine.entry_id           1AWJ 
_pdbx_nmr_refine.method             'simulated annealing' 
_pdbx_nmr_refine.details            'REFINEMENT DETAILS CAN BE FOUND IN THE X-PLOR 3.1 MANUAL.' 
_pdbx_nmr_refine.software_ordinal   1 
# 
loop_
_pdbx_nmr_software.classification 
_pdbx_nmr_software.name 
_pdbx_nmr_software.version 
_pdbx_nmr_software.authors 
_pdbx_nmr_software.ordinal 
refinement           X-PLOR 3.1 BRUNGER 1 
'structure solution' Felix  ?   ?       2 
'structure solution' X-PLOR ?   ?       3 
# 
loop_
_chem_comp_atom.comp_id 
_chem_comp_atom.atom_id 
_chem_comp_atom.type_symbol 
_chem_comp_atom.pdbx_aromatic_flag 
_chem_comp_atom.pdbx_stereo_config 
_chem_comp_atom.pdbx_ordinal 
ALA N    N N N 1   
ALA CA   C N S 2   
ALA C    C N N 3   
ALA O    O N N 4   
ALA CB   C N N 5   
ALA OXT  O N N 6   
ALA H    H N N 7   
ALA H2   H N N 8   
ALA HA   H N N 9   
ALA HB1  H N N 10  
ALA HB2  H N N 11  
ALA HB3  H N N 12  
ALA HXT  H N N 13  
ARG N    N N N 14  
ARG CA   C N S 15  
ARG C    C N N 16  
ARG O    O N N 17  
ARG CB   C N N 18  
ARG CG   C N N 19  
ARG CD   C N N 20  
ARG NE   N N N 21  
ARG CZ   C N N 22  
ARG NH1  N N N 23  
ARG NH2  N N N 24  
ARG OXT  O N N 25  
ARG H    H N N 26  
ARG H2   H N N 27  
ARG HA   H N N 28  
ARG HB2  H N N 29  
ARG HB3  H N N 30  
ARG HG2  H N N 31  
ARG HG3  H N N 32  
ARG HD2  H N N 33  
ARG HD3  H N N 34  
ARG HE   H N N 35  
ARG HH11 H N N 36  
ARG HH12 H N N 37  
ARG HH21 H N N 38  
ARG HH22 H N N 39  
ARG HXT  H N N 40  
ASN N    N N N 41  
ASN CA   C N S 42  
ASN C    C N N 43  
ASN O    O N N 44  
ASN CB   C N N 45  
ASN CG   C N N 46  
ASN OD1  O N N 47  
ASN ND2  N N N 48  
ASN OXT  O N N 49  
ASN H    H N N 50  
ASN H2   H N N 51  
ASN HA   H N N 52  
ASN HB2  H N N 53  
ASN HB3  H N N 54  
ASN HD21 H N N 55  
ASN HD22 H N N 56  
ASN HXT  H N N 57  
ASP N    N N N 58  
ASP CA   C N S 59  
ASP C    C N N 60  
ASP O    O N N 61  
ASP CB   C N N 62  
ASP CG   C N N 63  
ASP OD1  O N N 64  
ASP OD2  O N N 65  
ASP OXT  O N N 66  
ASP H    H N N 67  
ASP H2   H N N 68  
ASP HA   H N N 69  
ASP HB2  H N N 70  
ASP HB3  H N N 71  
ASP HD2  H N N 72  
ASP HXT  H N N 73  
CYS N    N N N 74  
CYS CA   C N R 75  
CYS C    C N N 76  
CYS O    O N N 77  
CYS CB   C N N 78  
CYS SG   S N N 79  
CYS OXT  O N N 80  
CYS H    H N N 81  
CYS H2   H N N 82  
CYS HA   H N N 83  
CYS HB2  H N N 84  
CYS HB3  H N N 85  
CYS HG   H N N 86  
CYS HXT  H N N 87  
GLN N    N N N 88  
GLN CA   C N S 89  
GLN C    C N N 90  
GLN O    O N N 91  
GLN CB   C N N 92  
GLN CG   C N N 93  
GLN CD   C N N 94  
GLN OE1  O N N 95  
GLN NE2  N N N 96  
GLN OXT  O N N 97  
GLN H    H N N 98  
GLN H2   H N N 99  
GLN HA   H N N 100 
GLN HB2  H N N 101 
GLN HB3  H N N 102 
GLN HG2  H N N 103 
GLN HG3  H N N 104 
GLN HE21 H N N 105 
GLN HE22 H N N 106 
GLN HXT  H N N 107 
GLU N    N N N 108 
GLU CA   C N S 109 
GLU C    C N N 110 
GLU O    O N N 111 
GLU CB   C N N 112 
GLU CG   C N N 113 
GLU CD   C N N 114 
GLU OE1  O N N 115 
GLU OE2  O N N 116 
GLU OXT  O N N 117 
GLU H    H N N 118 
GLU H2   H N N 119 
GLU HA   H N N 120 
GLU HB2  H N N 121 
GLU HB3  H N N 122 
GLU HG2  H N N 123 
GLU HG3  H N N 124 
GLU HE2  H N N 125 
GLU HXT  H N N 126 
GLY N    N N N 127 
GLY CA   C N N 128 
GLY C    C N N 129 
GLY O    O N N 130 
GLY OXT  O N N 131 
GLY H    H N N 132 
GLY H2   H N N 133 
GLY HA2  H N N 134 
GLY HA3  H N N 135 
GLY HXT  H N N 136 
HIS N    N N N 137 
HIS CA   C N S 138 
HIS C    C N N 139 
HIS O    O N N 140 
HIS CB   C N N 141 
HIS CG   C Y N 142 
HIS ND1  N Y N 143 
HIS CD2  C Y N 144 
HIS CE1  C Y N 145 
HIS NE2  N Y N 146 
HIS OXT  O N N 147 
HIS H    H N N 148 
HIS H2   H N N 149 
HIS HA   H N N 150 
HIS HB2  H N N 151 
HIS HB3  H N N 152 
HIS HD1  H N N 153 
HIS HD2  H N N 154 
HIS HE1  H N N 155 
HIS HE2  H N N 156 
HIS HXT  H N N 157 
ILE N    N N N 158 
ILE CA   C N S 159 
ILE C    C N N 160 
ILE O    O N N 161 
ILE CB   C N S 162 
ILE CG1  C N N 163 
ILE CG2  C N N 164 
ILE CD1  C N N 165 
ILE OXT  O N N 166 
ILE H    H N N 167 
ILE H2   H N N 168 
ILE HA   H N N 169 
ILE HB   H N N 170 
ILE HG12 H N N 171 
ILE HG13 H N N 172 
ILE HG21 H N N 173 
ILE HG22 H N N 174 
ILE HG23 H N N 175 
ILE HD11 H N N 176 
ILE HD12 H N N 177 
ILE HD13 H N N 178 
ILE HXT  H N N 179 
LEU N    N N N 180 
LEU CA   C N S 181 
LEU C    C N N 182 
LEU O    O N N 183 
LEU CB   C N N 184 
LEU CG   C N N 185 
LEU CD1  C N N 186 
LEU CD2  C N N 187 
LEU OXT  O N N 188 
LEU H    H N N 189 
LEU H2   H N N 190 
LEU HA   H N N 191 
LEU HB2  H N N 192 
LEU HB3  H N N 193 
LEU HG   H N N 194 
LEU HD11 H N N 195 
LEU HD12 H N N 196 
LEU HD13 H N N 197 
LEU HD21 H N N 198 
LEU HD22 H N N 199 
LEU HD23 H N N 200 
LEU HXT  H N N 201 
LYS N    N N N 202 
LYS CA   C N S 203 
LYS C    C N N 204 
LYS O    O N N 205 
LYS CB   C N N 206 
LYS CG   C N N 207 
LYS CD   C N N 208 
LYS CE   C N N 209 
LYS NZ   N N N 210 
LYS OXT  O N N 211 
LYS H    H N N 212 
LYS H2   H N N 213 
LYS HA   H N N 214 
LYS HB2  H N N 215 
LYS HB3  H N N 216 
LYS HG2  H N N 217 
LYS HG3  H N N 218 
LYS HD2  H N N 219 
LYS HD3  H N N 220 
LYS HE2  H N N 221 
LYS HE3  H N N 222 
LYS HZ1  H N N 223 
LYS HZ2  H N N 224 
LYS HZ3  H N N 225 
LYS HXT  H N N 226 
PHE N    N N N 227 
PHE CA   C N S 228 
PHE C    C N N 229 
PHE O    O N N 230 
PHE CB   C N N 231 
PHE CG   C Y N 232 
PHE CD1  C Y N 233 
PHE CD2  C Y N 234 
PHE CE1  C Y N 235 
PHE CE2  C Y N 236 
PHE CZ   C Y N 237 
PHE OXT  O N N 238 
PHE H    H N N 239 
PHE H2   H N N 240 
PHE HA   H N N 241 
PHE HB2  H N N 242 
PHE HB3  H N N 243 
PHE HD1  H N N 244 
PHE HD2  H N N 245 
PHE HE1  H N N 246 
PHE HE2  H N N 247 
PHE HZ   H N N 248 
PHE HXT  H N N 249 
PRO N    N N N 250 
PRO CA   C N S 251 
PRO C    C N N 252 
PRO O    O N N 253 
PRO CB   C N N 254 
PRO CG   C N N 255 
PRO CD   C N N 256 
PRO OXT  O N N 257 
PRO H    H N N 258 
PRO HA   H N N 259 
PRO HB2  H N N 260 
PRO HB3  H N N 261 
PRO HG2  H N N 262 
PRO HG3  H N N 263 
PRO HD2  H N N 264 
PRO HD3  H N N 265 
PRO HXT  H N N 266 
SER N    N N N 267 
SER CA   C N S 268 
SER C    C N N 269 
SER O    O N N 270 
SER CB   C N N 271 
SER OG   O N N 272 
SER OXT  O N N 273 
SER H    H N N 274 
SER H2   H N N 275 
SER HA   H N N 276 
SER HB2  H N N 277 
SER HB3  H N N 278 
SER HG   H N N 279 
SER HXT  H N N 280 
THR N    N N N 281 
THR CA   C N S 282 
THR C    C N N 283 
THR O    O N N 284 
THR CB   C N R 285 
THR OG1  O N N 286 
THR CG2  C N N 287 
THR OXT  O N N 288 
THR H    H N N 289 
THR H2   H N N 290 
THR HA   H N N 291 
THR HB   H N N 292 
THR HG1  H N N 293 
THR HG21 H N N 294 
THR HG22 H N N 295 
THR HG23 H N N 296 
THR HXT  H N N 297 
TRP N    N N N 298 
TRP CA   C N S 299 
TRP C    C N N 300 
TRP O    O N N 301 
TRP CB   C N N 302 
TRP CG   C Y N 303 
TRP CD1  C Y N 304 
TRP CD2  C Y N 305 
TRP NE1  N Y N 306 
TRP CE2  C Y N 307 
TRP CE3  C Y N 308 
TRP CZ2  C Y N 309 
TRP CZ3  C Y N 310 
TRP CH2  C Y N 311 
TRP OXT  O N N 312 
TRP H    H N N 313 
TRP H2   H N N 314 
TRP HA   H N N 315 
TRP HB2  H N N 316 
TRP HB3  H N N 317 
TRP HD1  H N N 318 
TRP HE1  H N N 319 
TRP HE3  H N N 320 
TRP HZ2  H N N 321 
TRP HZ3  H N N 322 
TRP HH2  H N N 323 
TRP HXT  H N N 324 
TYR N    N N N 325 
TYR CA   C N S 326 
TYR C    C N N 327 
TYR O    O N N 328 
TYR CB   C N N 329 
TYR CG   C Y N 330 
TYR CD1  C Y N 331 
TYR CD2  C Y N 332 
TYR CE1  C Y N 333 
TYR CE2  C Y N 334 
TYR CZ   C Y N 335 
TYR OH   O N N 336 
TYR OXT  O N N 337 
TYR H    H N N 338 
TYR H2   H N N 339 
TYR HA   H N N 340 
TYR HB2  H N N 341 
TYR HB3  H N N 342 
TYR HD1  H N N 343 
TYR HD2  H N N 344 
TYR HE1  H N N 345 
TYR HE2  H N N 346 
TYR HH   H N N 347 
TYR HXT  H N N 348 
VAL N    N N N 349 
VAL CA   C N S 350 
VAL C    C N N 351 
VAL O    O N N 352 
VAL CB   C N N 353 
VAL CG1  C N N 354 
VAL CG2  C N N 355 
VAL OXT  O N N 356 
VAL H    H N N 357 
VAL H2   H N N 358 
VAL HA   H N N 359 
VAL HB   H N N 360 
VAL HG11 H N N 361 
VAL HG12 H N N 362 
VAL HG13 H N N 363 
VAL HG21 H N N 364 
VAL HG22 H N N 365 
VAL HG23 H N N 366 
VAL HXT  H N N 367 
# 
loop_
_chem_comp_bond.comp_id 
_chem_comp_bond.atom_id_1 
_chem_comp_bond.atom_id_2 
_chem_comp_bond.value_order 
_chem_comp_bond.pdbx_aromatic_flag 
_chem_comp_bond.pdbx_stereo_config 
_chem_comp_bond.pdbx_ordinal 
ALA N   CA   sing N N 1   
ALA N   H    sing N N 2   
ALA N   H2   sing N N 3   
ALA CA  C    sing N N 4   
ALA CA  CB   sing N N 5   
ALA CA  HA   sing N N 6   
ALA C   O    doub N N 7   
ALA C   OXT  sing N N 8   
ALA CB  HB1  sing N N 9   
ALA CB  HB2  sing N N 10  
ALA CB  HB3  sing N N 11  
ALA OXT HXT  sing N N 12  
ARG N   CA   sing N N 13  
ARG N   H    sing N N 14  
ARG N   H2   sing N N 15  
ARG CA  C    sing N N 16  
ARG CA  CB   sing N N 17  
ARG CA  HA   sing N N 18  
ARG C   O    doub N N 19  
ARG C   OXT  sing N N 20  
ARG CB  CG   sing N N 21  
ARG CB  HB2  sing N N 22  
ARG CB  HB3  sing N N 23  
ARG CG  CD   sing N N 24  
ARG CG  HG2  sing N N 25  
ARG CG  HG3  sing N N 26  
ARG CD  NE   sing N N 27  
ARG CD  HD2  sing N N 28  
ARG CD  HD3  sing N N 29  
ARG NE  CZ   sing N N 30  
ARG NE  HE   sing N N 31  
ARG CZ  NH1  sing N N 32  
ARG CZ  NH2  doub N N 33  
ARG NH1 HH11 sing N N 34  
ARG NH1 HH12 sing N N 35  
ARG NH2 HH21 sing N N 36  
ARG NH2 HH22 sing N N 37  
ARG OXT HXT  sing N N 38  
ASN N   CA   sing N N 39  
ASN N   H    sing N N 40  
ASN N   H2   sing N N 41  
ASN CA  C    sing N N 42  
ASN CA  CB   sing N N 43  
ASN CA  HA   sing N N 44  
ASN C   O    doub N N 45  
ASN C   OXT  sing N N 46  
ASN CB  CG   sing N N 47  
ASN CB  HB2  sing N N 48  
ASN CB  HB3  sing N N 49  
ASN CG  OD1  doub N N 50  
ASN CG  ND2  sing N N 51  
ASN ND2 HD21 sing N N 52  
ASN ND2 HD22 sing N N 53  
ASN OXT HXT  sing N N 54  
ASP N   CA   sing N N 55  
ASP N   H    sing N N 56  
ASP N   H2   sing N N 57  
ASP CA  C    sing N N 58  
ASP CA  CB   sing N N 59  
ASP CA  HA   sing N N 60  
ASP C   O    doub N N 61  
ASP C   OXT  sing N N 62  
ASP CB  CG   sing N N 63  
ASP CB  HB2  sing N N 64  
ASP CB  HB3  sing N N 65  
ASP CG  OD1  doub N N 66  
ASP CG  OD2  sing N N 67  
ASP OD2 HD2  sing N N 68  
ASP OXT HXT  sing N N 69  
CYS N   CA   sing N N 70  
CYS N   H    sing N N 71  
CYS N   H2   sing N N 72  
CYS CA  C    sing N N 73  
CYS CA  CB   sing N N 74  
CYS CA  HA   sing N N 75  
CYS C   O    doub N N 76  
CYS C   OXT  sing N N 77  
CYS CB  SG   sing N N 78  
CYS CB  HB2  sing N N 79  
CYS CB  HB3  sing N N 80  
CYS SG  HG   sing N N 81  
CYS OXT HXT  sing N N 82  
GLN N   CA   sing N N 83  
GLN N   H    sing N N 84  
GLN N   H2   sing N N 85  
GLN CA  C    sing N N 86  
GLN CA  CB   sing N N 87  
GLN CA  HA   sing N N 88  
GLN C   O    doub N N 89  
GLN C   OXT  sing N N 90  
GLN CB  CG   sing N N 91  
GLN CB  HB2  sing N N 92  
GLN CB  HB3  sing N N 93  
GLN CG  CD   sing N N 94  
GLN CG  HG2  sing N N 95  
GLN CG  HG3  sing N N 96  
GLN CD  OE1  doub N N 97  
GLN CD  NE2  sing N N 98  
GLN NE2 HE21 sing N N 99  
GLN NE2 HE22 sing N N 100 
GLN OXT HXT  sing N N 101 
GLU N   CA   sing N N 102 
GLU N   H    sing N N 103 
GLU N   H2   sing N N 104 
GLU CA  C    sing N N 105 
GLU CA  CB   sing N N 106 
GLU CA  HA   sing N N 107 
GLU C   O    doub N N 108 
GLU C   OXT  sing N N 109 
GLU CB  CG   sing N N 110 
GLU CB  HB2  sing N N 111 
GLU CB  HB3  sing N N 112 
GLU CG  CD   sing N N 113 
GLU CG  HG2  sing N N 114 
GLU CG  HG3  sing N N 115 
GLU CD  OE1  doub N N 116 
GLU CD  OE2  sing N N 117 
GLU OE2 HE2  sing N N 118 
GLU OXT HXT  sing N N 119 
GLY N   CA   sing N N 120 
GLY N   H    sing N N 121 
GLY N   H2   sing N N 122 
GLY CA  C    sing N N 123 
GLY CA  HA2  sing N N 124 
GLY CA  HA3  sing N N 125 
GLY C   O    doub N N 126 
GLY C   OXT  sing N N 127 
GLY OXT HXT  sing N N 128 
HIS N   CA   sing N N 129 
HIS N   H    sing N N 130 
HIS N   H2   sing N N 131 
HIS CA  C    sing N N 132 
HIS CA  CB   sing N N 133 
HIS CA  HA   sing N N 134 
HIS C   O    doub N N 135 
HIS C   OXT  sing N N 136 
HIS CB  CG   sing N N 137 
HIS CB  HB2  sing N N 138 
HIS CB  HB3  sing N N 139 
HIS CG  ND1  sing Y N 140 
HIS CG  CD2  doub Y N 141 
HIS ND1 CE1  doub Y N 142 
HIS ND1 HD1  sing N N 143 
HIS CD2 NE2  sing Y N 144 
HIS CD2 HD2  sing N N 145 
HIS CE1 NE2  sing Y N 146 
HIS CE1 HE1  sing N N 147 
HIS NE2 HE2  sing N N 148 
HIS OXT HXT  sing N N 149 
ILE N   CA   sing N N 150 
ILE N   H    sing N N 151 
ILE N   H2   sing N N 152 
ILE CA  C    sing N N 153 
ILE CA  CB   sing N N 154 
ILE CA  HA   sing N N 155 
ILE C   O    doub N N 156 
ILE C   OXT  sing N N 157 
ILE CB  CG1  sing N N 158 
ILE CB  CG2  sing N N 159 
ILE CB  HB   sing N N 160 
ILE CG1 CD1  sing N N 161 
ILE CG1 HG12 sing N N 162 
ILE CG1 HG13 sing N N 163 
ILE CG2 HG21 sing N N 164 
ILE CG2 HG22 sing N N 165 
ILE CG2 HG23 sing N N 166 
ILE CD1 HD11 sing N N 167 
ILE CD1 HD12 sing N N 168 
ILE CD1 HD13 sing N N 169 
ILE OXT HXT  sing N N 170 
LEU N   CA   sing N N 171 
LEU N   H    sing N N 172 
LEU N   H2   sing N N 173 
LEU CA  C    sing N N 174 
LEU CA  CB   sing N N 175 
LEU CA  HA   sing N N 176 
LEU C   O    doub N N 177 
LEU C   OXT  sing N N 178 
LEU CB  CG   sing N N 179 
LEU CB  HB2  sing N N 180 
LEU CB  HB3  sing N N 181 
LEU CG  CD1  sing N N 182 
LEU CG  CD2  sing N N 183 
LEU CG  HG   sing N N 184 
LEU CD1 HD11 sing N N 185 
LEU CD1 HD12 sing N N 186 
LEU CD1 HD13 sing N N 187 
LEU CD2 HD21 sing N N 188 
LEU CD2 HD22 sing N N 189 
LEU CD2 HD23 sing N N 190 
LEU OXT HXT  sing N N 191 
LYS N   CA   sing N N 192 
LYS N   H    sing N N 193 
LYS N   H2   sing N N 194 
LYS CA  C    sing N N 195 
LYS CA  CB   sing N N 196 
LYS CA  HA   sing N N 197 
LYS C   O    doub N N 198 
LYS C   OXT  sing N N 199 
LYS CB  CG   sing N N 200 
LYS CB  HB2  sing N N 201 
LYS CB  HB3  sing N N 202 
LYS CG  CD   sing N N 203 
LYS CG  HG2  sing N N 204 
LYS CG  HG3  sing N N 205 
LYS CD  CE   sing N N 206 
LYS CD  HD2  sing N N 207 
LYS CD  HD3  sing N N 208 
LYS CE  NZ   sing N N 209 
LYS CE  HE2  sing N N 210 
LYS CE  HE3  sing N N 211 
LYS NZ  HZ1  sing N N 212 
LYS NZ  HZ2  sing N N 213 
LYS NZ  HZ3  sing N N 214 
LYS OXT HXT  sing N N 215 
PHE N   CA   sing N N 216 
PHE N   H    sing N N 217 
PHE N   H2   sing N N 218 
PHE CA  C    sing N N 219 
PHE CA  CB   sing N N 220 
PHE CA  HA   sing N N 221 
PHE C   O    doub N N 222 
PHE C   OXT  sing N N 223 
PHE CB  CG   sing N N 224 
PHE CB  HB2  sing N N 225 
PHE CB  HB3  sing N N 226 
PHE CG  CD1  doub Y N 227 
PHE CG  CD2  sing Y N 228 
PHE CD1 CE1  sing Y N 229 
PHE CD1 HD1  sing N N 230 
PHE CD2 CE2  doub Y N 231 
PHE CD2 HD2  sing N N 232 
PHE CE1 CZ   doub Y N 233 
PHE CE1 HE1  sing N N 234 
PHE CE2 CZ   sing Y N 235 
PHE CE2 HE2  sing N N 236 
PHE CZ  HZ   sing N N 237 
PHE OXT HXT  sing N N 238 
PRO N   CA   sing N N 239 
PRO N   CD   sing N N 240 
PRO N   H    sing N N 241 
PRO CA  C    sing N N 242 
PRO CA  CB   sing N N 243 
PRO CA  HA   sing N N 244 
PRO C   O    doub N N 245 
PRO C   OXT  sing N N 246 
PRO CB  CG   sing N N 247 
PRO CB  HB2  sing N N 248 
PRO CB  HB3  sing N N 249 
PRO CG  CD   sing N N 250 
PRO CG  HG2  sing N N 251 
PRO CG  HG3  sing N N 252 
PRO CD  HD2  sing N N 253 
PRO CD  HD3  sing N N 254 
PRO OXT HXT  sing N N 255 
SER N   CA   sing N N 256 
SER N   H    sing N N 257 
SER N   H2   sing N N 258 
SER CA  C    sing N N 259 
SER CA  CB   sing N N 260 
SER CA  HA   sing N N 261 
SER C   O    doub N N 262 
SER C   OXT  sing N N 263 
SER CB  OG   sing N N 264 
SER CB  HB2  sing N N 265 
SER CB  HB3  sing N N 266 
SER OG  HG   sing N N 267 
SER OXT HXT  sing N N 268 
THR N   CA   sing N N 269 
THR N   H    sing N N 270 
THR N   H2   sing N N 271 
THR CA  C    sing N N 272 
THR CA  CB   sing N N 273 
THR CA  HA   sing N N 274 
THR C   O    doub N N 275 
THR C   OXT  sing N N 276 
THR CB  OG1  sing N N 277 
THR CB  CG2  sing N N 278 
THR CB  HB   sing N N 279 
THR OG1 HG1  sing N N 280 
THR CG2 HG21 sing N N 281 
THR CG2 HG22 sing N N 282 
THR CG2 HG23 sing N N 283 
THR OXT HXT  sing N N 284 
TRP N   CA   sing N N 285 
TRP N   H    sing N N 286 
TRP N   H2   sing N N 287 
TRP CA  C    sing N N 288 
TRP CA  CB   sing N N 289 
TRP CA  HA   sing N N 290 
TRP C   O    doub N N 291 
TRP C   OXT  sing N N 292 
TRP CB  CG   sing N N 293 
TRP CB  HB2  sing N N 294 
TRP CB  HB3  sing N N 295 
TRP CG  CD1  doub Y N 296 
TRP CG  CD2  sing Y N 297 
TRP CD1 NE1  sing Y N 298 
TRP CD1 HD1  sing N N 299 
TRP CD2 CE2  doub Y N 300 
TRP CD2 CE3  sing Y N 301 
TRP NE1 CE2  sing Y N 302 
TRP NE1 HE1  sing N N 303 
TRP CE2 CZ2  sing Y N 304 
TRP CE3 CZ3  doub Y N 305 
TRP CE3 HE3  sing N N 306 
TRP CZ2 CH2  doub Y N 307 
TRP CZ2 HZ2  sing N N 308 
TRP CZ3 CH2  sing Y N 309 
TRP CZ3 HZ3  sing N N 310 
TRP CH2 HH2  sing N N 311 
TRP OXT HXT  sing N N 312 
TYR N   CA   sing N N 313 
TYR N   H    sing N N 314 
TYR N   H2   sing N N 315 
TYR CA  C    sing N N 316 
TYR CA  CB   sing N N 317 
TYR CA  HA   sing N N 318 
TYR C   O    doub N N 319 
TYR C   OXT  sing N N 320 
TYR CB  CG   sing N N 321 
TYR CB  HB2  sing N N 322 
TYR CB  HB3  sing N N 323 
TYR CG  CD1  doub Y N 324 
TYR CG  CD2  sing Y N 325 
TYR CD1 CE1  sing Y N 326 
TYR CD1 HD1  sing N N 327 
TYR CD2 CE2  doub Y N 328 
TYR CD2 HD2  sing N N 329 
TYR CE1 CZ   doub Y N 330 
TYR CE1 HE1  sing N N 331 
TYR CE2 CZ   sing Y N 332 
TYR CE2 HE2  sing N N 333 
TYR CZ  OH   sing N N 334 
TYR OH  HH   sing N N 335 
TYR OXT HXT  sing N N 336 
VAL N   CA   sing N N 337 
VAL N   H    sing N N 338 
VAL N   H2   sing N N 339 
VAL CA  C    sing N N 340 
VAL CA  CB   sing N N 341 
VAL CA  HA   sing N N 342 
VAL C   O    doub N N 343 
VAL C   OXT  sing N N 344 
VAL CB  CG1  sing N N 345 
VAL CB  CG2  sing N N 346 
VAL CB  HB   sing N N 347 
VAL CG1 HG11 sing N N 348 
VAL CG1 HG12 sing N N 349 
VAL CG1 HG13 sing N N 350 
VAL CG2 HG21 sing N N 351 
VAL CG2 HG22 sing N N 352 
VAL CG2 HG23 sing N N 353 
VAL OXT HXT  sing N N 354 
# 
_pdbx_nmr_spectrometer.spectrometer_id   1 
_pdbx_nmr_spectrometer.model             DMX500 
_pdbx_nmr_spectrometer.manufacturer      Bruker 
_pdbx_nmr_spectrometer.field_strength    500 
# 
_atom_sites.entry_id                    1AWJ 
_atom_sites.fract_transf_matrix[1][1]   1.000000 
_atom_sites.fract_transf_matrix[1][2]   0.000000 
_atom_sites.fract_transf_matrix[1][3]   0.000000 
_atom_sites.fract_transf_matrix[2][1]   0.000000 
_atom_sites.fract_transf_matrix[2][2]   1.000000 
_atom_sites.fract_transf_matrix[2][3]   0.000000 
_atom_sites.fract_transf_matrix[3][1]   0.000000 
_atom_sites.fract_transf_matrix[3][2]   0.000000 
_atom_sites.fract_transf_matrix[3][3]   1.000000 
_atom_sites.fract_transf_vector[1]      0.00000 
_atom_sites.fract_transf_vector[2]      0.00000 
_atom_sites.fract_transf_vector[3]      0.00000 
# 
loop_
_atom_type.symbol 
C 
H 
N 
O 
S 
# 
loop_
_atom_site.group_PDB 
_atom_site.id 
_atom_site.type_symbol 
_atom_site.label_atom_id 
_atom_site.label_alt_id 
_atom_site.label_comp_id 
_atom_site.label_asym_id 
_atom_site.label_entity_id 
_atom_site.label_seq_id 
_atom_site.pdbx_PDB_ins_code 
_atom_site.Cartn_x 
_atom_site.Cartn_y 
_atom_site.Cartn_z 
_atom_site.occupancy 
_atom_site.B_iso_or_equiv 
_atom_site.pdbx_formal_charge 
_atom_site.auth_seq_id 
_atom_site.auth_comp_id 
_atom_site.auth_asym_id 
_atom_site.auth_atom_id 
_atom_site.pdbx_PDB_model_num 
ATOM 1    N N    . LYS A 1 1  ? -11.314 14.827  -9.195  1.00 4.38  ? 3  LYS A N    1 
ATOM 2    C CA   . LYS A 1 1  ? -11.527 14.831  -7.721  1.00 3.79  ? 3  LYS A CA   1 
ATOM 3    C C    . LYS A 1 1  ? -10.216 14.474  -7.017  1.00 2.84  ? 3  LYS A C    1 
ATOM 4    O O    . LYS A 1 1  ? -9.762  15.176  -6.137  1.00 2.73  ? 3  LYS A O    1 
ATOM 5    C CB   . LYS A 1 1  ? -12.599 13.802  -7.356  1.00 4.29  ? 3  LYS A CB   1 
ATOM 6    C CG   . LYS A 1 1  ? -13.505 14.375  -6.265  1.00 4.87  ? 3  LYS A CG   1 
ATOM 7    C CD   . LYS A 1 1  ? -14.341 15.518  -6.845  1.00 5.30  ? 3  LYS A CD   1 
ATOM 8    C CE   . LYS A 1 1  ? -15.408 14.945  -7.780  1.00 5.75  ? 3  LYS A CE   1 
ATOM 9    N NZ   . LYS A 1 1  ? -15.702 15.930  -8.859  1.00 6.39  ? 3  LYS A NZ   1 
ATOM 10   H H1   . LYS A 1 1  ? -10.474 15.396  -9.425  1.00 4.62  ? 3  LYS A H1   1 
ATOM 11   H H2   . LYS A 1 1  ? -11.171 13.850  -9.523  1.00 4.83  ? 3  LYS A H2   1 
ATOM 12   H H3   . LYS A 1 1  ? -12.147 15.230  -9.668  1.00 4.58  ? 3  LYS A H3   1 
ATOM 13   H HA   . LYS A 1 1  ? -11.847 15.813  -7.406  1.00 4.18  ? 3  LYS A HA   1 
ATOM 14   H HB2  . LYS A 1 1  ? -13.189 13.573  -8.232  1.00 4.55  ? 3  LYS A HB2  1 
ATOM 15   H HB3  . LYS A 1 1  ? -12.126 12.902  -6.993  1.00 4.46  ? 3  LYS A HB3  1 
ATOM 16   H HG2  . LYS A 1 1  ? -14.161 13.599  -5.897  1.00 5.22  ? 3  LYS A HG2  1 
ATOM 17   H HG3  . LYS A 1 1  ? -12.899 14.750  -5.454  1.00 5.07  ? 3  LYS A HG3  1 
ATOM 18   H HD2  . LYS A 1 1  ? -14.818 16.059  -6.040  1.00 5.50  ? 3  LYS A HD2  1 
ATOM 19   H HD3  . LYS A 1 1  ? -13.700 16.186  -7.399  1.00 5.45  ? 3  LYS A HD3  1 
ATOM 20   H HE2  . LYS A 1 1  ? -15.046 14.027  -8.219  1.00 5.46  ? 3  LYS A HE2  1 
ATOM 21   H HE3  . LYS A 1 1  ? -16.308 14.745  -7.219  1.00 6.22  ? 3  LYS A HE3  1 
ATOM 22   H HZ1  . LYS A 1 1  ? -14.811 16.331  -9.214  1.00 6.66  ? 3  LYS A HZ1  1 
ATOM 23   H HZ2  . LYS A 1 1  ? -16.204 15.454  -9.635  1.00 6.59  ? 3  LYS A HZ2  1 
ATOM 24   H HZ3  . LYS A 1 1  ? -16.300 16.691  -8.480  1.00 6.65  ? 3  LYS A HZ3  1 
ATOM 25   N N    . LYS A 1 2  ? -9.605  13.386  -7.398  1.00 2.58  ? 4  LYS A N    1 
ATOM 26   C CA   . LYS A 1 2  ? -8.325  12.986  -6.751  1.00 1.86  ? 4  LYS A CA   1 
ATOM 27   C C    . LYS A 1 2  ? -7.611  11.952  -7.625  1.00 1.50  ? 4  LYS A C    1 
ATOM 28   O O    . LYS A 1 2  ? -7.853  10.767  -7.504  1.00 1.62  ? 4  LYS A O    1 
ATOM 29   C CB   . LYS A 1 2  ? -8.617  12.376  -5.378  1.00 1.89  ? 4  LYS A CB   1 
ATOM 30   C CG   . LYS A 1 2  ? -7.301  11.977  -4.706  1.00 2.16  ? 4  LYS A CG   1 
ATOM 31   C CD   . LYS A 1 2  ? -7.474  10.629  -4.003  1.00 2.03  ? 4  LYS A CD   1 
ATOM 32   C CE   . LYS A 1 2  ? -7.773  10.859  -2.521  1.00 1.97  ? 4  LYS A CE   1 
ATOM 33   N NZ   . LYS A 1 2  ? -6.607  10.421  -1.704  1.00 1.98  ? 4  LYS A NZ   1 
ATOM 34   H H    . LYS A 1 2  ? -9.988  12.832  -8.110  1.00 3.13  ? 4  LYS A H    1 
ATOM 35   H HA   . LYS A 1 2  ? -7.694  13.854  -6.632  1.00 2.13  ? 4  LYS A HA   1 
ATOM 36   H HB2  . LYS A 1 2  ? -9.131  13.101  -4.764  1.00 2.55  ? 4  LYS A HB2  1 
ATOM 37   H HB3  . LYS A 1 2  ? -9.237  11.500  -5.498  1.00 1.94  ? 4  LYS A HB3  1 
ATOM 38   H HG2  . LYS A 1 2  ? -6.526  11.898  -5.453  1.00 2.72  ? 4  LYS A HG2  1 
ATOM 39   H HG3  . LYS A 1 2  ? -7.027  12.726  -3.979  1.00 2.59  ? 4  LYS A HG3  1 
ATOM 40   H HD2  . LYS A 1 2  ? -8.292  10.088  -4.457  1.00 2.15  ? 4  LYS A HD2  1 
ATOM 41   H HD3  . LYS A 1 2  ? -6.565  10.053  -4.099  1.00 2.67  ? 4  LYS A HD3  1 
ATOM 42   H HE2  . LYS A 1 2  ? -7.958  11.910  -2.350  1.00 2.38  ? 4  LYS A HE2  1 
ATOM 43   H HE3  . LYS A 1 2  ? -8.647  10.290  -2.237  1.00 2.35  ? 4  LYS A HE3  1 
ATOM 44   H HZ1  . LYS A 1 2  ? -5.726  10.720  -2.167  1.00 2.31  ? 4  LYS A HZ1  1 
ATOM 45   H HZ2  . LYS A 1 2  ? -6.663  10.850  -0.759  1.00 2.16  ? 4  LYS A HZ2  1 
ATOM 46   H HZ3  . LYS A 1 2  ? -6.617  9.383   -1.615  1.00 2.26  ? 4  LYS A HZ3  1 
ATOM 47   N N    . PRO A 1 3  ? -6.745  12.432  -8.481  1.00 1.28  ? 5  PRO A N    1 
ATOM 48   C CA   . PRO A 1 3  ? -5.970  11.571  -9.391  1.00 1.19  ? 5  PRO A CA   1 
ATOM 49   C C    . PRO A 1 3  ? -4.817  10.908  -8.634  1.00 1.19  ? 5  PRO A C    1 
ATOM 50   O O    . PRO A 1 3  ? -4.842  10.794  -7.425  1.00 2.00  ? 5  PRO A O    1 
ATOM 51   C CB   . PRO A 1 3  ? -5.447  12.546  -10.450 1.00 1.33  ? 5  PRO A CB   1 
ATOM 52   C CG   . PRO A 1 3  ? -5.466  13.949  -9.798  1.00 1.48  ? 5  PRO A CG   1 
ATOM 53   C CD   . PRO A 1 3  ? -6.456  13.874  -8.621  1.00 1.45  ? 5  PRO A CD   1 
ATOM 54   H HA   . PRO A 1 3  ? -6.604  10.830  -9.850  1.00 1.29  ? 5  PRO A HA   1 
ATOM 55   H HB2  . PRO A 1 3  ? -4.438  12.278  -10.734 1.00 1.50  ? 5  PRO A HB2  1 
ATOM 56   H HB3  . PRO A 1 3  ? -6.092  12.537  -11.315 1.00 1.39  ? 5  PRO A HB3  1 
ATOM 57   H HG2  . PRO A 1 3  ? -4.478  14.204  -9.441  1.00 1.66  ? 5  PRO A HG2  1 
ATOM 58   H HG3  . PRO A 1 3  ? -5.804  14.684  -10.513 1.00 1.62  ? 5  PRO A HG3  1 
ATOM 59   H HD2  . PRO A 1 3  ? -6.000  14.261  -7.720  1.00 1.67  ? 5  PRO A HD2  1 
ATOM 60   H HD3  . PRO A 1 3  ? -7.362  14.414  -8.851  1.00 1.53  ? 5  PRO A HD3  1 
ATOM 61   N N    . LEU A 1 4  ? -3.804  10.470  -9.331  1.00 0.60  ? 6  LEU A N    1 
ATOM 62   C CA   . LEU A 1 4  ? -2.659  9.818   -8.640  1.00 0.56  ? 6  LEU A CA   1 
ATOM 63   C C    . LEU A 1 4  ? -1.448  10.767  -8.647  1.00 0.59  ? 6  LEU A C    1 
ATOM 64   O O    . LEU A 1 4  ? -1.110  11.322  -9.673  1.00 0.69  ? 6  LEU A O    1 
ATOM 65   C CB   . LEU A 1 4  ? -2.295  8.523   -9.369  1.00 0.59  ? 6  LEU A CB   1 
ATOM 66   C CG   . LEU A 1 4  ? -2.859  7.327   -8.600  1.00 0.69  ? 6  LEU A CG   1 
ATOM 67   C CD1  . LEU A 1 4  ? -2.773  6.072   -9.473  1.00 1.14  ? 6  LEU A CD1  1 
ATOM 68   C CD2  . LEU A 1 4  ? -2.045  7.111   -7.323  1.00 0.99  ? 6  LEU A CD2  1 
ATOM 69   H H    . LEU A 1 4  ? -3.798  10.570  -10.306 1.00 0.86  ? 6  LEU A H    1 
ATOM 70   H HA   . LEU A 1 4  ? -2.944  9.590   -7.624  1.00 0.57  ? 6  LEU A HA   1 
ATOM 71   H HB2  . LEU A 1 4  ? -2.713  8.542   -10.365 1.00 0.78  ? 6  LEU A HB2  1 
ATOM 72   H HB3  . LEU A 1 4  ? -1.221  8.434   -9.432  1.00 0.64  ? 6  LEU A HB3  1 
ATOM 73   H HG   . LEU A 1 4  ? -3.892  7.518   -8.343  1.00 0.92  ? 6  LEU A HG   1 
ATOM 74   H HD11 . LEU A 1 4  ? -1.799  6.022   -9.935  1.00 1.46  ? 6  LEU A HD11 1 
ATOM 75   H HD12 . LEU A 1 4  ? -2.928  5.196   -8.861  1.00 1.83  ? 6  LEU A HD12 1 
ATOM 76   H HD13 . LEU A 1 4  ? -3.533  6.117   -10.239 1.00 1.46  ? 6  LEU A HD13 1 
ATOM 77   H HD21 . LEU A 1 4  ? -0.995  7.248   -7.537  1.00 1.56  ? 6  LEU A HD21 1 
ATOM 78   H HD22 . LEU A 1 4  ? -2.356  7.824   -6.574  1.00 1.49  ? 6  LEU A HD22 1 
ATOM 79   H HD23 . LEU A 1 4  ? -2.210  6.108   -6.956  1.00 1.50  ? 6  LEU A HD23 1 
ATOM 80   N N    . PRO A 1 5  ? -0.832  10.922  -7.500  1.00 0.55  ? 7  PRO A N    1 
ATOM 81   C CA   . PRO A 1 5  ? 0.347   11.797  -7.342  1.00 0.62  ? 7  PRO A CA   1 
ATOM 82   C C    . PRO A 1 5  ? 1.603   11.090  -7.862  1.00 0.57  ? 7  PRO A C    1 
ATOM 83   O O    . PRO A 1 5  ? 1.543   9.942   -8.256  1.00 0.50  ? 7  PRO A O    1 
ATOM 84   C CB   . PRO A 1 5  ? 0.429   12.010  -5.826  1.00 0.66  ? 7  PRO A CB   1 
ATOM 85   C CG   . PRO A 1 5  ? -0.325  10.827  -5.174  1.00 0.58  ? 7  PRO A CG   1 
ATOM 86   C CD   . PRO A 1 5  ? -1.250  10.243  -6.256  1.00 0.52  ? 7  PRO A CD   1 
ATOM 87   H HA   . PRO A 1 5  ? 0.198   12.739  -7.842  1.00 0.73  ? 7  PRO A HA   1 
ATOM 88   H HB2  . PRO A 1 5  ? 1.461   12.008  -5.507  1.00 0.67  ? 7  PRO A HB2  1 
ATOM 89   H HB3  . PRO A 1 5  ? -0.045  12.938  -5.553  1.00 0.77  ? 7  PRO A HB3  1 
ATOM 90   H HG2  . PRO A 1 5  ? 0.381   10.077  -4.842  1.00 0.53  ? 7  PRO A HG2  1 
ATOM 91   H HG3  . PRO A 1 5  ? -0.914  11.177  -4.341  1.00 0.68  ? 7  PRO A HG3  1 
ATOM 92   H HD2  . PRO A 1 5  ? -1.104  9.176   -6.337  1.00 0.45  ? 7  PRO A HD2  1 
ATOM 93   H HD3  . PRO A 1 5  ? -2.281  10.471  -6.035  1.00 0.58  ? 7  PRO A HD3  1 
ATOM 94   N N    . PRO A 1 6  ? 2.709   11.790  -7.835  1.00 0.65  ? 8  PRO A N    1 
ATOM 95   C CA   . PRO A 1 6  ? 3.996   11.238  -8.286  1.00 0.64  ? 8  PRO A CA   1 
ATOM 96   C C    . PRO A 1 6  ? 4.506   10.235  -7.251  1.00 0.53  ? 8  PRO A C    1 
ATOM 97   O O    . PRO A 1 6  ? 4.019   10.185  -6.139  1.00 0.52  ? 8  PRO A O    1 
ATOM 98   C CB   . PRO A 1 6  ? 4.906   12.466  -8.392  1.00 0.77  ? 8  PRO A CB   1 
ATOM 99   C CG   . PRO A 1 6  ? 4.274   13.551  -7.491  1.00 0.82  ? 8  PRO A CG   1 
ATOM 100  C CD   . PRO A 1 6  ? 2.784   13.186  -7.348  1.00 0.78  ? 8  PRO A CD   1 
ATOM 101  H HA   . PRO A 1 6  ? 3.891   10.768  -9.251  1.00 0.66  ? 8  PRO A HA   1 
ATOM 102  H HB2  . PRO A 1 6  ? 5.901   12.221  -8.046  1.00 0.76  ? 8  PRO A HB2  1 
ATOM 103  H HB3  . PRO A 1 6  ? 4.941   12.816  -9.412  1.00 0.85  ? 8  PRO A HB3  1 
ATOM 104  H HG2  . PRO A 1 6  ? 4.754   13.552  -6.522  1.00 0.81  ? 8  PRO A HG2  1 
ATOM 105  H HG3  . PRO A 1 6  ? 4.369   14.521  -7.955  1.00 0.93  ? 8  PRO A HG3  1 
ATOM 106  H HD2  . PRO A 1 6  ? 2.482   13.250  -6.314  1.00 0.78  ? 8  PRO A HD2  1 
ATOM 107  H HD3  . PRO A 1 6  ? 2.175   13.828  -7.964  1.00 0.86  ? 8  PRO A HD3  1 
ATOM 108  N N    . THR A 1 7  ? 5.456   9.416   -7.603  1.00 0.49  ? 9  THR A N    1 
ATOM 109  C CA   . THR A 1 7  ? 5.942   8.409   -6.621  1.00 0.41  ? 9  THR A CA   1 
ATOM 110  C C    . THR A 1 7  ? 7.464   8.259   -6.691  1.00 0.60  ? 9  THR A C    1 
ATOM 111  O O    . THR A 1 7  ? 8.101   8.745   -7.604  1.00 0.82  ? 9  THR A O    1 
ATOM 112  C CB   . THR A 1 7  ? 5.300   7.060   -6.935  1.00 0.30  ? 9  THR A CB   1 
ATOM 113  O OG1  . THR A 1 7  ? 4.726   7.103   -8.234  1.00 0.41  ? 9  THR A OG1  1 
ATOM 114  C CG2  . THR A 1 7  ? 4.217   6.761   -5.905  1.00 0.31  ? 9  THR A CG2  1 
ATOM 115  H H    . THR A 1 7  ? 5.830   9.447   -8.508  1.00 0.56  ? 9  THR A H    1 
ATOM 116  H HA   . THR A 1 7  ? 5.656   8.715   -5.623  1.00 0.46  ? 9  THR A HA   1 
ATOM 117  H HB   . THR A 1 7  ? 6.050   6.286   -6.897  1.00 0.42  ? 9  THR A HB   1 
ATOM 118  H HG1  . THR A 1 7  ? 5.284   6.587   -8.821  1.00 0.86  ? 9  THR A HG1  1 
ATOM 119  H HG21 . THR A 1 7  ? 3.664   7.662   -5.689  1.00 0.99  ? 9  THR A HG21 1 
ATOM 120  H HG22 . THR A 1 7  ? 3.545   6.010   -6.295  1.00 0.88  ? 9  THR A HG22 1 
ATOM 121  H HG23 . THR A 1 7  ? 4.678   6.396   -5.001  1.00 0.95  ? 9  THR A HG23 1 
ATOM 122  N N    . PRO A 1 8  ? 7.990   7.566   -5.709  1.00 0.58  ? 10 PRO A N    1 
ATOM 123  C CA   . PRO A 1 8  ? 9.432   7.291   -5.595  1.00 0.80  ? 10 PRO A CA   1 
ATOM 124  C C    . PRO A 1 8  ? 9.839   6.145   -6.526  1.00 0.96  ? 10 PRO A C    1 
ATOM 125  O O    . PRO A 1 8  ? 9.055   5.269   -6.832  1.00 1.30  ? 10 PRO A O    1 
ATOM 126  C CB   . PRO A 1 8  ? 9.602   6.886   -4.125  1.00 0.75  ? 10 PRO A CB   1 
ATOM 127  C CG   . PRO A 1 8  ? 8.216   6.420   -3.631  1.00 0.57  ? 10 PRO A CG   1 
ATOM 128  C CD   . PRO A 1 8  ? 7.182   6.997   -4.611  1.00 0.48  ? 10 PRO A CD   1 
ATOM 129  H HA   . PRO A 1 8  ? 10.008  8.177   -5.803  1.00 0.98  ? 10 PRO A HA   1 
ATOM 130  H HB2  . PRO A 1 8  ? 10.311  6.074   -4.046  1.00 0.84  ? 10 PRO A HB2  1 
ATOM 131  H HB3  . PRO A 1 8  ? 9.931   7.729   -3.541  1.00 0.88  ? 10 PRO A HB3  1 
ATOM 132  H HG2  . PRO A 1 8  ? 8.171   5.342   -3.626  1.00 0.57  ? 10 PRO A HG2  1 
ATOM 133  H HG3  . PRO A 1 8  ? 8.030   6.803   -2.640  1.00 0.67  ? 10 PRO A HG3  1 
ATOM 134  H HD2  . PRO A 1 8  ? 6.534   6.217   -4.981  1.00 0.48  ? 10 PRO A HD2  1 
ATOM 135  H HD3  . PRO A 1 8  ? 6.607   7.775   -4.139  1.00 0.56  ? 10 PRO A HD3  1 
ATOM 136  N N    . GLU A 1 9  ? 11.062  6.149   -6.976  1.00 1.44  ? 11 GLU A N    1 
ATOM 137  C CA   . GLU A 1 9  ? 11.529  5.067   -7.887  1.00 1.67  ? 11 GLU A CA   1 
ATOM 138  C C    . GLU A 1 9  ? 12.525  4.175   -7.139  1.00 2.00  ? 11 GLU A C    1 
ATOM 139  O O    . GLU A 1 9  ? 13.724  4.325   -7.260  1.00 2.38  ? 11 GLU A O    1 
ATOM 140  C CB   . GLU A 1 9  ? 12.205  5.699   -9.106  1.00 1.97  ? 11 GLU A CB   1 
ATOM 141  C CG   . GLU A 1 9  ? 12.890  4.618   -9.944  1.00 2.77  ? 11 GLU A CG   1 
ATOM 142  C CD   . GLU A 1 9  ? 13.718  5.285   -11.043 1.00 3.20  ? 11 GLU A CD   1 
ATOM 143  O OE1  . GLU A 1 9  ? 14.276  6.337   -10.780 1.00 3.68  ? 11 GLU A OE1  1 
ATOM 144  O OE2  . GLU A 1 9  ? 13.776  4.734   -12.130 1.00 3.57  ? 11 GLU A OE2  1 
ATOM 145  H H    . GLU A 1 9  ? 11.677  6.866   -6.716  1.00 1.91  ? 11 GLU A H    1 
ATOM 146  H HA   . GLU A 1 9  ? 10.684  4.476   -8.207  1.00 1.90  ? 11 GLU A HA   1 
ATOM 147  H HB2  . GLU A 1 9  ? 11.460  6.199   -9.708  1.00 2.25  ? 11 GLU A HB2  1 
ATOM 148  H HB3  . GLU A 1 9  ? 12.941  6.417   -8.776  1.00 2.25  ? 11 GLU A HB3  1 
ATOM 149  H HG2  . GLU A 1 9  ? 13.536  4.026   -9.312  1.00 3.14  ? 11 GLU A HG2  1 
ATOM 150  H HG3  . GLU A 1 9  ? 12.143  3.982   -10.394 1.00 3.33  ? 11 GLU A HG3  1 
ATOM 151  N N    . ASP A 1 10 ? 12.031  3.250   -6.362  1.00 2.56  ? 12 ASP A N    1 
ATOM 152  C CA   . ASP A 1 10 ? 12.938  2.347   -5.600  1.00 3.14  ? 12 ASP A CA   1 
ATOM 153  C C    . ASP A 1 10 ? 12.531  0.892   -5.839  1.00 3.64  ? 12 ASP A C    1 
ATOM 154  O O    . ASP A 1 10 ? 13.166  -0.027  -5.361  1.00 4.02  ? 12 ASP A O    1 
ATOM 155  C CB   . ASP A 1 10 ? 12.837  2.670   -4.108  1.00 3.87  ? 12 ASP A CB   1 
ATOM 156  C CG   . ASP A 1 10 ? 14.099  3.408   -3.659  1.00 4.53  ? 12 ASP A CG   1 
ATOM 157  O OD1  . ASP A 1 10 ? 15.130  2.766   -3.547  1.00 4.98  ? 12 ASP A OD1  1 
ATOM 158  O OD2  . ASP A 1 10 ? 14.013  4.605   -3.436  1.00 5.01  ? 12 ASP A OD2  1 
ATOM 159  H H    . ASP A 1 10 ? 11.060  3.152   -6.277  1.00 2.93  ? 12 ASP A H    1 
ATOM 160  H HA   . ASP A 1 10 ? 13.955  2.494   -5.932  1.00 3.24  ? 12 ASP A HA   1 
ATOM 161  H HB2  . ASP A 1 10 ? 11.973  3.293   -3.934  1.00 4.04  ? 12 ASP A HB2  1 
ATOM 162  H HB3  . ASP A 1 10 ? 12.740  1.752   -3.545  1.00 4.28  ? 12 ASP A HB3  1 
ATOM 163  N N    . ASN A 1 11 ? 11.478  0.672   -6.581  1.00 4.08  ? 13 ASN A N    1 
ATOM 164  C CA   . ASN A 1 11 ? 11.040  -0.723  -6.853  1.00 4.81  ? 13 ASN A CA   1 
ATOM 165  C C    . ASN A 1 11 ? 12.227  -1.517  -7.399  1.00 4.88  ? 13 ASN A C    1 
ATOM 166  O O    . ASN A 1 11 ? 12.978  -1.035  -8.224  1.00 4.94  ? 13 ASN A O    1 
ATOM 167  C CB   . ASN A 1 11 ? 9.909   -0.711  -7.887  1.00 5.46  ? 13 ASN A CB   1 
ATOM 168  C CG   . ASN A 1 11 ? 10.478  -0.375  -9.267  1.00 6.12  ? 13 ASN A CG   1 
ATOM 169  O OD1  . ASN A 1 11 ? 10.565  -1.231  -10.125 1.00 6.39  ? 13 ASN A OD1  1 
ATOM 170  N ND2  . ASN A 1 11 ? 10.872  0.843   -9.518  1.00 6.72  ? 13 ASN A ND2  1 
ATOM 171  H H    . ASN A 1 11 ? 10.981  1.425   -6.962  1.00 4.18  ? 13 ASN A H    1 
ATOM 172  H HA   . ASN A 1 11 ? 10.691  -1.179  -5.939  1.00 5.19  ? 13 ASN A HA   1 
ATOM 173  H HB2  . ASN A 1 11 ? 9.439   -1.685  -7.917  1.00 5.61  ? 13 ASN A HB2  1 
ATOM 174  H HB3  . ASN A 1 11 ? 9.177   0.033   -7.611  1.00 5.74  ? 13 ASN A HB3  1 
ATOM 175  H HD21 . ASN A 1 11 ? 10.803  1.533   -8.826  1.00 6.75  ? 13 ASN A HD21 1 
ATOM 176  H HD22 . ASN A 1 11 ? 11.238  1.067   -10.399 1.00 7.31  ? 13 ASN A HD22 1 
ATOM 177  N N    . ARG A 1 12 ? 12.412  -2.723  -6.945  1.00 5.18  ? 14 ARG A N    1 
ATOM 178  C CA   . ARG A 1 12 ? 13.561  -3.529  -7.442  1.00 5.41  ? 14 ARG A CA   1 
ATOM 179  C C    . ARG A 1 12 ? 13.202  -5.014  -7.405  1.00 5.89  ? 14 ARG A C    1 
ATOM 180  O O    . ARG A 1 12 ? 12.994  -5.637  -8.428  1.00 6.44  ? 14 ARG A O    1 
ATOM 181  C CB   . ARG A 1 12 ? 14.780  -3.273  -6.552  1.00 5.30  ? 14 ARG A CB   1 
ATOM 182  C CG   . ARG A 1 12 ? 16.051  -3.695  -7.289  1.00 5.55  ? 14 ARG A CG   1 
ATOM 183  C CD   . ARG A 1 12 ? 17.273  -3.351  -6.435  1.00 6.23  ? 14 ARG A CD   1 
ATOM 184  N NE   . ARG A 1 12 ? 18.130  -4.561  -6.287  1.00 6.58  ? 14 ARG A NE   1 
ATOM 185  C CZ   . ARG A 1 12 ? 19.086  -4.585  -5.397  1.00 7.27  ? 14 ARG A CZ   1 
ATOM 186  N NH1  . ARG A 1 12 ? 19.295  -3.549  -4.629  1.00 7.67  ? 14 ARG A NH1  1 
ATOM 187  N NH2  . ARG A 1 12 ? 19.834  -5.647  -5.274  1.00 7.73  ? 14 ARG A NH2  1 
ATOM 188  H H    . ARG A 1 12 ? 11.802  -3.096  -6.276  1.00 5.43  ? 14 ARG A H    1 
ATOM 189  H HA   . ARG A 1 12 ? 13.791  -3.239  -8.456  1.00 5.63  ? 14 ARG A HA   1 
ATOM 190  H HB2  . ARG A 1 12 ? 14.834  -2.222  -6.311  1.00 5.28  ? 14 ARG A HB2  1 
ATOM 191  H HB3  . ARG A 1 12 ? 14.688  -3.846  -5.641  1.00 5.42  ? 14 ARG A HB3  1 
ATOM 192  H HG2  . ARG A 1 12 ? 16.026  -4.759  -7.470  1.00 5.75  ? 14 ARG A HG2  1 
ATOM 193  H HG3  . ARG A 1 12 ? 16.113  -3.169  -8.230  1.00 5.47  ? 14 ARG A HG3  1 
ATOM 194  H HD2  . ARG A 1 12 ? 17.839  -2.566  -6.915  1.00 6.54  ? 14 ARG A HD2  1 
ATOM 195  H HD3  . ARG A 1 12 ? 16.949  -3.017  -5.460  1.00 6.45  ? 14 ARG A HD3  1 
ATOM 196  H HE   . ARG A 1 12 ? 17.976  -5.342  -6.858  1.00 6.45  ? 14 ARG A HE   1 
ATOM 197  H HH11 . ARG A 1 12 ? 18.724  -2.734  -4.720  1.00 7.44  ? 14 ARG A HH11 1 
ATOM 198  H HH12 . ARG A 1 12 ? 20.029  -3.571  -3.950  1.00 8.32  ? 14 ARG A HH12 1 
ATOM 199  H HH21 . ARG A 1 12 ? 19.675  -6.441  -5.861  1.00 7.58  ? 14 ARG A HH21 1 
ATOM 200  H HH22 . ARG A 1 12 ? 20.567  -5.666  -4.594  1.00 8.35  ? 14 ARG A HH22 1 
ATOM 201  N N    . ARG A 1 13 ? 13.131  -5.588  -6.238  1.00 5.93  ? 15 ARG A N    1 
ATOM 202  C CA   . ARG A 1 13 ? 12.790  -7.034  -6.143  1.00 6.52  ? 15 ARG A CA   1 
ATOM 203  C C    . ARG A 1 13 ? 11.629  -7.223  -5.164  1.00 6.84  ? 15 ARG A C    1 
ATOM 204  O O    . ARG A 1 13 ? 10.928  -6.289  -4.827  1.00 7.09  ? 15 ARG A O    1 
ATOM 205  C CB   . ARG A 1 13 ? 14.006  -7.826  -5.644  1.00 6.72  ? 15 ARG A CB   1 
ATOM 206  C CG   . ARG A 1 13 ? 15.296  -7.063  -5.963  1.00 7.28  ? 15 ARG A CG   1 
ATOM 207  C CD   . ARG A 1 13 ? 15.714  -6.238  -4.743  1.00 7.81  ? 15 ARG A CD   1 
ATOM 208  N NE   . ARG A 1 13 ? 15.904  -7.142  -3.573  1.00 8.47  ? 15 ARG A NE   1 
ATOM 209  C CZ   . ARG A 1 13 ? 17.013  -7.820  -3.438  1.00 9.04  ? 15 ARG A CZ   1 
ATOM 210  N NH1  . ARG A 1 13 ? 17.960  -7.719  -4.331  1.00 9.07  ? 15 ARG A NH1  1 
ATOM 211  N NH2  . ARG A 1 13 ? 17.172  -8.605  -2.407  1.00 9.78  ? 15 ARG A NH2  1 
ATOM 212  H H    . ARG A 1 13 ? 13.303  -5.070  -5.425  1.00 5.73  ? 15 ARG A H    1 
ATOM 213  H HA   . ARG A 1 13 ? 12.500  -7.400  -7.116  1.00 6.83  ? 15 ARG A HA   1 
ATOM 214  H HB2  . ARG A 1 13 ? 13.928  -7.968  -4.577  1.00 6.75  ? 15 ARG A HB2  1 
ATOM 215  H HB3  . ARG A 1 13 ? 14.031  -8.788  -6.133  1.00 6.80  ? 15 ARG A HB3  1 
ATOM 216  H HG2  . ARG A 1 13 ? 16.079  -7.766  -6.209  1.00 7.34  ? 15 ARG A HG2  1 
ATOM 217  H HG3  . ARG A 1 13 ? 15.129  -6.404  -6.800  1.00 7.56  ? 15 ARG A HG3  1 
ATOM 218  H HD2  . ARG A 1 13 ? 16.639  -5.722  -4.956  1.00 7.90  ? 15 ARG A HD2  1 
ATOM 219  H HD3  . ARG A 1 13 ? 14.943  -5.515  -4.519  1.00 7.92  ? 15 ARG A HD3  1 
ATOM 220  H HE   . ARG A 1 13 ? 15.195  -7.225  -2.902  1.00 8.64  ? 15 ARG A HE   1 
ATOM 221  H HH11 . ARG A 1 13 ? 17.841  -7.123  -5.124  1.00 8.65  ? 15 ARG A HH11 1 
ATOM 222  H HH12 . ARG A 1 13 ? 18.807  -8.240  -4.221  1.00 9.64  ? 15 ARG A HH12 1 
ATOM 223  H HH21 . ARG A 1 13 ? 16.447  -8.686  -1.723  1.00 9.94  ? 15 ARG A HH21 1 
ATOM 224  H HH22 . ARG A 1 13 ? 18.020  -9.124  -2.301  1.00 10.31 ? 15 ARG A HH22 1 
ATOM 225  N N    . SER A 1 14 ? 11.423  -8.427  -4.707  1.00 7.05  ? 16 SER A N    1 
ATOM 226  C CA   . SER A 1 14 ? 10.309  -8.685  -3.752  1.00 7.49  ? 16 SER A CA   1 
ATOM 227  C C    . SER A 1 14 ? 10.871  -8.775  -2.329  1.00 7.33  ? 16 SER A C    1 
ATOM 228  O O    . SER A 1 14 ? 11.790  -8.067  -1.972  1.00 7.32  ? 16 SER A O    1 
ATOM 229  C CB   . SER A 1 14 ? 9.624   -10.002 -4.121  1.00 7.83  ? 16 SER A CB   1 
ATOM 230  O OG   . SER A 1 14 ? 9.300   -9.990  -5.505  1.00 8.35  ? 16 SER A OG   1 
ATOM 231  H H    . SER A 1 14 ? 12.001  -9.165  -4.994  1.00 7.06  ? 16 SER A H    1 
ATOM 232  H HA   . SER A 1 14 ? 9.592   -7.879  -3.806  1.00 7.94  ? 16 SER A HA   1 
ATOM 233  H HB2  . SER A 1 14 ? 10.290  -10.825 -3.920  1.00 7.91  ? 16 SER A HB2  1 
ATOM 234  H HB3  . SER A 1 14 ? 8.725   -10.117 -3.531  1.00 7.92  ? 16 SER A HB3  1 
ATOM 235  H HG   . SER A 1 14 ? 8.677   -9.275  -5.658  1.00 8.63  ? 16 SER A HG   1 
ATOM 236  N N    . PHE A 1 15 ? 10.325  -9.637  -1.511  1.00 7.47  ? 17 PHE A N    1 
ATOM 237  C CA   . PHE A 1 15 ? 10.836  -9.760  -0.116  1.00 7.51  ? 17 PHE A CA   1 
ATOM 238  C C    . PHE A 1 15 ? 10.438  -11.120 0.460   1.00 7.25  ? 17 PHE A C    1 
ATOM 239  O O    . PHE A 1 15 ? 11.236  -12.035 0.529   1.00 7.37  ? 17 PHE A O    1 
ATOM 240  C CB   . PHE A 1 15 ? 10.232  -8.648  0.746   1.00 8.09  ? 17 PHE A CB   1 
ATOM 241  C CG   . PHE A 1 15 ? 10.684  -7.307  0.224   1.00 8.81  ? 17 PHE A CG   1 
ATOM 242  C CD1  . PHE A 1 15 ? 11.948  -6.813  0.567   1.00 9.09  ? 17 PHE A CD1  1 
ATOM 243  C CD2  . PHE A 1 15 ? 9.840   -6.557  -0.605  1.00 9.46  ? 17 PHE A CD2  1 
ATOM 244  C CE1  . PHE A 1 15 ? 12.368  -5.569  0.082   1.00 9.97  ? 17 PHE A CE1  1 
ATOM 245  C CE2  . PHE A 1 15 ? 10.261  -5.313  -1.089  1.00 10.32 ? 17 PHE A CE2  1 
ATOM 246  C CZ   . PHE A 1 15 ? 11.525  -4.818  -0.746  1.00 10.55 ? 17 PHE A CZ   1 
ATOM 247  H H    . PHE A 1 15 ? 9.583   -10.200 -1.811  1.00 7.70  ? 17 PHE A H    1 
ATOM 248  H HA   . PHE A 1 15 ? 11.912  -9.670  -0.116  1.00 7.59  ? 17 PHE A HA   1 
ATOM 249  H HB2  . PHE A 1 15 ? 9.154   -8.707  0.706   1.00 8.18  ? 17 PHE A HB2  1 
ATOM 250  H HB3  . PHE A 1 15 ? 10.561  -8.766  1.768   1.00 8.15  ? 17 PHE A HB3  1 
ATOM 251  H HD1  . PHE A 1 15 ? 12.598  -7.391  1.206   1.00 8.81  ? 17 PHE A HD1  1 
ATOM 252  H HD2  . PHE A 1 15 ? 8.865   -6.938  -0.870  1.00 9.47  ? 17 PHE A HD2  1 
ATOM 253  H HE1  . PHE A 1 15 ? 13.344  -5.188  0.347   1.00 10.34 ? 17 PHE A HE1  1 
ATOM 254  H HE2  . PHE A 1 15 ? 9.611   -4.735  -1.728  1.00 10.94 ? 17 PHE A HE2  1 
ATOM 255  H HZ   . PHE A 1 15 ? 11.850  -3.859  -1.121  1.00 11.31 ? 17 PHE A HZ   1 
ATOM 256  N N    . GLN A 1 16 ? 9.211   -11.258 0.877   1.00 7.13  ? 18 GLN A N    1 
ATOM 257  C CA   . GLN A 1 16 ? 8.758   -12.556 1.452   1.00 7.02  ? 18 GLN A CA   1 
ATOM 258  C C    . GLN A 1 16 ? 7.436   -12.971 0.784   1.00 6.95  ? 18 GLN A C    1 
ATOM 259  O O    . GLN A 1 16 ? 7.442   -13.453 -0.330  1.00 7.05  ? 18 GLN A O    1 
ATOM 260  C CB   . GLN A 1 16 ? 8.576   -12.395 2.965   1.00 7.29  ? 18 GLN A CB   1 
ATOM 261  C CG   . GLN A 1 16 ? 8.009   -11.006 3.272   1.00 7.98  ? 18 GLN A CG   1 
ATOM 262  C CD   . GLN A 1 16 ? 9.133   -10.089 3.762   1.00 8.66  ? 18 GLN A CD   1 
ATOM 263  O OE1  . GLN A 1 16 ? 9.212   -8.943  3.366   1.00 8.97  ? 18 GLN A OE1  1 
ATOM 264  N NE2  . GLN A 1 16 ? 10.008  -10.544 4.615   1.00 9.12  ? 18 GLN A NE2  1 
ATOM 265  H H    . GLN A 1 16 ? 8.586   -10.506 0.814   1.00 7.28  ? 18 GLN A H    1 
ATOM 266  H HA   . GLN A 1 16 ? 9.506   -13.311 1.260   1.00 7.08  ? 18 GLN A HA   1 
ATOM 267  H HB2  . GLN A 1 16 ? 7.897   -13.148 3.329   1.00 7.45  ? 18 GLN A HB2  1 
ATOM 268  H HB3  . GLN A 1 16 ? 9.531   -12.505 3.454   1.00 7.17  ? 18 GLN A HB3  1 
ATOM 269  H HG2  . GLN A 1 16 ? 7.569   -10.590 2.378   1.00 8.02  ? 18 GLN A HG2  1 
ATOM 270  H HG3  . GLN A 1 16 ? 7.254   -11.087 4.040   1.00 8.23  ? 18 GLN A HG3  1 
ATOM 271  H HE21 . GLN A 1 16 ? 9.944   -11.467 4.939   1.00 9.02  ? 18 GLN A HE21 1 
ATOM 272  H HE22 . GLN A 1 16 ? 10.731  -9.964  4.932   1.00 9.70  ? 18 GLN A HE22 1 
ATOM 273  N N    . GLU A 1 17 ? 6.316   -12.771 1.456   1.00 7.04  ? 19 GLU A N    1 
ATOM 274  C CA   . GLU A 1 17 ? 4.968   -13.122 0.882   1.00 7.12  ? 19 GLU A CA   1 
ATOM 275  C C    . GLU A 1 17 ? 4.382   -14.464 1.405   1.00 6.66  ? 19 GLU A C    1 
ATOM 276  O O    . GLU A 1 17 ? 3.353   -14.876 0.906   1.00 6.67  ? 19 GLU A O    1 
ATOM 277  C CB   . GLU A 1 17 ? 5.032   -13.185 -0.647  1.00 7.46  ? 19 GLU A CB   1 
ATOM 278  C CG   . GLU A 1 17 ? 3.612   -13.220 -1.217  1.00 8.15  ? 19 GLU A CG   1 
ATOM 279  C CD   . GLU A 1 17 ? 3.389   -14.542 -1.954  1.00 8.78  ? 19 GLU A CD   1 
ATOM 280  O OE1  . GLU A 1 17 ? 4.006   -14.730 -2.990  1.00 9.21  ? 19 GLU A OE1  1 
ATOM 281  O OE2  . GLU A 1 17 ? 2.606   -15.343 -1.470  1.00 9.03  ? 19 GLU A OE2  1 
ATOM 282  H H    . GLU A 1 17 ? 6.358   -12.370 2.347   1.00 7.21  ? 19 GLU A H    1 
ATOM 283  H HA   . GLU A 1 17 ? 4.280   -12.334 1.152   1.00 7.51  ? 19 GLU A HA   1 
ATOM 284  H HB2  . GLU A 1 17 ? 5.551   -12.315 -1.021  1.00 7.43  ? 19 GLU A HB2  1 
ATOM 285  H HB3  . GLU A 1 17 ? 5.558   -14.078 -0.949  1.00 7.53  ? 19 GLU A HB3  1 
ATOM 286  H HG2  . GLU A 1 17 ? 2.898   -13.130 -0.410  1.00 8.20  ? 19 GLU A HG2  1 
ATOM 287  H HG3  . GLU A 1 17 ? 3.480   -12.399 -1.905  1.00 8.39  ? 19 GLU A HG3  1 
ATOM 288  N N    . PRO A 1 18 ? 4.989   -15.117 2.382   1.00 6.52  ? 20 PRO A N    1 
ATOM 289  C CA   . PRO A 1 18 ? 4.435   -16.380 2.907   1.00 6.28  ? 20 PRO A CA   1 
ATOM 290  C C    . PRO A 1 18 ? 3.259   -16.080 3.841   1.00 5.89  ? 20 PRO A C    1 
ATOM 291  O O    . PRO A 1 18 ? 2.504   -16.956 4.212   1.00 6.16  ? 20 PRO A O    1 
ATOM 292  C CB   . PRO A 1 18 ? 5.597   -17.000 3.684   1.00 6.60  ? 20 PRO A CB   1 
ATOM 293  C CG   . PRO A 1 18 ? 6.539   -15.834 4.048   1.00 6.91  ? 20 PRO A CG   1 
ATOM 294  C CD   . PRO A 1 18 ? 6.241   -14.703 3.047   1.00 6.88  ? 20 PRO A CD   1 
ATOM 295  H HA   . PRO A 1 18 ? 4.132   -17.032 2.103   1.00 6.45  ? 20 PRO A HA   1 
ATOM 296  H HB2  . PRO A 1 18 ? 5.228   -17.480 4.582   1.00 6.48  ? 20 PRO A HB2  1 
ATOM 297  H HB3  . PRO A 1 18 ? 6.120   -17.712 3.067   1.00 6.95  ? 20 PRO A HB3  1 
ATOM 298  H HG2  . PRO A 1 18 ? 6.342   -15.501 5.058   1.00 6.89  ? 20 PRO A HG2  1 
ATOM 299  H HG3  . PRO A 1 18 ? 7.568   -16.143 3.951   1.00 7.38  ? 20 PRO A HG3  1 
ATOM 300  H HD2  . PRO A 1 18 ? 6.105   -13.764 3.566   1.00 6.95  ? 20 PRO A HD2  1 
ATOM 301  H HD3  . PRO A 1 18 ? 7.037   -14.628 2.327   1.00 7.23  ? 20 PRO A HD3  1 
ATOM 302  N N    . GLU A 1 19 ? 3.106   -14.841 4.228   1.00 5.51  ? 21 GLU A N    1 
ATOM 303  C CA   . GLU A 1 19 ? 1.988   -14.473 5.142   1.00 5.24  ? 21 GLU A CA   1 
ATOM 304  C C    . GLU A 1 19 ? 0.653   -14.869 4.508   1.00 4.46  ? 21 GLU A C    1 
ATOM 305  O O    . GLU A 1 19 ? 0.596   -15.295 3.372   1.00 4.58  ? 21 GLU A O    1 
ATOM 306  C CB   . GLU A 1 19 ? 2.007   -12.962 5.386   1.00 5.85  ? 21 GLU A CB   1 
ATOM 307  C CG   . GLU A 1 19 ? 1.206   -12.642 6.650   1.00 6.67  ? 21 GLU A CG   1 
ATOM 308  C CD   . GLU A 1 19 ? 1.997   -11.665 7.522   1.00 7.60  ? 21 GLU A CD   1 
ATOM 309  O OE1  . GLU A 1 19 ? 2.968   -11.115 7.031   1.00 8.09  ? 21 GLU A OE1  1 
ATOM 310  O OE2  . GLU A 1 19 ? 1.618   -11.485 8.668   1.00 8.03  ? 21 GLU A OE2  1 
ATOM 311  H H    . GLU A 1 19 ? 3.730   -14.152 3.918   1.00 5.60  ? 21 GLU A H    1 
ATOM 312  H HA   . GLU A 1 19 ? 2.108   -14.991 6.081   1.00 5.49  ? 21 GLU A HA   1 
ATOM 313  H HB2  . GLU A 1 19 ? 3.027   -12.630 5.511   1.00 5.96  ? 21 GLU A HB2  1 
ATOM 314  H HB3  . GLU A 1 19 ? 1.562   -12.454 4.543   1.00 5.95  ? 21 GLU A HB3  1 
ATOM 315  H HG2  . GLU A 1 19 ? 0.261   -12.197 6.374   1.00 6.81  ? 21 GLU A HG2  1 
ATOM 316  H HG3  . GLU A 1 19 ? 1.028   -13.552 7.203   1.00 6.77  ? 21 GLU A HG3  1 
ATOM 317  N N    . GLU A 1 20 ? -0.420  -14.731 5.236   1.00 3.97  ? 22 GLU A N    1 
ATOM 318  C CA   . GLU A 1 20 ? -1.751  -15.098 4.678   1.00 3.51  ? 22 GLU A CA   1 
ATOM 319  C C    . GLU A 1 20 ? -2.308  -13.922 3.870   1.00 2.46  ? 22 GLU A C    1 
ATOM 320  O O    . GLU A 1 20 ? -2.043  -13.785 2.693   1.00 2.80  ? 22 GLU A O    1 
ATOM 321  C CB   . GLU A 1 20 ? -2.709  -15.434 5.822   1.00 3.86  ? 22 GLU A CB   1 
ATOM 322  C CG   . GLU A 1 20 ? -4.131  -15.565 5.274   1.00 4.58  ? 22 GLU A CG   1 
ATOM 323  C CD   . GLU A 1 20 ? -4.951  -16.475 6.190   1.00 4.87  ? 22 GLU A CD   1 
ATOM 324  O OE1  . GLU A 1 20 ? -4.576  -17.626 6.339   1.00 5.26  ? 22 GLU A OE1  1 
ATOM 325  O OE2  . GLU A 1 20 ? -5.940  -16.004 6.728   1.00 4.99  ? 22 GLU A OE2  1 
ATOM 326  H H    . GLU A 1 20 ? -0.351  -14.384 6.151   1.00 4.17  ? 22 GLU A H    1 
ATOM 327  H HA   . GLU A 1 20 ? -1.645  -15.958 4.033   1.00 4.11  ? 22 GLU A HA   1 
ATOM 328  H HB2  . GLU A 1 20 ? -2.411  -16.367 6.279   1.00 4.17  ? 22 GLU A HB2  1 
ATOM 329  H HB3  . GLU A 1 20 ? -2.681  -14.646 6.559   1.00 3.77  ? 22 GLU A HB3  1 
ATOM 330  H HG2  . GLU A 1 20 ? -4.590  -14.588 5.230   1.00 4.87  ? 22 GLU A HG2  1 
ATOM 331  H HG3  . GLU A 1 20 ? -4.097  -15.993 4.283   1.00 4.95  ? 22 GLU A HG3  1 
ATOM 332  N N    . THR A 1 21 ? -3.078  -13.073 4.495   1.00 1.72  ? 23 THR A N    1 
ATOM 333  C CA   . THR A 1 21 ? -3.650  -11.909 3.764   1.00 1.29  ? 23 THR A CA   1 
ATOM 334  C C    . THR A 1 21 ? -2.697  -10.717 3.863   1.00 1.20  ? 23 THR A C    1 
ATOM 335  O O    . THR A 1 21 ? -2.627  -9.889  2.976   1.00 1.81  ? 23 THR A O    1 
ATOM 336  C CB   . THR A 1 21 ? -4.989  -11.538 4.381   1.00 1.88  ? 23 THR A CB   1 
ATOM 337  O OG1  . THR A 1 21 ? -5.686  -12.721 4.747   1.00 2.73  ? 23 THR A OG1  1 
ATOM 338  C CG2  . THR A 1 21 ? -5.819  -10.740 3.374   1.00 2.57  ? 23 THR A CG2  1 
ATOM 339  H H    . THR A 1 21 ? -3.281  -13.199 5.445   1.00 2.10  ? 23 THR A H    1 
ATOM 340  H HA   . THR A 1 21 ? -3.798  -12.163 2.737   1.00 1.71  ? 23 THR A HA   1 
ATOM 341  H HB   . THR A 1 21 ? -4.813  -10.941 5.247   1.00 2.15  ? 23 THR A HB   1 
ATOM 342  H HG1  . THR A 1 21 ? -5.871  -13.216 3.947   1.00 3.12  ? 23 THR A HG1  1 
ATOM 343  H HG21 . THR A 1 21 ? -5.161  -10.236 2.683   1.00 2.93  ? 23 THR A HG21 1 
ATOM 344  H HG22 . THR A 1 21 ? -6.467  -11.411 2.830   1.00 2.95  ? 23 THR A HG22 1 
ATOM 345  H HG23 . THR A 1 21 ? -6.417  -10.009 3.900   1.00 3.08  ? 23 THR A HG23 1 
ATOM 346  N N    . LEU A 1 22 ? -1.963  -10.623 4.939   1.00 0.86  ? 24 LEU A N    1 
ATOM 347  C CA   . LEU A 1 22 ? -1.016  -9.483  5.099   1.00 0.76  ? 24 LEU A CA   1 
ATOM 348  C C    . LEU A 1 22 ? 0.090   -9.582  4.046   1.00 0.68  ? 24 LEU A C    1 
ATOM 349  O O    . LEU A 1 22 ? 0.433   -10.656 3.594   1.00 0.87  ? 24 LEU A O    1 
ATOM 350  C CB   . LEU A 1 22 ? -0.394  -9.534  6.496   1.00 0.80  ? 24 LEU A CB   1 
ATOM 351  C CG   . LEU A 1 22 ? 0.214   -8.174  6.835   1.00 0.79  ? 24 LEU A CG   1 
ATOM 352  C CD1  . LEU A 1 22 ? -0.824  -7.317  7.563   1.00 0.66  ? 24 LEU A CD1  1 
ATOM 353  C CD2  . LEU A 1 22 ? 1.433   -8.374  7.739   1.00 1.01  ? 24 LEU A CD2  1 
ATOM 354  H H    . LEU A 1 22 ? -2.037  -11.300 5.642   1.00 1.18  ? 24 LEU A H    1 
ATOM 355  H HA   . LEU A 1 22 ? -1.548  -8.553  4.976   1.00 0.82  ? 24 LEU A HA   1 
ATOM 356  H HB2  . LEU A 1 22 ? -1.157  -9.780  7.221   1.00 0.91  ? 24 LEU A HB2  1 
ATOM 357  H HB3  . LEU A 1 22 ? 0.379   -10.288 6.519   1.00 0.94  ? 24 LEU A HB3  1 
ATOM 358  H HG   . LEU A 1 22 ? 0.516   -7.677  5.925   1.00 0.97  ? 24 LEU A HG   1 
ATOM 359  H HD11 . LEU A 1 22 ? -1.768  -7.373  7.039   1.00 1.16  ? 24 LEU A HD11 1 
ATOM 360  H HD12 . LEU A 1 22 ? -0.951  -7.684  8.571   1.00 1.25  ? 24 LEU A HD12 1 
ATOM 361  H HD13 . LEU A 1 22 ? -0.488  -6.291  7.592   1.00 1.18  ? 24 LEU A HD13 1 
ATOM 362  H HD21 . LEU A 1 22 ? 2.131   -9.043  7.258   1.00 1.41  ? 24 LEU A HD21 1 
ATOM 363  H HD22 . LEU A 1 22 ? 1.911   -7.422  7.916   1.00 1.27  ? 24 LEU A HD22 1 
ATOM 364  H HD23 . LEU A 1 22 ? 1.117   -8.799  8.680   1.00 1.66  ? 24 LEU A HD23 1 
ATOM 365  N N    . VAL A 1 23 ? 0.654   -8.471  3.651   1.00 0.49  ? 25 VAL A N    1 
ATOM 366  C CA   . VAL A 1 23 ? 1.738   -8.516  2.627   1.00 0.46  ? 25 VAL A CA   1 
ATOM 367  C C    . VAL A 1 23 ? 2.853   -7.523  3.001   1.00 0.44  ? 25 VAL A C    1 
ATOM 368  O O    . VAL A 1 23 ? 3.504   -7.678  4.015   1.00 0.77  ? 25 VAL A O    1 
ATOM 369  C CB   . VAL A 1 23 ? 1.153   -8.178  1.253   1.00 0.47  ? 25 VAL A CB   1 
ATOM 370  C CG1  . VAL A 1 23 ? 0.407   -9.396  0.705   1.00 0.79  ? 25 VAL A CG1  1 
ATOM 371  C CG2  . VAL A 1 23 ? 0.179   -7.005  1.387   1.00 0.74  ? 25 VAL A CG2  1 
ATOM 372  H H    . VAL A 1 23 ? 0.365   -7.612  4.027   1.00 0.50  ? 25 VAL A H    1 
ATOM 373  H HA   . VAL A 1 23 ? 2.152   -9.514  2.599   1.00 0.53  ? 25 VAL A HA   1 
ATOM 374  H HB   . VAL A 1 23 ? 1.951   -7.913  0.575   1.00 0.75  ? 25 VAL A HB   1 
ATOM 375  H HG11 . VAL A 1 23 ? 0.747   -10.286 1.214   1.00 1.44  ? 25 VAL A HG11 1 
ATOM 376  H HG12 . VAL A 1 23 ? -0.653  -9.272  0.867   1.00 1.23  ? 25 VAL A HG12 1 
ATOM 377  H HG13 . VAL A 1 23 ? 0.601   -9.490  -0.354  1.00 1.37  ? 25 VAL A HG13 1 
ATOM 378  H HG21 . VAL A 1 23 ? -0.446  -7.154  2.255   1.00 1.10  ? 25 VAL A HG21 1 
ATOM 379  H HG22 . VAL A 1 23 ? 0.735   -6.086  1.497   1.00 1.26  ? 25 VAL A HG22 1 
ATOM 380  H HG23 . VAL A 1 23 ? -0.439  -6.949  0.503   1.00 1.40  ? 25 VAL A HG23 1 
ATOM 381  N N    . ILE A 1 24 ? 3.089   -6.509  2.201   1.00 0.50  ? 26 ILE A N    1 
ATOM 382  C CA   . ILE A 1 24 ? 4.165   -5.540  2.533   1.00 0.47  ? 26 ILE A CA   1 
ATOM 383  C C    . ILE A 1 24 ? 3.947   -4.233  1.777   1.00 0.41  ? 26 ILE A C    1 
ATOM 384  O O    . ILE A 1 24 ? 3.551   -3.235  2.346   1.00 0.44  ? 26 ILE A O    1 
ATOM 385  C CB   . ILE A 1 24 ? 5.535   -6.118  2.149   1.00 0.52  ? 26 ILE A CB   1 
ATOM 386  C CG1  . ILE A 1 24 ? 5.363   -7.244  1.123   1.00 0.85  ? 26 ILE A CG1  1 
ATOM 387  C CG2  . ILE A 1 24 ? 6.230   -6.670  3.395   1.00 0.91  ? 26 ILE A CG2  1 
ATOM 388  C CD1  . ILE A 1 24 ? 6.645   -7.384  0.297   1.00 1.07  ? 26 ILE A CD1  1 
ATOM 389  H H    . ILE A 1 24 ? 2.571   -6.388  1.393   1.00 0.82  ? 26 ILE A H    1 
ATOM 390  H HA   . ILE A 1 24 ? 4.146   -5.339  3.583   1.00 0.54  ? 26 ILE A HA   1 
ATOM 391  H HB   . ILE A 1 24 ? 6.140   -5.335  1.722   1.00 0.81  ? 26 ILE A HB   1 
ATOM 392  H HG12 . ILE A 1 24 ? 5.164   -8.174  1.638   1.00 1.55  ? 26 ILE A HG12 1 
ATOM 393  H HG13 . ILE A 1 24 ? 4.539   -7.012  0.466   1.00 1.56  ? 26 ILE A HG13 1 
ATOM 394  H HG21 . ILE A 1 24 ? 5.579   -7.375  3.888   1.00 1.47  ? 26 ILE A HG21 1 
ATOM 395  H HG22 . ILE A 1 24 ? 7.145   -7.165  3.106   1.00 1.23  ? 26 ILE A HG22 1 
ATOM 396  H HG23 . ILE A 1 24 ? 6.458   -5.858  4.070   1.00 1.58  ? 26 ILE A HG23 1 
ATOM 397  H HD11 . ILE A 1 24 ? 7.502   -7.359  0.955   1.00 1.44  ? 26 ILE A HD11 1 
ATOM 398  H HD12 . ILE A 1 24 ? 6.629   -8.322  -0.237  1.00 1.74  ? 26 ILE A HD12 1 
ATOM 399  H HD13 . ILE A 1 24 ? 6.709   -6.569  -0.409  1.00 1.63  ? 26 ILE A HD13 1 
ATOM 400  N N    . ALA A 1 25 ? 4.222   -4.219  0.505   1.00 0.39  ? 27 ALA A N    1 
ATOM 401  C CA   . ALA A 1 25 ? 4.050   -2.962  -0.272  1.00 0.41  ? 27 ALA A CA   1 
ATOM 402  C C    . ALA A 1 25 ? 5.027   -1.923  0.278   1.00 0.54  ? 27 ALA A C    1 
ATOM 403  O O    . ALA A 1 25 ? 4.636   -0.888  0.782   1.00 1.09  ? 27 ALA A O    1 
ATOM 404  C CB   . ALA A 1 25 ? 2.617   -2.459  -0.122  1.00 0.52  ? 27 ALA A CB   1 
ATOM 405  H H    . ALA A 1 25 ? 4.555   -5.029  0.067   1.00 0.42  ? 27 ALA A H    1 
ATOM 406  H HA   . ALA A 1 25 ? 4.261   -3.148  -1.312  1.00 0.39  ? 27 ALA A HA   1 
ATOM 407  H HB1  . ALA A 1 25 ? 2.187   -2.860  0.784   1.00 1.17  ? 27 ALA A HB1  1 
ATOM 408  H HB2  . ALA A 1 25 ? 2.616   -1.381  -0.076  1.00 1.06  ? 27 ALA A HB2  1 
ATOM 409  H HB3  . ALA A 1 25 ? 2.033   -2.784  -0.972  1.00 1.17  ? 27 ALA A HB3  1 
ATOM 410  N N    . LEU A 1 26 ? 6.299   -2.208  0.203   1.00 0.29  ? 28 LEU A N    1 
ATOM 411  C CA   . LEU A 1 26 ? 7.320   -1.264  0.739   1.00 0.32  ? 28 LEU A CA   1 
ATOM 412  C C    . LEU A 1 26 ? 7.343   0.024   -0.087  1.00 0.29  ? 28 LEU A C    1 
ATOM 413  O O    . LEU A 1 26 ? 8.037   0.128   -1.078  1.00 0.37  ? 28 LEU A O    1 
ATOM 414  C CB   . LEU A 1 26 ? 8.696   -1.932  0.686   1.00 0.39  ? 28 LEU A CB   1 
ATOM 415  C CG   . LEU A 1 26 ? 9.018   -2.562  2.046   1.00 0.67  ? 28 LEU A CG   1 
ATOM 416  C CD1  . LEU A 1 26 ? 7.787   -3.298  2.587   1.00 1.20  ? 28 LEU A CD1  1 
ATOM 417  C CD2  . LEU A 1 26 ? 10.170  -3.558  1.884   1.00 1.53  ? 28 LEU A CD2  1 
ATOM 418  H H    . LEU A 1 26 ? 6.584   -3.058  -0.194  1.00 0.59  ? 28 LEU A H    1 
ATOM 419  H HA   . LEU A 1 26 ? 7.081   -1.025  1.763   1.00 0.40  ? 28 LEU A HA   1 
ATOM 420  H HB2  . LEU A 1 26 ? 8.693   -2.698  -0.075  1.00 0.51  ? 28 LEU A HB2  1 
ATOM 421  H HB3  . LEU A 1 26 ? 9.446   -1.193  0.449   1.00 0.77  ? 28 LEU A HB3  1 
ATOM 422  H HG   . LEU A 1 26 ? 9.307   -1.787  2.739   1.00 1.60  ? 28 LEU A HG   1 
ATOM 423  H HD11 . LEU A 1 26 ? 7.455   -4.024  1.862   1.00 1.78  ? 28 LEU A HD11 1 
ATOM 424  H HD12 . LEU A 1 26 ? 8.042   -3.800  3.510   1.00 1.60  ? 28 LEU A HD12 1 
ATOM 425  H HD13 . LEU A 1 26 ? 6.995   -2.587  2.773   1.00 1.85  ? 28 LEU A HD13 1 
ATOM 426  H HD21 . LEU A 1 26 ? 10.880  -3.173  1.166   1.00 2.11  ? 28 LEU A HD21 1 
ATOM 427  H HD22 . LEU A 1 26 ? 10.660  -3.698  2.836   1.00 2.07  ? 28 LEU A HD22 1 
ATOM 428  H HD23 . LEU A 1 26 ? 9.781   -4.504  1.536   1.00 2.03  ? 28 LEU A HD23 1 
ATOM 429  N N    . TYR A 1 27 ? 6.591   1.008   0.323   1.00 0.25  ? 29 TYR A N    1 
ATOM 430  C CA   . TYR A 1 27 ? 6.569   2.295   -0.427  1.00 0.24  ? 29 TYR A CA   1 
ATOM 431  C C    . TYR A 1 27 ? 6.267   3.448   0.537   1.00 0.27  ? 29 TYR A C    1 
ATOM 432  O O    . TYR A 1 27 ? 5.421   3.339   1.402   1.00 0.32  ? 29 TYR A O    1 
ATOM 433  C CB   . TYR A 1 27 ? 5.483   2.233   -1.495  1.00 0.25  ? 29 TYR A CB   1 
ATOM 434  C CG   . TYR A 1 27 ? 6.105   2.301   -2.869  1.00 0.27  ? 29 TYR A CG   1 
ATOM 435  C CD1  . TYR A 1 27 ? 6.499   3.536   -3.400  1.00 1.09  ? 29 TYR A CD1  1 
ATOM 436  C CD2  . TYR A 1 27 ? 6.273   1.132   -3.620  1.00 1.10  ? 29 TYR A CD2  1 
ATOM 437  C CE1  . TYR A 1 27 ? 7.052   3.600   -4.675  1.00 1.12  ? 29 TYR A CE1  1 
ATOM 438  C CE2  . TYR A 1 27 ? 6.830   1.199   -4.903  1.00 1.11  ? 29 TYR A CE2  1 
ATOM 439  C CZ   . TYR A 1 27 ? 7.217   2.435   -5.432  1.00 0.43  ? 29 TYR A CZ   1 
ATOM 440  O OH   . TYR A 1 27 ? 7.767   2.503   -6.697  1.00 0.53  ? 29 TYR A OH   1 
ATOM 441  H H    . TYR A 1 27 ? 6.041   0.901   1.126   1.00 0.27  ? 29 TYR A H    1 
ATOM 442  H HA   . TYR A 1 27 ? 7.528   2.456   -0.896  1.00 0.24  ? 29 TYR A HA   1 
ATOM 443  H HB2  . TYR A 1 27 ? 4.935   1.308   -1.395  1.00 0.25  ? 29 TYR A HB2  1 
ATOM 444  H HB3  . TYR A 1 27 ? 4.806   3.066   -1.367  1.00 0.30  ? 29 TYR A HB3  1 
ATOM 445  H HD1  . TYR A 1 27 ? 6.390   4.440   -2.821  1.00 1.88  ? 29 TYR A HD1  1 
ATOM 446  H HD2  . TYR A 1 27 ? 5.970   0.179   -3.212  1.00 1.89  ? 29 TYR A HD2  1 
ATOM 447  H HE1  . TYR A 1 27 ? 7.337   4.554   -5.079  1.00 1.92  ? 29 TYR A HE1  1 
ATOM 448  H HE2  . TYR A 1 27 ? 6.963   0.298   -5.482  1.00 1.90  ? 29 TYR A HE2  1 
ATOM 449  H HH   . TYR A 1 27 ? 7.049   2.565   -7.329  1.00 0.96  ? 29 TYR A HH   1 
ATOM 450  N N    . ASP A 1 28 ? 6.946   4.554   0.390   1.00 0.29  ? 30 ASP A N    1 
ATOM 451  C CA   . ASP A 1 28 ? 6.690   5.715   1.293   1.00 0.34  ? 30 ASP A CA   1 
ATOM 452  C C    . ASP A 1 28 ? 5.614   6.604   0.668   1.00 0.30  ? 30 ASP A C    1 
ATOM 453  O O    . ASP A 1 28 ? 5.897   7.659   0.137   1.00 0.41  ? 30 ASP A O    1 
ATOM 454  C CB   . ASP A 1 28 ? 7.978   6.521   1.473   1.00 0.40  ? 30 ASP A CB   1 
ATOM 455  C CG   . ASP A 1 28 ? 8.877   5.827   2.498   1.00 1.03  ? 30 ASP A CG   1 
ATOM 456  O OD1  . ASP A 1 28 ? 8.669   6.040   3.679   1.00 1.79  ? 30 ASP A OD1  1 
ATOM 457  O OD2  . ASP A 1 28 ? 9.758   5.093   2.081   1.00 1.70  ? 30 ASP A OD2  1 
ATOM 458  H H    . ASP A 1 28 ? 7.618   4.624   -0.318  1.00 0.31  ? 30 ASP A H    1 
ATOM 459  H HA   . ASP A 1 28 ? 6.349   5.357   2.254   1.00 0.37  ? 30 ASP A HA   1 
ATOM 460  H HB2  . ASP A 1 28 ? 8.495   6.591   0.527   1.00 0.93  ? 30 ASP A HB2  1 
ATOM 461  H HB3  . ASP A 1 28 ? 7.735   7.513   1.824   1.00 0.87  ? 30 ASP A HB3  1 
ATOM 462  N N    . TYR A 1 29 ? 4.381   6.181   0.721   1.00 0.32  ? 31 TYR A N    1 
ATOM 463  C CA   . TYR A 1 29 ? 3.281   6.988   0.120   1.00 0.30  ? 31 TYR A CA   1 
ATOM 464  C C    . TYR A 1 29 ? 2.906   8.140   1.056   1.00 0.31  ? 31 TYR A C    1 
ATOM 465  O O    . TYR A 1 29 ? 2.778   7.969   2.253   1.00 0.39  ? 31 TYR A O    1 
ATOM 466  C CB   . TYR A 1 29 ? 2.073   6.078   -0.120  1.00 0.31  ? 31 TYR A CB   1 
ATOM 467  C CG   . TYR A 1 29 ? 0.832   6.911   -0.337  1.00 0.31  ? 31 TYR A CG   1 
ATOM 468  C CD1  . TYR A 1 29 ? 0.898   8.065   -1.120  1.00 1.24  ? 31 TYR A CD1  1 
ATOM 469  C CD2  . TYR A 1 29 ? -0.385  6.525   0.237   1.00 1.12  ? 31 TYR A CD2  1 
ATOM 470  C CE1  . TYR A 1 29 ? -0.246  8.836   -1.332  1.00 1.26  ? 31 TYR A CE1  1 
ATOM 471  C CE2  . TYR A 1 29 ? -1.533  7.296   0.028   1.00 1.11  ? 31 TYR A CE2  1 
ATOM 472  C CZ   . TYR A 1 29 ? -1.464  8.453   -0.758  1.00 0.34  ? 31 TYR A CZ   1 
ATOM 473  O OH   . TYR A 1 29 ? -2.596  9.213   -0.972  1.00 0.36  ? 31 TYR A OH   1 
ATOM 474  H H    . TYR A 1 29 ? 4.178   5.323   1.154   1.00 0.44  ? 31 TYR A H    1 
ATOM 475  H HA   . TYR A 1 29 ? 3.608   7.397   -0.824  1.00 0.30  ? 31 TYR A HA   1 
ATOM 476  H HB2  . TYR A 1 29 ? 2.251   5.471   -0.993  1.00 0.31  ? 31 TYR A HB2  1 
ATOM 477  H HB3  . TYR A 1 29 ? 1.934   5.440   0.732   1.00 0.32  ? 31 TYR A HB3  1 
ATOM 478  H HD1  . TYR A 1 29 ? 1.835   8.363   -1.561  1.00 2.09  ? 31 TYR A HD1  1 
ATOM 479  H HD2  . TYR A 1 29 ? -0.437  5.632   0.844   1.00 1.99  ? 31 TYR A HD2  1 
ATOM 480  H HE1  . TYR A 1 29 ? -0.190  9.727   -1.937  1.00 2.13  ? 31 TYR A HE1  1 
ATOM 481  H HE2  . TYR A 1 29 ? -2.470  7.001   0.474   1.00 1.96  ? 31 TYR A HE2  1 
ATOM 482  H HH   . TYR A 1 29 ? -2.317  10.105  -1.191  1.00 0.94  ? 31 TYR A HH   1 
ATOM 483  N N    . GLN A 1 30 ? 2.734   9.314   0.510   1.00 0.31  ? 32 GLN A N    1 
ATOM 484  C CA   . GLN A 1 30 ? 2.373   10.493  1.345   1.00 0.34  ? 32 GLN A CA   1 
ATOM 485  C C    . GLN A 1 30 ? 0.851   10.607  1.436   1.00 0.46  ? 32 GLN A C    1 
ATOM 486  O O    . GLN A 1 30 ? 0.161   10.640  0.437   1.00 1.26  ? 32 GLN A O    1 
ATOM 487  C CB   . GLN A 1 30 ? 2.934   11.757  0.693   1.00 0.40  ? 32 GLN A CB   1 
ATOM 488  C CG   . GLN A 1 30 ? 4.415   11.552  0.379   1.00 1.13  ? 32 GLN A CG   1 
ATOM 489  C CD   . GLN A 1 30 ? 5.117   12.910  0.330   1.00 1.83  ? 32 GLN A CD   1 
ATOM 490  O OE1  . GLN A 1 30 ? 5.256   13.573  1.339   1.00 2.30  ? 32 GLN A OE1  1 
ATOM 491  N NE2  . GLN A 1 30 ? 5.568   13.356  -0.810  1.00 2.57  ? 32 GLN A NE2  1 
ATOM 492  H H    . GLN A 1 30 ? 2.850   9.422   -0.455  1.00 0.33  ? 32 GLN A H    1 
ATOM 493  H HA   . GLN A 1 30 ? 2.789   10.380  2.334   1.00 0.34  ? 32 GLN A HA   1 
ATOM 494  H HB2  . GLN A 1 30 ? 2.395   11.956  -0.224  1.00 0.93  ? 32 GLN A HB2  1 
ATOM 495  H HB3  . GLN A 1 30 ? 2.820   12.591  1.367   1.00 1.00  ? 32 GLN A HB3  1 
ATOM 496  H HG2  . GLN A 1 30 ? 4.865   10.941  1.148   1.00 1.61  ? 32 GLN A HG2  1 
ATOM 497  H HG3  . GLN A 1 30 ? 4.516   11.062  -0.577  1.00 1.58  ? 32 GLN A HG3  1 
ATOM 498  H HE21 . GLN A 1 30 ? 5.455   12.822  -1.625  1.00 2.84  ? 32 GLN A HE21 1 
ATOM 499  H HE22 . GLN A 1 30 ? 6.020   14.224  -0.853  1.00 3.13  ? 32 GLN A HE22 1 
ATOM 500  N N    . THR A 1 31 ? 0.320   10.672  2.624   1.00 0.55  ? 33 THR A N    1 
ATOM 501  C CA   . THR A 1 31 ? -1.156  10.785  2.771   1.00 0.42  ? 33 THR A CA   1 
ATOM 502  C C    . THR A 1 31 ? -1.504  11.160  4.219   1.00 0.52  ? 33 THR A C    1 
ATOM 503  O O    . THR A 1 31 ? -0.929  10.651  5.160   1.00 0.70  ? 33 THR A O    1 
ATOM 504  C CB   . THR A 1 31 ? -1.802  9.447   2.347   1.00 0.33  ? 33 THR A CB   1 
ATOM 505  O OG1  . THR A 1 31 ? -2.716  9.685   1.289   1.00 0.57  ? 33 THR A OG1  1 
ATOM 506  C CG2  . THR A 1 31 ? -2.548  8.791   3.514   1.00 0.49  ? 33 THR A CG2  1 
ATOM 507  H H    . THR A 1 31 ? 0.893   10.646  3.420   1.00 1.20  ? 33 THR A H    1 
ATOM 508  H HA   . THR A 1 31 ? -1.512  11.567  2.116   1.00 0.58  ? 33 THR A HA   1 
ATOM 509  H HB   . THR A 1 31 ? -1.028  8.771   2.010   1.00 0.33  ? 33 THR A HB   1 
ATOM 510  H HG1  . THR A 1 31 ? -3.272  10.426  1.540   1.00 0.97  ? 33 THR A HG1  1 
ATOM 511  H HG21 . THR A 1 31 ? -1.953  8.868   4.412   1.00 1.11  ? 33 THR A HG21 1 
ATOM 512  H HG22 . THR A 1 31 ? -3.494  9.291   3.663   1.00 1.26  ? 33 THR A HG22 1 
ATOM 513  H HG23 . THR A 1 31 ? -2.721  7.751   3.285   1.00 1.09  ? 33 THR A HG23 1 
ATOM 514  N N    . ASN A 1 32 ? -2.444  12.051  4.397   1.00 0.65  ? 34 ASN A N    1 
ATOM 515  C CA   . ASN A 1 32 ? -2.832  12.467  5.775   1.00 0.83  ? 34 ASN A CA   1 
ATOM 516  C C    . ASN A 1 32 ? -4.307  12.137  6.015   1.00 0.71  ? 34 ASN A C    1 
ATOM 517  O O    . ASN A 1 32 ? -4.742  11.990  7.140   1.00 0.94  ? 34 ASN A O    1 
ATOM 518  C CB   . ASN A 1 32 ? -2.618  13.975  5.931   1.00 1.19  ? 34 ASN A CB   1 
ATOM 519  C CG   . ASN A 1 32 ? -1.917  14.256  7.260   1.00 1.81  ? 34 ASN A CG   1 
ATOM 520  O OD1  . ASN A 1 32 ? -2.196  13.619  8.256   1.00 2.34  ? 34 ASN A OD1  1 
ATOM 521  N ND2  . ASN A 1 32 ? -1.010  15.194  7.319   1.00 2.61  ? 34 ASN A ND2  1 
ATOM 522  H H    . ASN A 1 32 ? -2.893  12.450  3.621   1.00 0.75  ? 34 ASN A H    1 
ATOM 523  H HA   . ASN A 1 32 ? -2.223  11.941  6.495   1.00 0.90  ? 34 ASN A HA   1 
ATOM 524  H HB2  . ASN A 1 32 ? -2.009  14.338  5.117   1.00 1.55  ? 34 ASN A HB2  1 
ATOM 525  H HB3  . ASN A 1 32 ? -3.575  14.477  5.918   1.00 1.61  ? 34 ASN A HB3  1 
ATOM 526  H HD21 . ASN A 1 32 ? -0.785  15.707  6.515   1.00 2.87  ? 34 ASN A HD21 1 
ATOM 527  H HD22 . ASN A 1 32 ? -0.555  15.382  8.166   1.00 3.27  ? 34 ASN A HD22 1 
ATOM 528  N N    . ASP A 1 33 ? -5.081  12.020  4.969   1.00 0.84  ? 35 ASP A N    1 
ATOM 529  C CA   . ASP A 1 33 ? -6.527  11.701  5.145   1.00 0.81  ? 35 ASP A CA   1 
ATOM 530  C C    . ASP A 1 33 ? -6.673  10.590  6.193   1.00 0.71  ? 35 ASP A C    1 
ATOM 531  O O    . ASP A 1 33 ? -6.027  9.564   6.093   1.00 0.71  ? 35 ASP A O    1 
ATOM 532  C CB   . ASP A 1 33 ? -7.111  11.227  3.814   1.00 0.84  ? 35 ASP A CB   1 
ATOM 533  C CG   . ASP A 1 33 ? -8.364  12.042  3.487   1.00 1.07  ? 35 ASP A CG   1 
ATOM 534  O OD1  . ASP A 1 33 ? -8.290  13.258  3.561   1.00 1.43  ? 35 ASP A OD1  1 
ATOM 535  O OD2  . ASP A 1 33 ? -9.375  11.438  3.171   1.00 1.77  ? 35 ASP A OD2  1 
ATOM 536  H H    . ASP A 1 33 ? -4.713  12.145  4.070   1.00 1.20  ? 35 ASP A H    1 
ATOM 537  H HA   . ASP A 1 33 ? -7.049  12.587  5.472   1.00 0.99  ? 35 ASP A HA   1 
ATOM 538  H HB2  . ASP A 1 33 ? -6.379  11.361  3.031   1.00 1.12  ? 35 ASP A HB2  1 
ATOM 539  H HB3  . ASP A 1 33 ? -7.374  10.182  3.888   1.00 0.92  ? 35 ASP A HB3  1 
ATOM 540  N N    . PRO A 1 34 ? -7.519  10.821  7.167   1.00 0.73  ? 36 PRO A N    1 
ATOM 541  C CA   . PRO A 1 34 ? -7.755  9.851   8.250   1.00 0.83  ? 36 PRO A CA   1 
ATOM 542  C C    . PRO A 1 34 ? -8.519  8.639   7.720   1.00 0.80  ? 36 PRO A C    1 
ATOM 543  O O    . PRO A 1 34 ? -8.736  7.672   8.422   1.00 0.96  ? 36 PRO A O    1 
ATOM 544  C CB   . PRO A 1 34 ? -8.570  10.642  9.278   1.00 0.96  ? 36 PRO A CB   1 
ATOM 545  C CG   . PRO A 1 34 ? -9.212  11.819  8.510   1.00 0.87  ? 36 PRO A CG   1 
ATOM 546  C CD   . PRO A 1 34 ? -8.335  12.050  7.266   1.00 0.78  ? 36 PRO A CD   1 
ATOM 547  H HA   . PRO A 1 34 ? -6.818  9.542   8.685   1.00 0.94  ? 36 PRO A HA   1 
ATOM 548  H HB2  . PRO A 1 34 ? -9.337  10.011  9.707   1.00 1.03  ? 36 PRO A HB2  1 
ATOM 549  H HB3  . PRO A 1 34 ? -7.923  11.023  10.053  1.00 1.11  ? 36 PRO A HB3  1 
ATOM 550  H HG2  . PRO A 1 34 ? -10.221 11.563  8.215   1.00 0.85  ? 36 PRO A HG2  1 
ATOM 551  H HG3  . PRO A 1 34 ? -9.216  12.707  9.123   1.00 0.99  ? 36 PRO A HG3  1 
ATOM 552  H HD2  . PRO A 1 34 ? -8.952  12.170  6.386   1.00 0.75  ? 36 PRO A HD2  1 
ATOM 553  H HD3  . PRO A 1 34 ? -7.698  12.910  7.405   1.00 0.88  ? 36 PRO A HD3  1 
ATOM 554  N N    . GLN A 1 35 ? -8.910  8.676   6.477   1.00 0.72  ? 37 GLN A N    1 
ATOM 555  C CA   . GLN A 1 35 ? -9.636  7.519   5.892   1.00 0.83  ? 37 GLN A CA   1 
ATOM 556  C C    . GLN A 1 35 ? -8.611  6.553   5.298   1.00 0.78  ? 37 GLN A C    1 
ATOM 557  O O    . GLN A 1 35 ? -8.792  5.352   5.308   1.00 1.12  ? 37 GLN A O    1 
ATOM 558  C CB   . GLN A 1 35 ? -10.579 8.011   4.790   1.00 0.96  ? 37 GLN A CB   1 
ATOM 559  C CG   . GLN A 1 35 ? -11.967 7.400   4.992   1.00 1.34  ? 37 GLN A CG   1 
ATOM 560  C CD   . GLN A 1 35 ? -12.840 7.697   3.771   1.00 1.77  ? 37 GLN A CD   1 
ATOM 561  O OE1  . GLN A 1 35 ? -12.697 7.069   2.741   1.00 2.32  ? 37 GLN A OE1  1 
ATOM 562  N NE2  . GLN A 1 35 ? -13.745 8.637   3.841   1.00 2.29  ? 37 GLN A NE2  1 
ATOM 563  H H    . GLN A 1 35 ? -8.710  9.459   5.923   1.00 0.71  ? 37 GLN A H    1 
ATOM 564  H HA   . GLN A 1 35 ? -10.205 7.019   6.661   1.00 0.97  ? 37 GLN A HA   1 
ATOM 565  H HB2  . GLN A 1 35 ? -10.650 9.088   4.831   1.00 1.01  ? 37 GLN A HB2  1 
ATOM 566  H HB3  . GLN A 1 35 ? -10.193 7.711   3.826   1.00 1.06  ? 37 GLN A HB3  1 
ATOM 567  H HG2  . GLN A 1 35 ? -11.875 6.331   5.118   1.00 1.51  ? 37 GLN A HG2  1 
ATOM 568  H HG3  . GLN A 1 35 ? -12.425 7.827   5.872   1.00 1.67  ? 37 GLN A HG3  1 
ATOM 569  H HE21 . GLN A 1 35 ? -13.861 9.144   4.671   1.00 2.64  ? 37 GLN A HE21 1 
ATOM 570  H HE22 . GLN A 1 35 ? -14.308 8.834   3.063   1.00 2.69  ? 37 GLN A HE22 1 
ATOM 571  N N    . GLU A 1 36 ? -7.528  7.075   4.784   1.00 0.58  ? 38 GLU A N    1 
ATOM 572  C CA   . GLU A 1 36 ? -6.479  6.197   4.190   1.00 0.53  ? 38 GLU A CA   1 
ATOM 573  C C    . GLU A 1 36 ? -5.146  6.466   4.884   1.00 0.50  ? 38 GLU A C    1 
ATOM 574  O O    . GLU A 1 36 ? -4.382  7.303   4.457   1.00 0.58  ? 38 GLU A O    1 
ATOM 575  C CB   . GLU A 1 36 ? -6.318  6.494   2.689   1.00 0.66  ? 38 GLU A CB   1 
ATOM 576  C CG   . GLU A 1 36 ? -7.242  7.641   2.265   1.00 1.17  ? 38 GLU A CG   1 
ATOM 577  C CD   . GLU A 1 36 ? -7.046  7.931   0.776   1.00 1.23  ? 38 GLU A CD   1 
ATOM 578  O OE1  . GLU A 1 36 ? -6.005  8.464   0.428   1.00 1.77  ? 38 GLU A OE1  1 
ATOM 579  O OE2  . GLU A 1 36 ? -7.940  7.616   0.007   1.00 1.71  ? 38 GLU A OE2  1 
ATOM 580  H H    . GLU A 1 36 ? -7.402  8.048   4.792   1.00 0.71  ? 38 GLU A H    1 
ATOM 581  H HA   . GLU A 1 36 ? -6.755  5.162   4.327   1.00 0.53  ? 38 GLU A HA   1 
ATOM 582  H HB2  . GLU A 1 36 ? -5.294  6.772   2.492   1.00 1.28  ? 38 GLU A HB2  1 
ATOM 583  H HB3  . GLU A 1 36 ? -6.560  5.610   2.122   1.00 1.39  ? 38 GLU A HB3  1 
ATOM 584  H HG2  . GLU A 1 36 ? -8.271  7.362   2.445   1.00 1.91  ? 38 GLU A HG2  1 
ATOM 585  H HG3  . GLU A 1 36 ? -7.004  8.526   2.836   1.00 1.88  ? 38 GLU A HG3  1 
ATOM 586  N N    . LEU A 1 37 ? -4.848  5.765   5.940   1.00 0.45  ? 39 LEU A N    1 
ATOM 587  C CA   . LEU A 1 37 ? -3.547  5.997   6.626   1.00 0.44  ? 39 LEU A CA   1 
ATOM 588  C C    . LEU A 1 37 ? -2.430  5.969   5.579   1.00 0.41  ? 39 LEU A C    1 
ATOM 589  O O    . LEU A 1 37 ? -2.365  5.074   4.759   1.00 0.52  ? 39 LEU A O    1 
ATOM 590  C CB   . LEU A 1 37 ? -3.310  4.893   7.660   1.00 0.48  ? 39 LEU A CB   1 
ATOM 591  C CG   . LEU A 1 37 ? -3.623  5.424   9.060   1.00 0.51  ? 39 LEU A CG   1 
ATOM 592  C CD1  . LEU A 1 37 ? -4.995  4.912   9.503   1.00 1.01  ? 39 LEU A CD1  1 
ATOM 593  C CD2  . LEU A 1 37 ? -2.555  4.933   10.040  1.00 1.39  ? 39 LEU A CD2  1 
ATOM 594  H H    . LEU A 1 37 ? -5.470  5.082   6.274   1.00 0.48  ? 39 LEU A H    1 
ATOM 595  H HA   . LEU A 1 37 ? -3.562  6.960   7.116   1.00 0.46  ? 39 LEU A HA   1 
ATOM 596  H HB2  . LEU A 1 37 ? -3.953  4.053   7.441   1.00 0.52  ? 39 LEU A HB2  1 
ATOM 597  H HB3  . LEU A 1 37 ? -2.279  4.577   7.620   1.00 0.59  ? 39 LEU A HB3  1 
ATOM 598  H HG   . LEU A 1 37 ? -3.631  6.504   9.043   1.00 0.94  ? 39 LEU A HG   1 
ATOM 599  H HD11 . LEU A 1 37 ? -5.701  5.026   8.693   1.00 1.63  ? 39 LEU A HD11 1 
ATOM 600  H HD12 . LEU A 1 37 ? -4.920  3.868   9.770   1.00 1.50  ? 39 LEU A HD12 1 
ATOM 601  H HD13 . LEU A 1 37 ? -5.333  5.478   10.358  1.00 1.59  ? 39 LEU A HD13 1 
ATOM 602  H HD21 . LEU A 1 37 ? -1.575  5.107   9.621   1.00 1.80  ? 39 LEU A HD21 1 
ATOM 603  H HD22 . LEU A 1 37 ? -2.649  5.470   10.973  1.00 1.84  ? 39 LEU A HD22 1 
ATOM 604  H HD23 . LEU A 1 37 ? -2.689  3.876   10.218  1.00 2.06  ? 39 LEU A HD23 1 
ATOM 605  N N    . ALA A 1 38 ? -1.556  6.940   5.587   1.00 0.35  ? 40 ALA A N    1 
ATOM 606  C CA   . ALA A 1 38 ? -0.457  6.954   4.578   1.00 0.33  ? 40 ALA A CA   1 
ATOM 607  C C    . ALA A 1 38 ? 0.278   5.614   4.609   1.00 0.34  ? 40 ALA A C    1 
ATOM 608  O O    . ALA A 1 38 ? -0.137  4.683   5.271   1.00 0.40  ? 40 ALA A O    1 
ATOM 609  C CB   . ALA A 1 38 ? 0.523   8.085   4.892   1.00 0.34  ? 40 ALA A CB   1 
ATOM 610  H H    . ALA A 1 38 ? -1.625  7.659   6.249   1.00 0.39  ? 40 ALA A H    1 
ATOM 611  H HA   . ALA A 1 38 ? -0.877  7.106   3.595   1.00 0.34  ? 40 ALA A HA   1 
ATOM 612  H HB1  . ALA A 1 38 ? 0.528   8.272   5.956   1.00 1.06  ? 40 ALA A HB1  1 
ATOM 613  H HB2  . ALA A 1 38 ? 1.514   7.801   4.571   1.00 1.08  ? 40 ALA A HB2  1 
ATOM 614  H HB3  . ALA A 1 38 ? 0.217   8.980   4.370   1.00 0.87  ? 40 ALA A HB3  1 
ATOM 615  N N    . LEU A 1 39 ? 1.362   5.496   3.891   1.00 0.32  ? 41 LEU A N    1 
ATOM 616  C CA   . LEU A 1 39 ? 2.098   4.203   3.886   1.00 0.35  ? 41 LEU A CA   1 
ATOM 617  C C    . LEU A 1 39 ? 3.590   4.429   4.123   1.00 0.35  ? 41 LEU A C    1 
ATOM 618  O O    . LEU A 1 39 ? 4.207   5.284   3.515   1.00 0.42  ? 41 LEU A O    1 
ATOM 619  C CB   . LEU A 1 39 ? 1.907   3.520   2.537   1.00 0.40  ? 41 LEU A CB   1 
ATOM 620  C CG   . LEU A 1 39 ? 0.428   3.552   2.154   1.00 0.42  ? 41 LEU A CG   1 
ATOM 621  C CD1  . LEU A 1 39 ? 0.272   3.199   0.674   1.00 0.50  ? 41 LEU A CD1  1 
ATOM 622  C CD2  . LEU A 1 39 ? -0.339  2.536   3.002   1.00 0.45  ? 41 LEU A CD2  1 
ATOM 623  H H    . LEU A 1 39 ? 1.684   6.252   3.356   1.00 0.33  ? 41 LEU A H    1 
ATOM 624  H HA   . LEU A 1 39 ? 1.706   3.566   4.664   1.00 0.37  ? 41 LEU A HA   1 
ATOM 625  H HB2  . LEU A 1 39 ? 2.490   4.035   1.788   1.00 0.43  ? 41 LEU A HB2  1 
ATOM 626  H HB3  . LEU A 1 39 ? 2.237   2.499   2.608   1.00 0.45  ? 41 LEU A HB3  1 
ATOM 627  H HG   . LEU A 1 39 ? 0.034   4.543   2.332   1.00 0.42  ? 41 LEU A HG   1 
ATOM 628  H HD11 . LEU A 1 39 ? 1.222   3.318   0.173   1.00 1.04  ? 41 LEU A HD11 1 
ATOM 629  H HD12 . LEU A 1 39 ? -0.056  2.173   0.583   1.00 1.09  ? 41 LEU A HD12 1 
ATOM 630  H HD13 . LEU A 1 39 ? -0.459  3.852   0.221   1.00 1.20  ? 41 LEU A HD13 1 
ATOM 631  H HD21 . LEU A 1 39 ? 0.241   1.630   3.087   1.00 1.13  ? 41 LEU A HD21 1 
ATOM 632  H HD22 . LEU A 1 39 ? -0.515  2.946   3.986   1.00 1.03  ? 41 LEU A HD22 1 
ATOM 633  H HD23 . LEU A 1 39 ? -1.285  2.315   2.529   1.00 1.16  ? 41 LEU A HD23 1 
ATOM 634  N N    . ARG A 1 40 ? 4.173   3.648   4.992   1.00 0.48  ? 42 ARG A N    1 
ATOM 635  C CA   . ARG A 1 40 ? 5.628   3.787   5.277   1.00 0.53  ? 42 ARG A CA   1 
ATOM 636  C C    . ARG A 1 40 ? 6.425   2.905   4.314   1.00 0.63  ? 42 ARG A C    1 
ATOM 637  O O    . ARG A 1 40 ? 7.033   3.383   3.379   1.00 1.55  ? 42 ARG A O    1 
ATOM 638  C CB   . ARG A 1 40 ? 5.915   3.335   6.712   1.00 0.55  ? 42 ARG A CB   1 
ATOM 639  C CG   . ARG A 1 40 ? 6.846   4.340   7.385   1.00 1.17  ? 42 ARG A CG   1 
ATOM 640  C CD   . ARG A 1 40 ? 7.232   3.829   8.774   1.00 1.75  ? 42 ARG A CD   1 
ATOM 641  N NE   . ARG A 1 40 ? 7.945   4.904   9.523   1.00 2.45  ? 42 ARG A NE   1 
ATOM 642  C CZ   . ARG A 1 40 ? 7.270   5.871   10.085  1.00 3.22  ? 42 ARG A CZ   1 
ATOM 643  N NH1  . ARG A 1 40 ? 5.968   5.906   9.989   1.00 3.56  ? 42 ARG A NH1  1 
ATOM 644  N NH2  . ARG A 1 40 ? 7.899   6.805   10.744  1.00 4.11  ? 42 ARG A NH2  1 
ATOM 645  H H    . ARG A 1 40 ? 3.649   2.959   5.453   1.00 0.62  ? 42 ARG A H    1 
ATOM 646  H HA   . ARG A 1 40 ? 5.926   4.817   5.155   1.00 0.64  ? 42 ARG A HA   1 
ATOM 647  H HB2  . ARG A 1 40 ? 4.990   3.270   7.264   1.00 0.93  ? 42 ARG A HB2  1 
ATOM 648  H HB3  . ARG A 1 40 ? 6.391   2.367   6.697   1.00 1.03  ? 42 ARG A HB3  1 
ATOM 649  H HG2  . ARG A 1 40 ? 7.736   4.459   6.785   1.00 1.81  ? 42 ARG A HG2  1 
ATOM 650  H HG3  . ARG A 1 40 ? 6.343   5.290   7.478   1.00 1.68  ? 42 ARG A HG3  1 
ATOM 651  H HD2  . ARG A 1 40 ? 6.341   3.545   9.313   1.00 2.20  ? 42 ARG A HD2  1 
ATOM 652  H HD3  . ARG A 1 40 ? 7.880   2.971   8.673   1.00 2.18  ? 42 ARG A HD3  1 
ATOM 653  H HE   . ARG A 1 40 ? 8.921   4.884   9.595   1.00 2.79  ? 42 ARG A HE   1 
ATOM 654  H HH11 . ARG A 1 40 ? 5.483   5.193   9.485   1.00 3.26  ? 42 ARG A HH11 1 
ATOM 655  H HH12 . ARG A 1 40 ? 5.456   6.649   10.422  1.00 4.41  ? 42 ARG A HH12 1 
ATOM 656  H HH21 . ARG A 1 40 ? 8.896   6.779   10.818  1.00 4.31  ? 42 ARG A HH21 1 
ATOM 657  H HH22 . ARG A 1 40 ? 7.385   7.546   11.176  1.00 4.81  ? 42 ARG A HH22 1 
ATOM 658  N N    . CYS A 1 41 ? 6.424   1.620   4.556   1.00 0.74  ? 43 CYS A N    1 
ATOM 659  C CA   . CYS A 1 41 ? 7.174   0.670   3.695   1.00 0.68  ? 43 CYS A CA   1 
ATOM 660  C C    . CYS A 1 41 ? 7.459   -0.589  4.511   1.00 0.52  ? 43 CYS A C    1 
ATOM 661  O O    . CYS A 1 41 ? 8.568   -1.080  4.554   1.00 0.65  ? 43 CYS A O    1 
ATOM 662  C CB   . CYS A 1 41 ? 8.495   1.295   3.260   1.00 0.85  ? 43 CYS A CB   1 
ATOM 663  S SG   . CYS A 1 41 ? 9.271   2.113   4.678   1.00 1.72  ? 43 CYS A SG   1 
ATOM 664  H H    . CYS A 1 41 ? 5.929   1.275   5.319   1.00 1.48  ? 43 CYS A H    1 
ATOM 665  H HA   . CYS A 1 41 ? 6.583   0.418   2.830   1.00 0.72  ? 43 CYS A HA   1 
ATOM 666  H HB2  . CYS A 1 41 ? 9.148   0.523   2.889   1.00 1.39  ? 43 CYS A HB2  1 
ATOM 667  H HB3  . CYS A 1 41 ? 8.310   2.018   2.483   1.00 1.35  ? 43 CYS A HB3  1 
ATOM 668  H HG   . CYS A 1 41 ? 9.937   2.718   4.343   1.00 2.10  ? 43 CYS A HG   1 
ATOM 669  N N    . ASP A 1 42 ? 6.463   -1.106  5.174   1.00 0.47  ? 44 ASP A N    1 
ATOM 670  C CA   . ASP A 1 42 ? 6.672   -2.322  6.003   1.00 0.51  ? 44 ASP A CA   1 
ATOM 671  C C    . ASP A 1 42 ? 5.440   -3.219  5.905   1.00 0.65  ? 44 ASP A C    1 
ATOM 672  O O    . ASP A 1 42 ? 4.445   -2.861  5.308   1.00 1.38  ? 44 ASP A O    1 
ATOM 673  C CB   . ASP A 1 42 ? 6.883   -1.901  7.459   1.00 0.72  ? 44 ASP A CB   1 
ATOM 674  C CG   . ASP A 1 42 ? 7.486   -3.065  8.249   1.00 1.33  ? 44 ASP A CG   1 
ATOM 675  O OD1  . ASP A 1 42 ? 8.575   -3.491  7.899   1.00 2.11  ? 44 ASP A OD1  1 
ATOM 676  O OD2  . ASP A 1 42 ? 6.850   -3.511  9.189   1.00 1.75  ? 44 ASP A OD2  1 
ATOM 677  H H    . ASP A 1 42 ? 5.578   -0.687  5.135   1.00 0.59  ? 44 ASP A H    1 
ATOM 678  H HA   . ASP A 1 42 ? 7.542   -2.856  5.651   1.00 0.54  ? 44 ASP A HA   1 
ATOM 679  H HB2  . ASP A 1 42 ? 7.552   -1.053  7.496   1.00 0.93  ? 44 ASP A HB2  1 
ATOM 680  H HB3  . ASP A 1 42 ? 5.933   -1.627  7.896   1.00 1.11  ? 44 ASP A HB3  1 
ATOM 681  N N    . GLU A 1 43 ? 5.495   -4.381  6.492   1.00 0.52  ? 45 GLU A N    1 
ATOM 682  C CA   . GLU A 1 43 ? 4.321   -5.292  6.436   1.00 0.54  ? 45 GLU A CA   1 
ATOM 683  C C    . GLU A 1 43 ? 3.153   -4.652  7.188   1.00 0.54  ? 45 GLU A C    1 
ATOM 684  O O    . GLU A 1 43 ? 2.971   -4.865  8.371   1.00 0.91  ? 45 GLU A O    1 
ATOM 685  C CB   . GLU A 1 43 ? 4.686   -6.630  7.079   1.00 0.79  ? 45 GLU A CB   1 
ATOM 686  C CG   . GLU A 1 43 ? 5.014   -6.413  8.557   1.00 0.97  ? 45 GLU A CG   1 
ATOM 687  C CD   . GLU A 1 43 ? 5.996   -7.489  9.023   1.00 1.30  ? 45 GLU A CD   1 
ATOM 688  O OE1  . GLU A 1 43 ? 7.102   -7.515  8.510   1.00 1.96  ? 45 GLU A OE1  1 
ATOM 689  O OE2  . GLU A 1 43 ? 5.624   -8.270  9.882   1.00 1.66  ? 45 GLU A OE2  1 
ATOM 690  H H    . GLU A 1 43 ? 6.305   -4.651  6.974   1.00 0.99  ? 45 GLU A H    1 
ATOM 691  H HA   . GLU A 1 43 ? 4.040   -5.453  5.408   1.00 0.57  ? 45 GLU A HA   1 
ATOM 692  H HB2  . GLU A 1 43 ? 3.853   -7.312  6.990   1.00 1.36  ? 45 GLU A HB2  1 
ATOM 693  H HB3  . GLU A 1 43 ? 5.548   -7.045  6.577   1.00 1.43  ? 45 GLU A HB3  1 
ATOM 694  H HG2  . GLU A 1 43 ? 5.459   -5.436  8.687   1.00 1.53  ? 45 GLU A HG2  1 
ATOM 695  H HG3  . GLU A 1 43 ? 4.109   -6.477  9.140   1.00 1.56  ? 45 GLU A HG3  1 
ATOM 696  N N    . GLU A 1 44 ? 2.365   -3.860  6.513   1.00 0.41  ? 46 GLU A N    1 
ATOM 697  C CA   . GLU A 1 44 ? 1.214   -3.198  7.195   1.00 0.45  ? 46 GLU A CA   1 
ATOM 698  C C    . GLU A 1 44 ? -0.016  -3.222  6.280   1.00 0.40  ? 46 GLU A C    1 
ATOM 699  O O    . GLU A 1 44 ? -0.918  -2.420  6.418   1.00 0.53  ? 46 GLU A O    1 
ATOM 700  C CB   . GLU A 1 44 ? 1.556   -1.738  7.535   1.00 0.57  ? 46 GLU A CB   1 
ATOM 701  C CG   . GLU A 1 44 ? 3.028   -1.446  7.228   1.00 1.37  ? 46 GLU A CG   1 
ATOM 702  C CD   . GLU A 1 44 ? 3.416   -0.093  7.827   1.00 1.87  ? 46 GLU A CD   1 
ATOM 703  O OE1  . GLU A 1 44 ? 2.981   0.914   7.295   1.00 2.25  ? 46 GLU A OE1  1 
ATOM 704  O OE2  . GLU A 1 44 ? 4.141   -0.088  8.808   1.00 2.45  ? 46 GLU A OE2  1 
ATOM 705  H H    . GLU A 1 44 ? 2.533   -3.696  5.563   1.00 0.61  ? 46 GLU A H    1 
ATOM 706  H HA   . GLU A 1 44 ? 0.993   -3.732  8.105   1.00 0.51  ? 46 GLU A HA   1 
ATOM 707  H HB2  . GLU A 1 44 ? 0.931   -1.081  6.949   1.00 0.95  ? 46 GLU A HB2  1 
ATOM 708  H HB3  . GLU A 1 44 ? 1.370   -1.564  8.584   1.00 1.04  ? 46 GLU A HB3  1 
ATOM 709  H HG2  . GLU A 1 44 ? 3.647   -2.221  7.657   1.00 1.78  ? 46 GLU A HG2  1 
ATOM 710  H HG3  . GLU A 1 44 ? 3.173   -1.419  6.159   1.00 1.95  ? 46 GLU A HG3  1 
ATOM 711  N N    . TYR A 1 45 ? -0.062  -4.134  5.346   1.00 0.34  ? 47 TYR A N    1 
ATOM 712  C CA   . TYR A 1 45 ? -1.231  -4.208  4.426   1.00 0.30  ? 47 TYR A CA   1 
ATOM 713  C C    . TYR A 1 45 ? -1.960  -5.521  4.706   1.00 0.26  ? 47 TYR A C    1 
ATOM 714  O O    . TYR A 1 45 ? -1.362  -6.484  5.145   1.00 0.43  ? 47 TYR A O    1 
ATOM 715  C CB   . TYR A 1 45 ? -0.756  -4.176  2.961   1.00 0.32  ? 47 TYR A CB   1 
ATOM 716  C CG   . TYR A 1 45 ? -0.011  -2.883  2.661   1.00 0.27  ? 47 TYR A CG   1 
ATOM 717  C CD1  . TYR A 1 45 ? 1.031   -2.456  3.500   1.00 1.25  ? 47 TYR A CD1  1 
ATOM 718  C CD2  . TYR A 1 45 ? -0.354  -2.110  1.535   1.00 1.12  ? 47 TYR A CD2  1 
ATOM 719  C CE1  . TYR A 1 45 ? 1.723   -1.274  3.218   1.00 1.27  ? 47 TYR A CE1  1 
ATOM 720  C CE2  . TYR A 1 45 ? 0.344   -0.931  1.263   1.00 1.13  ? 47 TYR A CE2  1 
ATOM 721  C CZ   . TYR A 1 45 ? 1.378   -0.514  2.100   1.00 0.39  ? 47 TYR A CZ   1 
ATOM 722  O OH   . TYR A 1 45 ? 2.066   0.644   1.816   1.00 0.50  ? 47 TYR A OH   1 
ATOM 723  H H    . TYR A 1 45 ? 0.674   -4.772  5.250   1.00 0.41  ? 47 TYR A H    1 
ATOM 724  H HA   . TYR A 1 45 ? -1.894  -3.377  4.618   1.00 0.32  ? 47 TYR A HA   1 
ATOM 725  H HB2  . TYR A 1 45 ? -0.099  -5.013  2.783   1.00 0.39  ? 47 TYR A HB2  1 
ATOM 726  H HB3  . TYR A 1 45 ? -1.613  -4.253  2.308   1.00 0.39  ? 47 TYR A HB3  1 
ATOM 727  H HD1  . TYR A 1 45 ? 1.305   -3.036  4.360   1.00 2.13  ? 47 TYR A HD1  1 
ATOM 728  H HD2  . TYR A 1 45 ? -1.149  -2.423  0.870   1.00 2.01  ? 47 TYR A HD2  1 
ATOM 729  H HE1  . TYR A 1 45 ? 2.523   -0.951  3.866   1.00 2.15  ? 47 TYR A HE1  1 
ATOM 730  H HE2  . TYR A 1 45 ? 0.079   -0.341  0.400   1.00 2.00  ? 47 TYR A HE2  1 
ATOM 731  H HH   . TYR A 1 45 ? 2.940   0.401   1.502   1.00 0.55  ? 47 TYR A HH   1 
ATOM 732  N N    . TYR A 1 46 ? -3.244  -5.574  4.484   1.00 0.35  ? 48 TYR A N    1 
ATOM 733  C CA   . TYR A 1 46 ? -3.986  -6.835  4.777   1.00 0.35  ? 48 TYR A CA   1 
ATOM 734  C C    . TYR A 1 46 ? -4.834  -7.263  3.580   1.00 0.37  ? 48 TYR A C    1 
ATOM 735  O O    . TYR A 1 46 ? -4.543  -8.239  2.916   1.00 0.44  ? 48 TYR A O    1 
ATOM 736  C CB   . TYR A 1 46 ? -4.897  -6.609  5.985   1.00 0.42  ? 48 TYR A CB   1 
ATOM 737  C CG   . TYR A 1 46 ? -5.011  -7.891  6.770   1.00 0.49  ? 48 TYR A CG   1 
ATOM 738  C CD1  . TYR A 1 46 ? -6.013  -8.816  6.454   1.00 1.29  ? 48 TYR A CD1  1 
ATOM 739  C CD2  . TYR A 1 46 ? -4.115  -8.157  7.810   1.00 1.40  ? 48 TYR A CD2  1 
ATOM 740  C CE1  . TYR A 1 46 ? -6.116  -10.010 7.179   1.00 1.44  ? 48 TYR A CE1  1 
ATOM 741  C CE2  . TYR A 1 46 ? -4.218  -9.349  8.536   1.00 1.55  ? 48 TYR A CE2  1 
ATOM 742  C CZ   . TYR A 1 46 ? -5.218  -10.276 8.221   1.00 1.05  ? 48 TYR A CZ   1 
ATOM 743  O OH   . TYR A 1 46 ? -5.318  -11.453 8.935   1.00 1.38  ? 48 TYR A OH   1 
ATOM 744  H H    . TYR A 1 46 ? -3.720  -4.786  4.147   1.00 0.55  ? 48 TYR A H    1 
ATOM 745  H HA   . TYR A 1 46 ? -3.281  -7.615  5.008   1.00 0.38  ? 48 TYR A HA   1 
ATOM 746  H HB2  . TYR A 1 46 ? -4.476  -5.837  6.614   1.00 0.64  ? 48 TYR A HB2  1 
ATOM 747  H HB3  . TYR A 1 46 ? -5.875  -6.305  5.648   1.00 0.49  ? 48 TYR A HB3  1 
ATOM 748  H HD1  . TYR A 1 46 ? -6.705  -8.608  5.651   1.00 2.14  ? 48 TYR A HD1  1 
ATOM 749  H HD2  . TYR A 1 46 ? -3.343  -7.441  8.053   1.00 2.25  ? 48 TYR A HD2  1 
ATOM 750  H HE1  . TYR A 1 46 ? -6.888  -10.724 6.936   1.00 2.30  ? 48 TYR A HE1  1 
ATOM 751  H HE2  . TYR A 1 46 ? -3.525  -9.552  9.339   1.00 2.43  ? 48 TYR A HE2  1 
ATOM 752  H HH   . TYR A 1 46 ? -4.451  -11.866 8.949   1.00 1.89  ? 48 TYR A HH   1 
ATOM 753  N N    . LEU A 1 47 ? -5.895  -6.558  3.315   1.00 0.40  ? 49 LEU A N    1 
ATOM 754  C CA   . LEU A 1 47 ? -6.780  -6.938  2.180   1.00 0.48  ? 49 LEU A CA   1 
ATOM 755  C C    . LEU A 1 47 ? -6.172  -6.464  0.860   1.00 0.48  ? 49 LEU A C    1 
ATOM 756  O O    . LEU A 1 47 ? -5.734  -7.256  0.050   1.00 0.81  ? 49 LEU A O    1 
ATOM 757  C CB   . LEU A 1 47 ? -8.153  -6.285  2.371   1.00 0.58  ? 49 LEU A CB   1 
ATOM 758  C CG   . LEU A 1 47 ? -8.962  -6.395  1.077   1.00 0.68  ? 49 LEU A CG   1 
ATOM 759  C CD1  . LEU A 1 47 ? -10.328 -7.011  1.380   1.00 1.41  ? 49 LEU A CD1  1 
ATOM 760  C CD2  . LEU A 1 47 ? -9.152  -4.999  0.476   1.00 1.41  ? 49 LEU A CD2  1 
ATOM 761  H H    . LEU A 1 47 ? -6.119  -5.787  3.875   1.00 0.42  ? 49 LEU A H    1 
ATOM 762  H HA   . LEU A 1 47 ? -6.895  -8.011  2.158   1.00 0.54  ? 49 LEU A HA   1 
ATOM 763  H HB2  . LEU A 1 47 ? -8.682  -6.787  3.169   1.00 0.72  ? 49 LEU A HB2  1 
ATOM 764  H HB3  . LEU A 1 47 ? -8.024  -5.244  2.624   1.00 0.57  ? 49 LEU A HB3  1 
ATOM 765  H HG   . LEU A 1 47 ? -8.432  -7.023  0.374   1.00 1.20  ? 49 LEU A HG   1 
ATOM 766  H HD11 . LEU A 1 47 ? -10.252 -7.645  2.252   1.00 1.93  ? 49 LEU A HD11 1 
ATOM 767  H HD12 . LEU A 1 47 ? -11.043 -6.225  1.568   1.00 1.88  ? 49 LEU A HD12 1 
ATOM 768  H HD13 . LEU A 1 47 ? -10.653 -7.599  0.536   1.00 1.98  ? 49 LEU A HD13 1 
ATOM 769  H HD21 . LEU A 1 47 ? -9.489  -4.320  1.244   1.00 1.79  ? 49 LEU A HD21 1 
ATOM 770  H HD22 . LEU A 1 47 ? -8.213  -4.649  0.071   1.00 1.78  ? 49 LEU A HD22 1 
ATOM 771  H HD23 . LEU A 1 47 ? -9.889  -5.045  -0.313  1.00 2.16  ? 49 LEU A HD23 1 
ATOM 772  N N    . LEU A 1 48 ? -6.154  -5.183  0.631   1.00 0.41  ? 50 LEU A N    1 
ATOM 773  C CA   . LEU A 1 48 ? -5.587  -4.664  -0.644  1.00 0.44  ? 50 LEU A CA   1 
ATOM 774  C C    . LEU A 1 48 ? -6.481  -5.101  -1.806  1.00 0.62  ? 50 LEU A C    1 
ATOM 775  O O    . LEU A 1 48 ? -6.190  -6.056  -2.499  1.00 0.87  ? 50 LEU A O    1 
ATOM 776  C CB   . LEU A 1 48 ? -4.179  -5.229  -0.849  1.00 0.52  ? 50 LEU A CB   1 
ATOM 777  C CG   . LEU A 1 48 ? -3.521  -4.524  -2.035  1.00 0.72  ? 50 LEU A CG   1 
ATOM 778  C CD1  . LEU A 1 48 ? -3.056  -3.134  -1.604  1.00 1.43  ? 50 LEU A CD1  1 
ATOM 779  C CD2  . LEU A 1 48 ? -2.317  -5.341  -2.512  1.00 1.21  ? 50 LEU A CD2  1 
ATOM 780  H H    . LEU A 1 48 ? -6.522  -4.562  1.294   1.00 0.63  ? 50 LEU A H    1 
ATOM 781  H HA   . LEU A 1 48 ? -5.541  -3.585  -0.608  1.00 0.43  ? 50 LEU A HA   1 
ATOM 782  H HB2  . LEU A 1 48 ? -3.591  -5.064  0.042   1.00 0.62  ? 50 LEU A HB2  1 
ATOM 783  H HB3  . LEU A 1 48 ? -4.239  -6.287  -1.052  1.00 0.69  ? 50 LEU A HB3  1 
ATOM 784  H HG   . LEU A 1 48 ? -4.236  -4.431  -2.840  1.00 1.56  ? 50 LEU A HG   1 
ATOM 785  H HD11 . LEU A 1 48 ? -2.950  -3.107  -0.530  1.00 2.05  ? 50 LEU A HD11 1 
ATOM 786  H HD12 . LEU A 1 48 ? -2.105  -2.913  -2.066  1.00 2.01  ? 50 LEU A HD12 1 
ATOM 787  H HD13 . LEU A 1 48 ? -3.786  -2.399  -1.913  1.00 1.85  ? 50 LEU A HD13 1 
ATOM 788  H HD21 . LEU A 1 48 ? -1.894  -5.880  -1.677  1.00 1.79  ? 50 LEU A HD21 1 
ATOM 789  H HD22 . LEU A 1 48 ? -2.635  -6.043  -3.269  1.00 1.75  ? 50 LEU A HD22 1 
ATOM 790  H HD23 . LEU A 1 48 ? -1.573  -4.677  -2.926  1.00 1.78  ? 50 LEU A HD23 1 
ATOM 791  N N    . ASP A 1 49 ? -7.569  -4.415  -2.022  1.00 0.86  ? 51 ASP A N    1 
ATOM 792  C CA   . ASP A 1 49 ? -8.480  -4.799  -3.138  1.00 1.09  ? 51 ASP A CA   1 
ATOM 793  C C    . ASP A 1 49 ? -7.914  -4.280  -4.462  1.00 0.89  ? 51 ASP A C    1 
ATOM 794  O O    . ASP A 1 49 ? -7.854  -3.089  -4.698  1.00 1.71  ? 51 ASP A O    1 
ATOM 795  C CB   . ASP A 1 49 ? -9.864  -4.193  -2.900  1.00 1.98  ? 51 ASP A CB   1 
ATOM 796  C CG   . ASP A 1 49 ? -10.937 -5.252  -3.165  1.00 2.44  ? 51 ASP A CG   1 
ATOM 797  O OD1  . ASP A 1 49 ? -10.951 -6.244  -2.453  1.00 3.12  ? 51 ASP A OD1  1 
ATOM 798  O OD2  . ASP A 1 49 ? -11.725 -5.055  -4.074  1.00 2.68  ? 51 ASP A OD2  1 
ATOM 799  H H    . ASP A 1 49 ? -7.789  -3.650  -1.451  1.00 1.06  ? 51 ASP A H    1 
ATOM 800  H HA   . ASP A 1 49 ? -8.561  -5.876  -3.180  1.00 1.32  ? 51 ASP A HA   1 
ATOM 801  H HB2  . ASP A 1 49 ? -9.937  -3.854  -1.878  1.00 2.56  ? 51 ASP A HB2  1 
ATOM 802  H HB3  . ASP A 1 49 ? -10.012 -3.360  -3.570  1.00 2.27  ? 51 ASP A HB3  1 
ATOM 803  N N    . SER A 1 50 ? -7.501  -5.164  -5.328  1.00 1.01  ? 52 SER A N    1 
ATOM 804  C CA   . SER A 1 50 ? -6.941  -4.721  -6.635  1.00 1.71  ? 52 SER A CA   1 
ATOM 805  C C    . SER A 1 50 ? -8.072  -4.218  -7.535  1.00 1.17  ? 52 SER A C    1 
ATOM 806  O O    . SER A 1 50 ? -7.842  -3.764  -8.639  1.00 1.37  ? 52 SER A O    1 
ATOM 807  C CB   . SER A 1 50 ? -6.236  -5.896  -7.312  1.00 2.81  ? 52 SER A CB   1 
ATOM 808  O OG   . SER A 1 50 ? -7.194  -6.682  -8.009  1.00 3.67  ? 52 SER A OG   1 
ATOM 809  H H    . SER A 1 50 ? -7.560  -6.120  -5.119  1.00 1.39  ? 52 SER A H    1 
ATOM 810  H HA   . SER A 1 50 ? -6.232  -3.923  -6.471  1.00 2.26  ? 52 SER A HA   1 
ATOM 811  H HB2  . SER A 1 50 ? -5.505  -5.526  -8.011  1.00 3.08  ? 52 SER A HB2  1 
ATOM 812  H HB3  . SER A 1 50 ? -5.739  -6.497  -6.562  1.00 3.17  ? 52 SER A HB3  1 
ATOM 813  H HG   . SER A 1 50 ? -7.744  -7.126  -7.359  1.00 4.20  ? 52 SER A HG   1 
ATOM 814  N N    . SER A 1 51 ? -9.293  -4.291  -7.074  1.00 1.07  ? 53 SER A N    1 
ATOM 815  C CA   . SER A 1 51 ? -10.436 -3.814  -7.903  1.00 1.02  ? 53 SER A CA   1 
ATOM 816  C C    . SER A 1 51 ? -10.061 -2.490  -8.567  1.00 0.92  ? 53 SER A C    1 
ATOM 817  O O    . SER A 1 51 ? -10.272 -2.291  -9.747  1.00 0.94  ? 53 SER A O    1 
ATOM 818  C CB   . SER A 1 51 ? -11.661 -3.606  -7.013  1.00 1.43  ? 53 SER A CB   1 
ATOM 819  O OG   . SER A 1 51 ? -12.335 -4.846  -6.842  1.00 1.85  ? 53 SER A OG   1 
ATOM 820  H H    . SER A 1 51 ? -9.458  -4.660  -6.182  1.00 1.46  ? 53 SER A H    1 
ATOM 821  H HA   . SER A 1 51 ? -10.663 -4.547  -8.664  1.00 1.17  ? 53 SER A HA   1 
ATOM 822  H HB2  . SER A 1 51 ? -11.350 -3.235  -6.050  1.00 1.89  ? 53 SER A HB2  1 
ATOM 823  H HB3  . SER A 1 51 ? -12.323 -2.886  -7.476  1.00 1.97  ? 53 SER A HB3  1 
ATOM 824  H HG   . SER A 1 51 ? -13.215 -4.758  -7.215  1.00 2.28  ? 53 SER A HG   1 
ATOM 825  N N    . GLU A 1 52 ? -9.500  -1.580  -7.817  1.00 0.91  ? 54 GLU A N    1 
ATOM 826  C CA   . GLU A 1 52 ? -9.106  -0.271  -8.405  1.00 0.86  ? 54 GLU A CA   1 
ATOM 827  C C    . GLU A 1 52 ? -7.672  -0.363  -8.925  1.00 0.67  ? 54 GLU A C    1 
ATOM 828  O O    . GLU A 1 52 ? -6.776  -0.792  -8.231  1.00 0.54  ? 54 GLU A O    1 
ATOM 829  C CB   . GLU A 1 52 ? -9.190  0.817   -7.332  1.00 0.93  ? 54 GLU A CB   1 
ATOM 830  C CG   . GLU A 1 52 ? -9.806  2.080   -7.936  1.00 1.16  ? 54 GLU A CG   1 
ATOM 831  C CD   . GLU A 1 52 ? -11.241 2.238   -7.432  1.00 1.56  ? 54 GLU A CD   1 
ATOM 832  O OE1  . GLU A 1 52 ? -11.408 2.671   -6.303  1.00 2.05  ? 54 GLU A OE1  1 
ATOM 833  O OE2  . GLU A 1 52 ? -12.149 1.921   -8.182  1.00 2.19  ? 54 GLU A OE2  1 
ATOM 834  H H    . GLU A 1 52 ? -9.335  -1.761  -6.868  1.00 0.97  ? 54 GLU A H    1 
ATOM 835  H HA   . GLU A 1 52 ? -9.771  -0.026  -9.220  1.00 1.01  ? 54 GLU A HA   1 
ATOM 836  H HB2  . GLU A 1 52 ? -9.805  0.470   -6.515  1.00 1.02  ? 54 GLU A HB2  1 
ATOM 837  H HB3  . GLU A 1 52 ? -8.199  1.041   -6.968  1.00 0.81  ? 54 GLU A HB3  1 
ATOM 838  H HG2  . GLU A 1 52 ? -9.223  2.941   -7.641  1.00 1.57  ? 54 GLU A HG2  1 
ATOM 839  H HG3  . GLU A 1 52 ? -9.811  2.000   -9.012  1.00 1.49  ? 54 GLU A HG3  1 
ATOM 840  N N    . ILE A 1 53 ? -7.452  0.032   -10.147 1.00 0.84  ? 55 ILE A N    1 
ATOM 841  C CA   . ILE A 1 53 ? -6.088  -0.033  -10.729 1.00 0.79  ? 55 ILE A CA   1 
ATOM 842  C C    . ILE A 1 53 ? -5.286  1.215   -10.322 1.00 0.60  ? 55 ILE A C    1 
ATOM 843  O O    . ILE A 1 53 ? -4.501  1.738   -11.086 1.00 0.68  ? 55 ILE A O    1 
ATOM 844  C CB   . ILE A 1 53 ? -6.219  -0.105  -12.256 1.00 1.13  ? 55 ILE A CB   1 
ATOM 845  C CG1  . ILE A 1 53 ? -6.832  -1.453  -12.647 1.00 1.91  ? 55 ILE A CG1  1 
ATOM 846  C CG2  . ILE A 1 53 ? -4.849  0.035   -12.918 1.00 1.12  ? 55 ILE A CG2  1 
ATOM 847  C CD1  . ILE A 1 53 ? -6.970  -1.528  -14.168 1.00 2.34  ? 55 ILE A CD1  1 
ATOM 848  H H    . ILE A 1 53 ? -8.185  0.366   -10.688 1.00 1.07  ? 55 ILE A H    1 
ATOM 849  H HA   . ILE A 1 53 ? -5.597  -0.914  -10.369 1.00 0.80  ? 55 ILE A HA   1 
ATOM 850  H HB   . ILE A 1 53 ? -6.864  0.692   -12.596 1.00 1.71  ? 55 ILE A HB   1 
ATOM 851  H HG12 . ILE A 1 53 ? -6.192  -2.252  -12.302 1.00 2.11  ? 55 ILE A HG12 1 
ATOM 852  H HG13 . ILE A 1 53 ? -7.807  -1.550  -12.194 1.00 2.37  ? 55 ILE A HG13 1 
ATOM 853  H HG21 . ILE A 1 53 ? -4.078  -0.007  -12.163 1.00 1.71  ? 55 ILE A HG21 1 
ATOM 854  H HG22 . ILE A 1 53 ? -4.706  -0.768  -13.624 1.00 1.41  ? 55 ILE A HG22 1 
ATOM 855  H HG23 . ILE A 1 53 ? -4.800  0.984   -13.434 1.00 1.64  ? 55 ILE A HG23 1 
ATOM 856  H HD11 . ILE A 1 53 ? -7.417  -0.614  -14.534 1.00 2.79  ? 55 ILE A HD11 1 
ATOM 857  H HD12 . ILE A 1 53 ? -5.993  -1.654  -14.612 1.00 2.57  ? 55 ILE A HD12 1 
ATOM 858  H HD13 . ILE A 1 53 ? -7.596  -2.366  -14.432 1.00 2.54  ? 55 ILE A HD13 1 
ATOM 859  N N    . HIS A 1 54 ? -5.476  1.703   -9.123  1.00 0.58  ? 56 HIS A N    1 
ATOM 860  C CA   . HIS A 1 54 ? -4.725  2.917   -8.684  1.00 0.50  ? 56 HIS A CA   1 
ATOM 861  C C    . HIS A 1 54 ? -5.076  3.230   -7.230  1.00 0.48  ? 56 HIS A C    1 
ATOM 862  O O    . HIS A 1 54 ? -4.283  3.786   -6.498  1.00 0.77  ? 56 HIS A O    1 
ATOM 863  C CB   . HIS A 1 54 ? -5.092  4.129   -9.560  1.00 0.70  ? 56 HIS A CB   1 
ATOM 864  C CG   . HIS A 1 54 ? -6.260  3.804   -10.450 1.00 0.84  ? 56 HIS A CG   1 
ATOM 865  N ND1  . HIS A 1 54 ? -6.091  3.415   -11.769 1.00 0.92  ? 56 HIS A ND1  1 
ATOM 866  C CD2  . HIS A 1 54 ? -7.613  3.775   -10.221 1.00 1.16  ? 56 HIS A CD2  1 
ATOM 867  C CE1  . HIS A 1 54 ? -7.308  3.167   -12.280 1.00 1.12  ? 56 HIS A CE1  1 
ATOM 868  N NE2  . HIS A 1 54 ? -8.275  3.373   -11.379 1.00 1.32  ? 56 HIS A NE2  1 
ATOM 869  H H    . HIS A 1 54 ? -6.108  1.276   -8.510  1.00 0.76  ? 56 HIS A H    1 
ATOM 870  H HA   . HIS A 1 54 ? -3.665  2.729   -8.761  1.00 0.58  ? 56 HIS A HA   1 
ATOM 871  H HB2  . HIS A 1 54 ? -5.348  4.964   -8.925  1.00 0.86  ? 56 HIS A HB2  1 
ATOM 872  H HB3  . HIS A 1 54 ? -4.242  4.395   -10.171 1.00 0.76  ? 56 HIS A HB3  1 
ATOM 873  H HD1  . HIS A 1 54 ? -5.237  3.334   -12.243 1.00 1.02  ? 56 HIS A HD1  1 
ATOM 874  H HD2  . HIS A 1 54 ? -8.091  4.024   -9.284  1.00 1.37  ? 56 HIS A HD2  1 
ATOM 875  H HE1  . HIS A 1 54 ? -7.480  2.828   -13.291 1.00 1.23  ? 56 HIS A HE1  1 
ATOM 876  N N    . TRP A 1 55 ? -6.260  2.889   -6.802  1.00 0.42  ? 57 TRP A N    1 
ATOM 877  C CA   . TRP A 1 55 ? -6.641  3.179   -5.399  1.00 0.39  ? 57 TRP A CA   1 
ATOM 878  C C    . TRP A 1 55 ? -7.213  1.920   -4.742  1.00 0.38  ? 57 TRP A C    1 
ATOM 879  O O    . TRP A 1 55 ? -8.392  1.641   -4.831  1.00 0.54  ? 57 TRP A O    1 
ATOM 880  C CB   . TRP A 1 55 ? -7.677  4.305   -5.385  1.00 0.41  ? 57 TRP A CB   1 
ATOM 881  C CG   . TRP A 1 55 ? -6.955  5.606   -5.263  1.00 0.42  ? 57 TRP A CG   1 
ATOM 882  C CD1  . TRP A 1 55 ? -7.189  6.712   -6.008  1.00 0.50  ? 57 TRP A CD1  1 
ATOM 883  C CD2  . TRP A 1 55 ? -5.873  5.943   -4.356  1.00 0.48  ? 57 TRP A CD2  1 
ATOM 884  N NE1  . TRP A 1 55 ? -6.314  7.709   -5.610  1.00 0.60  ? 57 TRP A NE1  1 
ATOM 885  C CE2  . TRP A 1 55 ? -5.485  7.283   -4.589  1.00 0.58  ? 57 TRP A CE2  1 
ATOM 886  C CE3  . TRP A 1 55 ? -5.202  5.219   -3.358  1.00 0.53  ? 57 TRP A CE3  1 
ATOM 887  C CZ2  . TRP A 1 55 ? -4.461  7.883   -3.856  1.00 0.69  ? 57 TRP A CZ2  1 
ATOM 888  C CZ3  . TRP A 1 55 ? -4.171  5.819   -2.617  1.00 0.64  ? 57 TRP A CZ3  1 
ATOM 889  C CH2  . TRP A 1 55 ? -3.802  7.149   -2.865  1.00 0.71  ? 57 TRP A CH2  1 
ATOM 890  H H    . TRP A 1 55 ? -6.896  2.450   -7.403  1.00 0.61  ? 57 TRP A H    1 
ATOM 891  H HA   . TRP A 1 55 ? -5.766  3.497   -4.855  1.00 0.41  ? 57 TRP A HA   1 
ATOM 892  H HB2  . TRP A 1 55 ? -8.246  4.288   -6.303  1.00 0.42  ? 57 TRP A HB2  1 
ATOM 893  H HB3  . TRP A 1 55 ? -8.341  4.179   -4.542  1.00 0.49  ? 57 TRP A HB3  1 
ATOM 894  H HD1  . TRP A 1 55 ? -7.933  6.801   -6.786  1.00 0.54  ? 57 TRP A HD1  1 
ATOM 895  H HE1  . TRP A 1 55 ? -6.271  8.612   -5.991  1.00 0.70  ? 57 TRP A HE1  1 
ATOM 896  H HE3  . TRP A 1 55 ? -5.479  4.192   -3.167  1.00 0.54  ? 57 TRP A HE3  1 
ATOM 897  H HZ2  . TRP A 1 55 ? -4.181  8.908   -4.052  1.00 0.79  ? 57 TRP A HZ2  1 
ATOM 898  H HZ3  . TRP A 1 55 ? -3.661  5.254   -1.852  1.00 0.72  ? 57 TRP A HZ3  1 
ATOM 899  H HH2  . TRP A 1 55 ? -3.009  7.605   -2.293  1.00 0.81  ? 57 TRP A HH2  1 
ATOM 900  N N    . TRP A 1 56 ? -6.380  1.155   -4.080  1.00 0.28  ? 58 TRP A N    1 
ATOM 901  C CA   . TRP A 1 56 ? -6.873  -0.086  -3.416  1.00 0.31  ? 58 TRP A CA   1 
ATOM 902  C C    . TRP A 1 56 ? -7.347  0.232   -2.003  1.00 0.32  ? 58 TRP A C    1 
ATOM 903  O O    . TRP A 1 56 ? -7.364  1.368   -1.572  1.00 0.57  ? 58 TRP A O    1 
ATOM 904  C CB   . TRP A 1 56 ? -5.753  -1.119  -3.312  1.00 0.32  ? 58 TRP A CB   1 
ATOM 905  C CG   . TRP A 1 56 ? -5.101  -1.318  -4.638  1.00 0.31  ? 58 TRP A CG   1 
ATOM 906  C CD1  . TRP A 1 56 ? -5.732  -1.399  -5.833  1.00 0.42  ? 58 TRP A CD1  1 
ATOM 907  C CD2  . TRP A 1 56 ? -3.690  -1.476  -4.910  1.00 0.30  ? 58 TRP A CD2  1 
ATOM 908  N NE1  . TRP A 1 56 ? -4.781  -1.599  -6.823  1.00 0.44  ? 58 TRP A NE1  1 
ATOM 909  C CE2  . TRP A 1 56 ? -3.505  -1.652  -6.299  1.00 0.36  ? 58 TRP A CE2  1 
ATOM 910  C CE3  . TRP A 1 56 ? -2.565  -1.480  -4.084  1.00 0.36  ? 58 TRP A CE3  1 
ATOM 911  C CZ2  . TRP A 1 56 ? -2.235  -1.831  -6.848  1.00 0.41  ? 58 TRP A CZ2  1 
ATOM 912  C CZ3  . TRP A 1 56 ? -1.287  -1.661  -4.626  1.00 0.44  ? 58 TRP A CZ3  1 
ATOM 913  C CH2  . TRP A 1 56 ? -1.119  -1.837  -6.005  1.00 0.45  ? 58 TRP A CH2  1 
ATOM 914  H H    . TRP A 1 56 ? -5.432  1.399   -4.021  1.00 0.30  ? 58 TRP A H    1 
ATOM 915  H HA   . TRP A 1 56 ? -7.682  -0.503  -3.986  1.00 0.34  ? 58 TRP A HA   1 
ATOM 916  H HB2  . TRP A 1 56 ? -5.013  -0.780  -2.598  1.00 0.35  ? 58 TRP A HB2  1 
ATOM 917  H HB3  . TRP A 1 56 ? -6.168  -2.060  -2.972  1.00 0.36  ? 58 TRP A HB3  1 
ATOM 918  H HD1  . TRP A 1 56 ? -6.797  -1.321  -5.988  1.00 0.52  ? 58 TRP A HD1  1 
ATOM 919  H HE1  . TRP A 1 56 ? -4.969  -1.697  -7.778  1.00 0.54  ? 58 TRP A HE1  1 
ATOM 920  H HE3  . TRP A 1 56 ? -2.688  -1.339  -3.020  1.00 0.39  ? 58 TRP A HE3  1 
ATOM 921  H HZ2  . TRP A 1 56 ? -2.115  -1.966  -7.913  1.00 0.48  ? 58 TRP A HZ2  1 
ATOM 922  H HZ3  . TRP A 1 56 ? -0.431  -1.669  -3.978  1.00 0.55  ? 58 TRP A HZ3  1 
ATOM 923  H HH2  . TRP A 1 56 ? -0.128  -1.976  -6.412  1.00 0.53  ? 58 TRP A HH2  1 
ATOM 924  N N    . ARG A 1 57 ? -7.702  -0.785  -1.273  1.00 0.31  ? 59 ARG A N    1 
ATOM 925  C CA   . ARG A 1 57 ? -8.147  -0.595  0.131   1.00 0.34  ? 59 ARG A CA   1 
ATOM 926  C C    . ARG A 1 57 ? -7.402  -1.614  0.987   1.00 0.42  ? 59 ARG A C    1 
ATOM 927  O O    . ARG A 1 57 ? -7.093  -2.697  0.533   1.00 0.84  ? 59 ARG A O    1 
ATOM 928  C CB   . ARG A 1 57 ? -9.652  -0.834  0.236   1.00 0.48  ? 59 ARG A CB   1 
ATOM 929  C CG   . ARG A 1 57 ? -10.284 0.268   1.086   1.00 1.22  ? 59 ARG A CG   1 
ATOM 930  C CD   . ARG A 1 57 ? -11.635 -0.211  1.617   1.00 1.55  ? 59 ARG A CD   1 
ATOM 931  N NE   . ARG A 1 57 ? -12.497 -0.629  0.475   1.00 1.80  ? 59 ARG A NE   1 
ATOM 932  C CZ   . ARG A 1 57 ? -13.603 -1.288  0.695   1.00 1.87  ? 59 ARG A CZ   1 
ATOM 933  N NH1  . ARG A 1 57 ? -13.963 -1.580  1.916   1.00 1.79  ? 59 ARG A NH1  1 
ATOM 934  N NH2  . ARG A 1 57 ? -14.352 -1.655  -0.309  1.00 2.50  ? 59 ARG A NH2  1 
ATOM 935  H H    . ARG A 1 57 ? -7.654  -1.689  -1.647  1.00 0.47  ? 59 ARG A H    1 
ATOM 936  H HA   . ARG A 1 57 ? -7.907  0.406   0.460   1.00 0.32  ? 59 ARG A HA   1 
ATOM 937  H HB2  . ARG A 1 57 ? -10.089 -0.826  -0.751  1.00 1.17  ? 59 ARG A HB2  1 
ATOM 938  H HB3  . ARG A 1 57 ? -9.829  -1.789  0.702   1.00 1.20  ? 59 ARG A HB3  1 
ATOM 939  H HG2  . ARG A 1 57 ? -9.632  0.500   1.914   1.00 1.78  ? 59 ARG A HG2  1 
ATOM 940  H HG3  . ARG A 1 57 ? -10.429 1.151   0.481   1.00 1.78  ? 59 ARG A HG3  1 
ATOM 941  H HD2  . ARG A 1 57 ? -11.484 -1.049  2.281   1.00 2.22  ? 59 ARG A HD2  1 
ATOM 942  H HD3  . ARG A 1 57 ? -12.115 0.592   2.156   1.00 1.51  ? 59 ARG A HD3  1 
ATOM 943  H HE   . ARG A 1 57 ? -12.232 -0.411  -0.443  1.00 2.26  ? 59 ARG A HE   1 
ATOM 944  H HH11 . ARG A 1 57 ? -13.392 -1.299  2.687   1.00 1.78  ? 59 ARG A HH11 1 
ATOM 945  H HH12 . ARG A 1 57 ? -14.810 -2.084  2.080   1.00 2.12  ? 59 ARG A HH12 1 
ATOM 946  H HH21 . ARG A 1 57 ? -14.077 -1.433  -1.245  1.00 2.95  ? 59 ARG A HH21 1 
ATOM 947  H HH22 . ARG A 1 57 ? -15.199 -2.161  -0.143  1.00 2.71  ? 59 ARG A HH22 1 
ATOM 948  N N    . VAL A 1 58 ? -7.086  -1.288  2.206   1.00 0.31  ? 60 VAL A N    1 
ATOM 949  C CA   . VAL A 1 58 ? -6.337  -2.266  3.043   1.00 0.34  ? 60 VAL A CA   1 
ATOM 950  C C    . VAL A 1 58 ? -6.637  -2.040  4.523   1.00 0.38  ? 60 VAL A C    1 
ATOM 951  O O    . VAL A 1 58 ? -6.950  -0.947  4.951   1.00 0.66  ? 60 VAL A O    1 
ATOM 952  C CB   . VAL A 1 58 ? -4.831  -2.115  2.799   1.00 0.41  ? 60 VAL A CB   1 
ATOM 953  C CG1  . VAL A 1 58 ? -4.325  -3.309  1.989   1.00 0.46  ? 60 VAL A CG1  1 
ATOM 954  C CG2  . VAL A 1 58 ? -4.537  -0.822  2.027   1.00 0.40  ? 60 VAL A CG2  1 
ATOM 955  H H    . VAL A 1 58 ? -7.323  -0.407  2.561   1.00 0.57  ? 60 VAL A H    1 
ATOM 956  H HA   . VAL A 1 58 ? -6.635  -3.266  2.773   1.00 0.39  ? 60 VAL A HA   1 
ATOM 957  H HB   . VAL A 1 58 ? -4.323  -2.088  3.749   1.00 0.51  ? 60 VAL A HB   1 
ATOM 958  H HG11 . VAL A 1 58 ? -4.785  -4.213  2.358   1.00 1.25  ? 60 VAL A HG11 1 
ATOM 959  H HG12 . VAL A 1 58 ? -4.582  -3.172  0.948   1.00 1.05  ? 60 VAL A HG12 1 
ATOM 960  H HG13 . VAL A 1 58 ? -3.253  -3.383  2.087   1.00 1.05  ? 60 VAL A HG13 1 
ATOM 961  H HG21 . VAL A 1 58 ? -5.274  -0.075  2.283   1.00 1.00  ? 60 VAL A HG21 1 
ATOM 962  H HG22 . VAL A 1 58 ? -3.554  -0.460  2.289   1.00 0.93  ? 60 VAL A HG22 1 
ATOM 963  H HG23 . VAL A 1 58 ? -4.578  -1.018  0.967   1.00 1.10  ? 60 VAL A HG23 1 
ATOM 964  N N    . GLN A 1 59 ? -6.536  -3.079  5.306   1.00 0.36  ? 61 GLN A N    1 
ATOM 965  C CA   . GLN A 1 59 ? -6.807  -2.952  6.764   1.00 0.39  ? 61 GLN A CA   1 
ATOM 966  C C    . GLN A 1 59 ? -5.642  -3.562  7.545   1.00 0.43  ? 61 GLN A C    1 
ATOM 967  O O    . GLN A 1 59 ? -5.677  -4.716  7.922   1.00 0.78  ? 61 GLN A O    1 
ATOM 968  C CB   . GLN A 1 59 ? -8.096  -3.704  7.107   1.00 0.49  ? 61 GLN A CB   1 
ATOM 969  C CG   . GLN A 1 59 ? -9.050  -2.772  7.856   1.00 1.40  ? 61 GLN A CG   1 
ATOM 970  C CD   . GLN A 1 59 ? -10.365 -3.505  8.133   1.00 1.85  ? 61 GLN A CD   1 
ATOM 971  O OE1  . GLN A 1 59 ? -10.540 -4.086  9.186   1.00 2.40  ? 61 GLN A OE1  1 
ATOM 972  N NE2  . GLN A 1 59 ? -11.303 -3.501  7.225   1.00 2.42  ? 61 GLN A NE2  1 
ATOM 973  H H    . GLN A 1 59 ? -6.279  -3.947  4.933   1.00 0.54  ? 61 GLN A H    1 
ATOM 974  H HA   . GLN A 1 59 ? -6.914  -1.910  7.025   1.00 0.35  ? 61 GLN A HA   1 
ATOM 975  H HB2  . GLN A 1 59 ? -8.566  -4.044  6.196   1.00 1.24  ? 61 GLN A HB2  1 
ATOM 976  H HB3  . GLN A 1 59 ? -7.863  -4.553  7.731   1.00 1.04  ? 61 GLN A HB3  1 
ATOM 977  H HG2  . GLN A 1 59 ? -8.600  -2.471  8.791   1.00 2.06  ? 61 GLN A HG2  1 
ATOM 978  H HG3  . GLN A 1 59 ? -9.249  -1.899  7.252   1.00 2.00  ? 61 GLN A HG3  1 
ATOM 979  H HE21 . GLN A 1 59 ? -11.159 -3.033  6.377   1.00 2.74  ? 61 GLN A HE21 1 
ATOM 980  H HE22 . GLN A 1 59 ? -12.148 -3.967  7.392   1.00 2.89  ? 61 GLN A HE22 1 
ATOM 981  N N    . ASP A 1 60 ? -4.608  -2.800  7.791   1.00 0.38  ? 62 ASP A N    1 
ATOM 982  C CA   . ASP A 1 60 ? -3.446  -3.343  8.552   1.00 0.43  ? 62 ASP A CA   1 
ATOM 983  C C    . ASP A 1 60 ? -3.961  -4.010  9.837   1.00 0.47  ? 62 ASP A C    1 
ATOM 984  O O    . ASP A 1 60 ? -5.150  -4.080  10.073  1.00 0.80  ? 62 ASP A O    1 
ATOM 985  C CB   . ASP A 1 60 ? -2.498  -2.202  8.916   1.00 0.44  ? 62 ASP A CB   1 
ATOM 986  C CG   . ASP A 1 60 ? -1.112  -2.773  9.212   1.00 0.59  ? 62 ASP A CG   1 
ATOM 987  O OD1  . ASP A 1 60 ? -0.892  -3.928  8.887   1.00 1.11  ? 62 ASP A OD1  1 
ATOM 988  O OD2  . ASP A 1 60 ? -0.297  -2.050  9.760   1.00 1.41  ? 62 ASP A OD2  1 
ATOM 989  H H    . ASP A 1 60 ? -4.598  -1.871  7.477   1.00 0.58  ? 62 ASP A H    1 
ATOM 990  H HA   . ASP A 1 60 ? -2.918  -4.067  7.939   1.00 0.47  ? 62 ASP A HA   1 
ATOM 991  H HB2  . ASP A 1 60 ? -2.433  -1.508  8.091   1.00 0.48  ? 62 ASP A HB2  1 
ATOM 992  H HB3  . ASP A 1 60 ? -2.869  -1.691  9.792   1.00 0.55  ? 62 ASP A HB3  1 
ATOM 993  N N    . LYS A 1 61 ? -3.084  -4.501  10.672  1.00 0.79  ? 63 LYS A N    1 
ATOM 994  C CA   . LYS A 1 61 ? -3.543  -5.163  11.928  1.00 0.80  ? 63 LYS A CA   1 
ATOM 995  C C    . LYS A 1 61 ? -3.771  -4.126  13.035  1.00 0.96  ? 63 LYS A C    1 
ATOM 996  O O    . LYS A 1 61 ? -4.601  -4.313  13.903  1.00 1.50  ? 63 LYS A O    1 
ATOM 997  C CB   . LYS A 1 61 ? -2.480  -6.163  12.389  1.00 1.38  ? 63 LYS A CB   1 
ATOM 998  C CG   . LYS A 1 61 ? -2.847  -7.563  11.892  1.00 1.68  ? 63 LYS A CG   1 
ATOM 999  C CD   . LYS A 1 61 ? -3.554  -8.333  13.008  1.00 2.28  ? 63 LYS A CD   1 
ATOM 1000 C CE   . LYS A 1 61 ? -2.553  -8.656  14.120  1.00 2.91  ? 63 LYS A CE   1 
ATOM 1001 N NZ   . LYS A 1 61 ? -1.599  -9.698  13.643  1.00 3.46  ? 63 LYS A NZ   1 
ATOM 1002 H H    . LYS A 1 61 ? -2.129  -4.443  10.473  1.00 1.20  ? 63 LYS A H    1 
ATOM 1003 H HA   . LYS A 1 61 ? -4.465  -5.688  11.736  1.00 0.70  ? 63 LYS A HA   1 
ATOM 1004 H HB2  . LYS A 1 61 ? -1.519  -5.877  11.986  1.00 1.96  ? 63 LYS A HB2  1 
ATOM 1005 H HB3  . LYS A 1 61 ? -2.432  -6.168  13.467  1.00 1.69  ? 63 LYS A HB3  1 
ATOM 1006 H HG2  . LYS A 1 61 ? -3.504  -7.481  11.038  1.00 1.92  ? 63 LYS A HG2  1 
ATOM 1007 H HG3  . LYS A 1 61 ? -1.950  -8.091  11.606  1.00 2.30  ? 63 LYS A HG3  1 
ATOM 1008 H HD2  . LYS A 1 61 ? -4.356  -7.730  13.410  1.00 2.57  ? 63 LYS A HD2  1 
ATOM 1009 H HD3  . LYS A 1 61 ? -3.958  -9.252  12.612  1.00 2.76  ? 63 LYS A HD3  1 
ATOM 1010 H HE2  . LYS A 1 61 ? -2.007  -7.762  14.383  1.00 3.12  ? 63 LYS A HE2  1 
ATOM 1011 H HE3  . LYS A 1 61 ? -3.083  -9.022  14.987  1.00 3.40  ? 63 LYS A HE3  1 
ATOM 1012 H HZ1  . LYS A 1 61 ? -2.027  -10.226 12.857  1.00 3.86  ? 63 LYS A HZ1  1 
ATOM 1013 H HZ2  . LYS A 1 61 ? -0.722  -9.242  13.319  1.00 3.83  ? 63 LYS A HZ2  1 
ATOM 1014 H HZ3  . LYS A 1 61 ? -1.384  -10.353 14.421  1.00 3.63  ? 63 LYS A HZ3  1 
ATOM 1015 N N    . ASN A 1 62 ? -3.042  -3.042  13.028  1.00 1.10  ? 64 ASN A N    1 
ATOM 1016 C CA   . ASN A 1 62 ? -3.226  -2.018  14.100  1.00 1.47  ? 64 ASN A CA   1 
ATOM 1017 C C    . ASN A 1 62 ? -4.200  -0.927  13.642  1.00 1.36  ? 64 ASN A C    1 
ATOM 1018 O O    . ASN A 1 62 ? -3.959  0.250   13.811  1.00 1.97  ? 64 ASN A O    1 
ATOM 1019 C CB   . ASN A 1 62 ? -1.874  -1.411  14.461  1.00 2.02  ? 64 ASN A CB   1 
ATOM 1020 C CG   . ASN A 1 62 ? -1.314  -2.122  15.695  1.00 2.60  ? 64 ASN A CG   1 
ATOM 1021 O OD1  . ASN A 1 62 ? -1.589  -1.731  16.812  1.00 2.92  ? 64 ASN A OD1  1 
ATOM 1022 N ND2  . ASN A 1 62 ? -0.535  -3.158  15.540  1.00 3.22  ? 64 ASN A ND2  1 
ATOM 1023 H H    . ASN A 1 62 ? -2.370  -2.909  12.328  1.00 1.34  ? 64 ASN A H    1 
ATOM 1024 H HA   . ASN A 1 62 ? -3.629  -2.491  14.971  1.00 1.65  ? 64 ASN A HA   1 
ATOM 1025 H HB2  . ASN A 1 62 ? -1.193  -1.534  13.634  1.00 2.16  ? 64 ASN A HB2  1 
ATOM 1026 H HB3  . ASN A 1 62 ? -2.000  -0.364  14.681  1.00 2.19  ? 64 ASN A HB3  1 
ATOM 1027 H HD21 . ASN A 1 62 ? -0.313  -3.474  14.640  1.00 3.44  ? 64 ASN A HD21 1 
ATOM 1028 H HD22 . ASN A 1 62 ? -0.173  -3.620  16.326  1.00 3.70  ? 64 ASN A HD22 1 
ATOM 1029 N N    . GLY A 1 63 ? -5.310  -1.319  13.080  1.00 1.17  ? 65 GLY A N    1 
ATOM 1030 C CA   . GLY A 1 63 ? -6.325  -0.327  12.617  1.00 1.07  ? 65 GLY A CA   1 
ATOM 1031 C C    . GLY A 1 63 ? -5.696  0.676   11.659  1.00 0.83  ? 65 GLY A C    1 
ATOM 1032 O O    . GLY A 1 63 ? -6.237  1.740   11.439  1.00 0.80  ? 65 GLY A O    1 
ATOM 1033 H H    . GLY A 1 63 ? -5.485  -2.278  12.971  1.00 1.58  ? 65 GLY A H    1 
ATOM 1034 H HA2  . GLY A 1 63 ? -7.121  -0.851  12.107  1.00 1.08  ? 65 GLY A HA2  1 
ATOM 1035 H HA3  . GLY A 1 63 ? -6.736  0.206   13.458  1.00 1.21  ? 65 GLY A HA3  1 
ATOM 1036 N N    . HIS A 1 64 ? -4.584  0.347   11.062  1.00 0.75  ? 66 HIS A N    1 
ATOM 1037 C CA   . HIS A 1 64 ? -3.978  1.291   10.086  1.00 0.56  ? 66 HIS A CA   1 
ATOM 1038 C C    . HIS A 1 64 ? -4.714  1.070   8.772   1.00 0.48  ? 66 HIS A C    1 
ATOM 1039 O O    . HIS A 1 64 ? -4.223  0.435   7.859   1.00 0.49  ? 66 HIS A O    1 
ATOM 1040 C CB   . HIS A 1 64 ? -2.484  1.002   9.923   1.00 0.68  ? 66 HIS A CB   1 
ATOM 1041 C CG   . HIS A 1 64 ? -1.841  0.959   11.279  1.00 0.91  ? 66 HIS A CG   1 
ATOM 1042 N ND1  . HIS A 1 64 ? -0.661  0.277   11.517  1.00 1.23  ? 66 HIS A ND1  1 
ATOM 1043 C CD2  . HIS A 1 64 ? -2.202  1.515   12.479  1.00 1.36  ? 66 HIS A CD2  1 
ATOM 1044 C CE1  . HIS A 1 64 ? -0.358  0.439   12.816  1.00 1.34  ? 66 HIS A CE1  1 
ATOM 1045 N NE2  . HIS A 1 64 ? -1.260  1.190   13.447  1.00 1.39  ? 66 HIS A NE2  1 
ATOM 1046 H H    . HIS A 1 64 ? -4.170  -0.524  11.232  1.00 0.88  ? 66 HIS A H    1 
ATOM 1047 H HA   . HIS A 1 64 ? -4.125  2.307   10.423  1.00 0.52  ? 66 HIS A HA   1 
ATOM 1048 H HB2  . HIS A 1 64 ? -2.351  0.054   9.428   1.00 0.68  ? 66 HIS A HB2  1 
ATOM 1049 H HB3  . HIS A 1 64 ? -2.028  1.783   9.335   1.00 0.73  ? 66 HIS A HB3  1 
ATOM 1050 H HD1  . HIS A 1 64 ? -0.142  -0.232  10.859  1.00 1.63  ? 66 HIS A HD1  1 
ATOM 1051 H HD2  . HIS A 1 64 ? -3.105  2.075   12.659  1.00 1.87  ? 66 HIS A HD2  1 
ATOM 1052 H HE1  . HIS A 1 64 ? 0.484   -0.023  13.303  1.00 1.71  ? 66 HIS A HE1  1 
ATOM 1053 N N    . GLU A 1 65 ? -5.918  1.554   8.703   1.00 0.47  ? 67 GLU A N    1 
ATOM 1054 C CA   . GLU A 1 65 ? -6.755  1.353   7.501   1.00 0.45  ? 67 GLU A CA   1 
ATOM 1055 C C    . GLU A 1 65 ? -6.355  2.329   6.398   1.00 0.34  ? 67 GLU A C    1 
ATOM 1056 O O    . GLU A 1 65 ? -7.012  3.322   6.157   1.00 0.34  ? 67 GLU A O    1 
ATOM 1057 C CB   . GLU A 1 65 ? -8.212  1.577   7.902   1.00 0.61  ? 67 GLU A CB   1 
ATOM 1058 C CG   . GLU A 1 65 ? -8.719  0.363   8.681   1.00 1.18  ? 67 GLU A CG   1 
ATOM 1059 C CD   . GLU A 1 65 ? -10.248 0.394   8.740   1.00 1.50  ? 67 GLU A CD   1 
ATOM 1060 O OE1  . GLU A 1 65 ? -10.774 1.141   9.549   1.00 1.87  ? 67 GLU A OE1  1 
ATOM 1061 O OE2  . GLU A 1 65 ? -10.866 -0.328  7.975   1.00 2.15  ? 67 GLU A OE2  1 
ATOM 1062 H H    . GLU A 1 65 ? -6.291  2.029   9.468   1.00 0.53  ? 67 GLU A H    1 
ATOM 1063 H HA   . GLU A 1 65 ? -6.636  0.340   7.146   1.00 0.50  ? 67 GLU A HA   1 
ATOM 1064 H HB2  . GLU A 1 65 ? -8.277  2.455   8.531   1.00 1.39  ? 67 GLU A HB2  1 
ATOM 1065 H HB3  . GLU A 1 65 ? -8.813  1.714   7.020   1.00 1.30  ? 67 GLU A HB3  1 
ATOM 1066 H HG2  . GLU A 1 65 ? -8.394  -0.542  8.190   1.00 1.87  ? 67 GLU A HG2  1 
ATOM 1067 H HG3  . GLU A 1 65 ? -8.323  0.390   9.686   1.00 1.84  ? 67 GLU A HG3  1 
ATOM 1068 N N    . GLY A 1 66 ? -5.286  2.042   5.714   1.00 0.33  ? 68 GLY A N    1 
ATOM 1069 C CA   . GLY A 1 66 ? -4.849  2.934   4.611   1.00 0.32  ? 68 GLY A CA   1 
ATOM 1070 C C    . GLY A 1 66 ? -5.493  2.456   3.314   1.00 0.34  ? 68 GLY A C    1 
ATOM 1071 O O    . GLY A 1 66 ? -6.203  1.473   3.293   1.00 0.41  ? 68 GLY A O    1 
ATOM 1072 H H    . GLY A 1 66 ? -4.777  1.229   5.917   1.00 0.40  ? 68 GLY A H    1 
ATOM 1073 H HA2  . GLY A 1 66 ? -5.164  3.945   4.819   1.00 0.31  ? 68 GLY A HA2  1 
ATOM 1074 H HA3  . GLY A 1 66 ? -3.775  2.897   4.513   1.00 0.38  ? 68 GLY A HA3  1 
ATOM 1075 N N    . TYR A 1 67 ? -5.246  3.138   2.235   1.00 0.33  ? 69 TYR A N    1 
ATOM 1076 C CA   . TYR A 1 67 ? -5.830  2.724   0.941   1.00 0.37  ? 69 TYR A CA   1 
ATOM 1077 C C    . TYR A 1 67 ? -4.720  2.752   -0.115  1.00 0.44  ? 69 TYR A C    1 
ATOM 1078 O O    . TYR A 1 67 ? -4.814  3.418   -1.127  1.00 0.81  ? 69 TYR A O    1 
ATOM 1079 C CB   . TYR A 1 67 ? -6.962  3.685   0.563   1.00 0.48  ? 69 TYR A CB   1 
ATOM 1080 C CG   . TYR A 1 67 ? -8.032  3.642   1.634   1.00 0.48  ? 69 TYR A CG   1 
ATOM 1081 C CD1  . TYR A 1 67 ? -8.346  2.429   2.259   1.00 1.25  ? 69 TYR A CD1  1 
ATOM 1082 C CD2  . TYR A 1 67 ? -8.713  4.812   2.003   1.00 1.24  ? 69 TYR A CD2  1 
ATOM 1083 C CE1  . TYR A 1 67 ? -9.333  2.383   3.248   1.00 1.29  ? 69 TYR A CE1  1 
ATOM 1084 C CE2  . TYR A 1 67 ? -9.704  4.763   2.991   1.00 1.31  ? 69 TYR A CE2  1 
ATOM 1085 C CZ   . TYR A 1 67 ? -10.014 3.549   3.614   1.00 0.72  ? 69 TYR A CZ   1 
ATOM 1086 O OH   . TYR A 1 67 ? -10.989 3.501   4.588   1.00 0.89  ? 69 TYR A OH   1 
ATOM 1087 H H    . TYR A 1 67 ? -4.670  3.916   2.272   1.00 0.34  ? 69 TYR A H    1 
ATOM 1088 H HA   . TYR A 1 67 ? -6.213  1.726   1.037   1.00 0.37  ? 69 TYR A HA   1 
ATOM 1089 H HB2  . TYR A 1 67 ? -6.571  4.689   0.481   1.00 0.52  ? 69 TYR A HB2  1 
ATOM 1090 H HB3  . TYR A 1 67 ? -7.388  3.385   -0.383  1.00 0.59  ? 69 TYR A HB3  1 
ATOM 1091 H HD1  . TYR A 1 67 ? -7.823  1.526   1.980   1.00 2.07  ? 69 TYR A HD1  1 
ATOM 1092 H HD2  . TYR A 1 67 ? -8.471  5.754   1.531   1.00 2.05  ? 69 TYR A HD2  1 
ATOM 1093 H HE1  . TYR A 1 67 ? -9.570  1.444   3.728   1.00 2.11  ? 69 TYR A HE1  1 
ATOM 1094 H HE2  . TYR A 1 67 ? -10.228 5.664   3.274   1.00 2.14  ? 69 TYR A HE2  1 
ATOM 1095 H HH   . TYR A 1 67 ? -11.808 3.215   4.174   1.00 1.20  ? 69 TYR A HH   1 
ATOM 1096 N N    . ALA A 1 68 ? -3.661  2.037   0.146   1.00 0.47  ? 70 ALA A N    1 
ATOM 1097 C CA   . ALA A 1 68 ? -2.495  1.993   -0.786  1.00 0.65  ? 70 ALA A CA   1 
ATOM 1098 C C    . ALA A 1 68 ? -2.942  2.070   -2.253  1.00 0.47  ? 70 ALA A C    1 
ATOM 1099 O O    . ALA A 1 68 ? -3.754  1.280   -2.692  1.00 0.49  ? 70 ALA A O    1 
ATOM 1100 C CB   . ALA A 1 68 ? -1.749  0.678   -0.570  1.00 0.90  ? 70 ALA A CB   1 
ATOM 1101 H H    . ALA A 1 68 ? -3.623  1.528   0.983   1.00 0.66  ? 70 ALA A H    1 
ATOM 1102 H HA   . ALA A 1 68 ? -1.833  2.810   -0.559  1.00 0.82  ? 70 ALA A HA   1 
ATOM 1103 H HB1  . ALA A 1 68 ? -1.611  0.512   0.488   1.00 1.36  ? 70 ALA A HB1  1 
ATOM 1104 H HB2  . ALA A 1 68 ? -2.325  -0.134  -0.989  1.00 1.48  ? 70 ALA A HB2  1 
ATOM 1105 H HB3  . ALA A 1 68 ? -0.787  0.727   -1.056  1.00 1.30  ? 70 ALA A HB3  1 
ATOM 1106 N N    . PRO A 1 69 ? -2.371  3.008   -2.977  1.00 0.40  ? 71 PRO A N    1 
ATOM 1107 C CA   . PRO A 1 69 ? -2.664  3.198   -4.407  1.00 0.32  ? 71 PRO A CA   1 
ATOM 1108 C C    . PRO A 1 69 ? -1.809  2.232   -5.237  1.00 0.25  ? 71 PRO A C    1 
ATOM 1109 O O    . PRO A 1 69 ? -1.113  1.393   -4.701  1.00 0.28  ? 71 PRO A O    1 
ATOM 1110 C CB   . PRO A 1 69 ? -2.240  4.643   -4.672  1.00 0.45  ? 71 PRO A CB   1 
ATOM 1111 C CG   . PRO A 1 69 ? -1.214  5.003   -3.571  1.00 0.55  ? 71 PRO A CG   1 
ATOM 1112 C CD   . PRO A 1 69 ? -1.396  3.976   -2.435  1.00 0.51  ? 71 PRO A CD   1 
ATOM 1113 H HA   . PRO A 1 69 ? -3.714  3.067   -4.611  1.00 0.32  ? 71 PRO A HA   1 
ATOM 1114 H HB2  . PRO A 1 69 ? -1.784  4.720   -5.650  1.00 0.47  ? 71 PRO A HB2  1 
ATOM 1115 H HB3  . PRO A 1 69 ? -3.093  5.300   -4.607  1.00 0.51  ? 71 PRO A HB3  1 
ATOM 1116 H HG2  . PRO A 1 69 ? -0.215  4.939   -3.971  1.00 0.61  ? 71 PRO A HG2  1 
ATOM 1117 H HG3  . PRO A 1 69 ? -1.400  5.999   -3.196  1.00 0.64  ? 71 PRO A HG3  1 
ATOM 1118 H HD2  . PRO A 1 69 ? -0.457  3.486   -2.217  1.00 0.57  ? 71 PRO A HD2  1 
ATOM 1119 H HD3  . PRO A 1 69 ? -1.791  4.448   -1.551  1.00 0.56  ? 71 PRO A HD3  1 
ATOM 1120 N N    . SER A 1 70 ? -1.848  2.345   -6.536  1.00 0.24  ? 72 SER A N    1 
ATOM 1121 C CA   . SER A 1 70 ? -1.028  1.435   -7.384  1.00 0.25  ? 72 SER A CA   1 
ATOM 1122 C C    . SER A 1 70 ? 0.335   2.074   -7.671  1.00 0.24  ? 72 SER A C    1 
ATOM 1123 O O    . SER A 1 70 ? 1.352   1.411   -7.683  1.00 0.27  ? 72 SER A O    1 
ATOM 1124 C CB   . SER A 1 70 ? -1.756  1.178   -8.705  1.00 0.35  ? 72 SER A CB   1 
ATOM 1125 O OG   . SER A 1 70 ? -1.291  -0.042  -9.268  1.00 0.83  ? 72 SER A OG   1 
ATOM 1126 H H    . SER A 1 70 ? -2.409  3.030   -6.953  1.00 0.29  ? 72 SER A H    1 
ATOM 1127 H HA   . SER A 1 70 ? -0.882  0.499   -6.866  1.00 0.28  ? 72 SER A HA   1 
ATOM 1128 H HB2  . SER A 1 70 ? -2.814  1.105   -8.527  1.00 0.65  ? 72 SER A HB2  1 
ATOM 1129 H HB3  . SER A 1 70 ? -1.563  1.997   -9.385  1.00 0.66  ? 72 SER A HB3  1 
ATOM 1130 H HG   . SER A 1 70 ? -0.524  0.155   -9.812  1.00 1.14  ? 72 SER A HG   1 
ATOM 1131 N N    . SER A 1 71 ? 0.359   3.357   -7.918  1.00 0.29  ? 73 SER A N    1 
ATOM 1132 C CA   . SER A 1 71 ? 1.650   4.040   -8.223  1.00 0.36  ? 73 SER A CA   1 
ATOM 1133 C C    . SER A 1 71 ? 2.569   4.015   -6.998  1.00 0.33  ? 73 SER A C    1 
ATOM 1134 O O    . SER A 1 71 ? 3.741   3.709   -7.099  1.00 0.44  ? 73 SER A O    1 
ATOM 1135 C CB   . SER A 1 71 ? 1.371   5.490   -8.621  1.00 0.47  ? 73 SER A CB   1 
ATOM 1136 O OG   . SER A 1 71 ? 2.512   6.024   -9.277  1.00 0.77  ? 73 SER A OG   1 
ATOM 1137 H H    . SER A 1 71 ? -0.476  3.870   -7.915  1.00 0.34  ? 73 SER A H    1 
ATOM 1138 H HA   . SER A 1 71 ? 2.136   3.534   -9.043  1.00 0.40  ? 73 SER A HA   1 
ATOM 1139 H HB2  . SER A 1 71 ? 0.529   5.525   -9.291  1.00 0.72  ? 73 SER A HB2  1 
ATOM 1140 H HB3  . SER A 1 71 ? 1.148   6.069   -7.734  1.00 0.68  ? 73 SER A HB3  1 
ATOM 1141 H HG   . SER A 1 71 ? 2.285   6.898   -9.604  1.00 1.34  ? 73 SER A HG   1 
ATOM 1142 N N    . TYR A 1 72 ? 2.055   4.338   -5.842  1.00 0.28  ? 74 TYR A N    1 
ATOM 1143 C CA   . TYR A 1 72 ? 2.910   4.336   -4.617  1.00 0.28  ? 74 TYR A CA   1 
ATOM 1144 C C    . TYR A 1 72 ? 3.014   2.916   -4.059  1.00 0.29  ? 74 TYR A C    1 
ATOM 1145 O O    . TYR A 1 72 ? 3.407   2.715   -2.928  1.00 0.45  ? 74 TYR A O    1 
ATOM 1146 C CB   . TYR A 1 72 ? 2.286   5.247   -3.558  1.00 0.30  ? 74 TYR A CB   1 
ATOM 1147 C CG   . TYR A 1 72 ? 3.246   6.349   -3.206  1.00 0.26  ? 74 TYR A CG   1 
ATOM 1148 C CD1  . TYR A 1 72 ? 4.477   6.044   -2.620  1.00 1.17  ? 74 TYR A CD1  1 
ATOM 1149 C CD2  . TYR A 1 72 ? 2.908   7.678   -3.474  1.00 1.30  ? 74 TYR A CD2  1 
ATOM 1150 C CE1  . TYR A 1 72 ? 5.371   7.071   -2.297  1.00 1.19  ? 74 TYR A CE1  1 
ATOM 1151 C CE2  . TYR A 1 72 ? 3.798   8.704   -3.154  1.00 1.34  ? 74 TYR A CE2  1 
ATOM 1152 C CZ   . TYR A 1 72 ? 5.030   8.403   -2.565  1.00 0.44  ? 74 TYR A CZ   1 
ATOM 1153 O OH   . TYR A 1 72 ? 5.910   9.418   -2.247  1.00 0.59  ? 74 TYR A OH   1 
ATOM 1154 H H    . TYR A 1 72 ? 1.110   4.587   -5.779  1.00 0.34  ? 74 TYR A H    1 
ATOM 1155 H HA   . TYR A 1 72 ? 3.899   4.696   -4.865  1.00 0.33  ? 74 TYR A HA   1 
ATOM 1156 H HB2  . TYR A 1 72 ? 1.381   5.682   -3.950  1.00 0.36  ? 74 TYR A HB2  1 
ATOM 1157 H HB3  . TYR A 1 72 ? 2.060   4.671   -2.674  1.00 0.37  ? 74 TYR A HB3  1 
ATOM 1158 H HD1  . TYR A 1 72 ? 4.736   5.017   -2.415  1.00 2.09  ? 74 TYR A HD1  1 
ATOM 1159 H HD2  . TYR A 1 72 ? 1.956   7.912   -3.924  1.00 2.22  ? 74 TYR A HD2  1 
ATOM 1160 H HE1  . TYR A 1 72 ? 6.320   6.837   -1.842  1.00 2.10  ? 74 TYR A HE1  1 
ATOM 1161 H HE2  . TYR A 1 72 ? 3.534   9.727   -3.365  1.00 2.26  ? 74 TYR A HE2  1 
ATOM 1162 H HH   . TYR A 1 72 ? 5.891   10.062  -2.960  1.00 1.10  ? 74 TYR A HH   1 
ATOM 1163 N N    . LEU A 1 73 ? 2.674   1.928   -4.840  1.00 0.25  ? 75 LEU A N    1 
ATOM 1164 C CA   . LEU A 1 73 ? 2.762   0.536   -4.354  1.00 0.28  ? 75 LEU A CA   1 
ATOM 1165 C C    . LEU A 1 73 ? 3.106   -0.394  -5.514  1.00 0.29  ? 75 LEU A C    1 
ATOM 1166 O O    . LEU A 1 73 ? 2.657   -0.210  -6.626  1.00 0.32  ? 75 LEU A O    1 
ATOM 1167 C CB   . LEU A 1 73 ? 1.430   0.107   -3.748  1.00 0.34  ? 75 LEU A CB   1 
ATOM 1168 C CG   . LEU A 1 73 ? 1.629   -0.284  -2.293  1.00 0.65  ? 75 LEU A CG   1 
ATOM 1169 C CD1  . LEU A 1 73 ? 1.539   0.967   -1.420  1.00 0.81  ? 75 LEU A CD1  1 
ATOM 1170 C CD2  . LEU A 1 73 ? 0.528   -1.270  -1.911  1.00 1.23  ? 75 LEU A CD2  1 
ATOM 1171 H H    . LEU A 1 73 ? 2.368   2.101   -5.742  1.00 0.32  ? 75 LEU A H    1 
ATOM 1172 H HA   . LEU A 1 73 ? 3.530   0.478   -3.611  1.00 0.34  ? 75 LEU A HA   1 
ATOM 1173 H HB2  . LEU A 1 73 ? 0.721   0.918   -3.799  1.00 0.46  ? 75 LEU A HB2  1 
ATOM 1174 H HB3  . LEU A 1 73 ? 1.050   -0.738  -4.296  1.00 0.76  ? 75 LEU A HB3  1 
ATOM 1175 H HG   . LEU A 1 73 ? 2.598   -0.747  -2.166  1.00 1.27  ? 75 LEU A HG   1 
ATOM 1176 H HD11 . LEU A 1 73 ? 0.715   1.581   -1.755  1.00 1.36  ? 75 LEU A HD11 1 
ATOM 1177 H HD12 . LEU A 1 73 ? 1.381   0.683   -0.392  1.00 1.32  ? 75 LEU A HD12 1 
ATOM 1178 H HD13 . LEU A 1 73 ? 2.458   1.526   -1.499  1.00 1.44  ? 75 LEU A HD13 1 
ATOM 1179 H HD21 . LEU A 1 73 ? -0.437  -0.804  -2.054  1.00 1.75  ? 75 LEU A HD21 1 
ATOM 1180 H HD22 . LEU A 1 73 ? 0.604   -2.146  -2.538  1.00 1.56  ? 75 LEU A HD22 1 
ATOM 1181 H HD23 . LEU A 1 73 ? 0.640   -1.558  -0.885  1.00 1.72  ? 75 LEU A HD23 1 
ATOM 1182 N N    . VAL A 1 74 ? 3.901   -1.396  -5.253  1.00 0.36  ? 76 VAL A N    1 
ATOM 1183 C CA   . VAL A 1 74 ? 4.298   -2.368  -6.317  1.00 0.37  ? 76 VAL A CA   1 
ATOM 1184 C C    . VAL A 1 74 ? 5.465   -3.213  -5.805  1.00 0.39  ? 76 VAL A C    1 
ATOM 1185 O O    . VAL A 1 74 ? 6.368   -3.555  -6.543  1.00 0.75  ? 76 VAL A O    1 
ATOM 1186 C CB   . VAL A 1 74 ? 4.735   -1.643  -7.601  1.00 0.45  ? 76 VAL A CB   1 
ATOM 1187 C CG1  . VAL A 1 74 ? 3.555   -1.568  -8.568  1.00 0.82  ? 76 VAL A CG1  1 
ATOM 1188 C CG2  . VAL A 1 74 ? 5.226   -0.226  -7.285  1.00 0.72  ? 76 VAL A CG2  1 
ATOM 1189 H H    . VAL A 1 74 ? 4.235   -1.514  -4.341  1.00 0.46  ? 76 VAL A H    1 
ATOM 1190 H HA   . VAL A 1 74 ? 3.461   -3.014  -6.538  1.00 0.45  ? 76 VAL A HA   1 
ATOM 1191 H HB   . VAL A 1 74 ? 5.535   -2.203  -8.065  1.00 0.42  ? 76 VAL A HB   1 
ATOM 1192 H HG11 . VAL A 1 74 ? 2.677   -1.984  -8.096  1.00 1.19  ? 76 VAL A HG11 1 
ATOM 1193 H HG12 . VAL A 1 74 ? 3.369   -0.536  -8.828  1.00 1.53  ? 76 VAL A HG12 1 
ATOM 1194 H HG13 . VAL A 1 74 ? 3.785   -2.129  -9.460  1.00 1.38  ? 76 VAL A HG13 1 
ATOM 1195 H HG21 . VAL A 1 74 ? 5.334   -0.108  -6.219  1.00 1.21  ? 76 VAL A HG21 1 
ATOM 1196 H HG22 . VAL A 1 74 ? 6.181   -0.060  -7.763  1.00 1.26  ? 76 VAL A HG22 1 
ATOM 1197 H HG23 . VAL A 1 74 ? 4.511   0.493   -7.655  1.00 1.35  ? 76 VAL A HG23 1 
ATOM 1198 N N    . GLU A 1 75 ? 5.454   -3.553  -4.545  1.00 0.39  ? 77 GLU A N    1 
ATOM 1199 C CA   . GLU A 1 75 ? 6.564   -4.373  -3.985  1.00 0.41  ? 77 GLU A CA   1 
ATOM 1200 C C    . GLU A 1 75 ? 5.984   -5.474  -3.095  1.00 0.56  ? 77 GLU A C    1 
ATOM 1201 O O    . GLU A 1 75 ? 5.663   -5.251  -1.945  1.00 0.44  ? 77 GLU A O    1 
ATOM 1202 C CB   . GLU A 1 75 ? 7.491   -3.481  -3.158  1.00 0.53  ? 77 GLU A CB   1 
ATOM 1203 C CG   . GLU A 1 75 ? 8.905   -3.530  -3.741  1.00 0.90  ? 77 GLU A CG   1 
ATOM 1204 C CD   . GLU A 1 75 ? 9.779   -2.482  -3.050  1.00 1.34  ? 77 GLU A CD   1 
ATOM 1205 O OE1  . GLU A 1 75 ? 9.273   -1.800  -2.175  1.00 2.02  ? 77 GLU A OE1  1 
ATOM 1206 O OE2  . GLU A 1 75 ? 10.941  -2.380  -3.408  1.00 1.97  ? 77 GLU A OE2  1 
ATOM 1207 H H    . GLU A 1 75 ? 4.718   -3.266  -3.966  1.00 0.65  ? 77 GLU A H    1 
ATOM 1208 H HA   . GLU A 1 75 ? 7.123   -4.821  -4.794  1.00 0.39  ? 77 GLU A HA   1 
ATOM 1209 H HB2  . GLU A 1 75 ? 7.127   -2.464  -3.180  1.00 0.71  ? 77 GLU A HB2  1 
ATOM 1210 H HB3  . GLU A 1 75 ? 7.513   -3.833  -2.137  1.00 0.65  ? 77 GLU A HB3  1 
ATOM 1211 H HG2  . GLU A 1 75 ? 9.326   -4.513  -3.583  1.00 1.34  ? 77 GLU A HG2  1 
ATOM 1212 H HG3  . GLU A 1 75 ? 8.865   -3.321  -4.799  1.00 1.62  ? 77 GLU A HG3  1 
ATOM 1213 N N    . LYS A 1 76 ? 5.850   -6.660  -3.620  1.00 1.03  ? 78 LYS A N    1 
ATOM 1214 C CA   . LYS A 1 76 ? 5.294   -7.778  -2.808  1.00 1.30  ? 78 LYS A CA   1 
ATOM 1215 C C    . LYS A 1 76 ? 5.939   -9.092  -3.253  1.00 1.79  ? 78 LYS A C    1 
ATOM 1216 O O    . LYS A 1 76 ? 6.944   -9.100  -3.934  1.00 2.21  ? 78 LYS A O    1 
ATOM 1217 C CB   . LYS A 1 76 ? 3.780   -7.854  -3.014  1.00 1.58  ? 78 LYS A CB   1 
ATOM 1218 C CG   . LYS A 1 76 ? 3.474   -7.996  -4.506  1.00 2.20  ? 78 LYS A CG   1 
ATOM 1219 C CD   . LYS A 1 76 ? 2.993   -9.419  -4.796  1.00 2.74  ? 78 LYS A CD   1 
ATOM 1220 C CE   . LYS A 1 76 ? 2.088   -9.410  -6.030  1.00 3.21  ? 78 LYS A CE   1 
ATOM 1221 N NZ   . LYS A 1 76 ? 0.685   -9.702  -5.618  1.00 3.98  ? 78 LYS A NZ   1 
ATOM 1222 H H    . LYS A 1 76 ? 6.117   -6.817  -4.550  1.00 1.26  ? 78 LYS A H    1 
ATOM 1223 H HA   . LYS A 1 76 ? 5.508   -7.606  -1.763  1.00 1.15  ? 78 LYS A HA   1 
ATOM 1224 H HB2  . LYS A 1 76 ? 3.388   -8.708  -2.482  1.00 2.07  ? 78 LYS A HB2  1 
ATOM 1225 H HB3  . LYS A 1 76 ? 3.320   -6.953  -2.639  1.00 1.83  ? 78 LYS A HB3  1 
ATOM 1226 H HG2  . LYS A 1 76 ? 2.704   -7.291  -4.785  1.00 2.51  ? 78 LYS A HG2  1 
ATOM 1227 H HG3  . LYS A 1 76 ? 4.368   -7.798  -5.078  1.00 2.70  ? 78 LYS A HG3  1 
ATOM 1228 H HD2  . LYS A 1 76 ? 3.846   -10.056 -4.978  1.00 2.98  ? 78 LYS A HD2  1 
ATOM 1229 H HD3  . LYS A 1 76 ? 2.439   -9.791  -3.948  1.00 3.16  ? 78 LYS A HD3  1 
ATOM 1230 H HE2  . LYS A 1 76 ? 2.130   -8.440  -6.501  1.00 3.22  ? 78 LYS A HE2  1 
ATOM 1231 H HE3  . LYS A 1 76 ? 2.423   -10.165 -6.727  1.00 3.60  ? 78 LYS A HE3  1 
ATOM 1232 H HZ1  . LYS A 1 76 ? 0.421   -9.084  -4.826  1.00 4.25  ? 78 LYS A HZ1  1 
ATOM 1233 H HZ2  . LYS A 1 76 ? 0.046   -9.529  -6.419  1.00 4.53  ? 78 LYS A HZ2  1 
ATOM 1234 H HZ3  . LYS A 1 76 ? 0.611   -10.698 -5.323  1.00 4.13  ? 78 LYS A HZ3  1 
ATOM 1235 N N    . SER A 1 77 ? 5.369   -10.203 -2.875  1.00 2.26  ? 79 SER A N    1 
ATOM 1236 C CA   . SER A 1 77 ? 5.953   -11.514 -3.279  1.00 2.79  ? 79 SER A CA   1 
ATOM 1237 C C    . SER A 1 77 ? 7.258   -11.747 -2.515  1.00 3.32  ? 79 SER A C    1 
ATOM 1238 O O    . SER A 1 77 ? 8.041   -12.572 -2.956  1.00 3.64  ? 79 SER A O    1 
ATOM 1239 C CB   . SER A 1 77 ? 6.238   -11.508 -4.781  1.00 3.43  ? 79 SER A CB   1 
ATOM 1240 O OG   . SER A 1 77 ? 6.312   -12.848 -5.250  1.00 3.99  ? 79 SER A OG   1 
ATOM 1241 O OXT  . SER A 1 77 ? 7.452   -11.095 -1.502  1.00 3.91  ? 79 SER A OXT  1 
ATOM 1242 H H    . SER A 1 77 ? 4.558   -10.177 -2.327  1.00 2.54  ? 79 SER A H    1 
ATOM 1243 H HA   . SER A 1 77 ? 5.255   -12.305 -3.049  1.00 2.97  ? 79 SER A HA   1 
ATOM 1244 H HB2  . SER A 1 77 ? 5.446   -10.994 -5.299  1.00 3.62  ? 79 SER A HB2  1 
ATOM 1245 H HB3  . SER A 1 77 ? 7.176   -11.000 -4.967  1.00 3.86  ? 79 SER A HB3  1 
ATOM 1246 H HG   . SER A 1 77 ? 7.228   -13.130 -5.201  1.00 4.36  ? 79 SER A HG   1 
# 
